data_2I0N
#
_entry.id   2I0N
#
_entity_poly.entity_id   1
_entity_poly.type   'polypeptide(L)'
_entity_poly.pdbx_seq_one_letter_code
;MGPLGSPEFAKYARALKDYNVSDTSLLPFKRNDIITITFKDQENKWFMGQLNGKEGSFPVDHVEILLSDVPPPQPVHPVA
;
_entity_poly.pdbx_strand_id   A
#
# COMPACT_ATOMS: atom_id res chain seq x y z
N MET A 1 -33.67 0.40 10.51
CA MET A 1 -32.43 0.49 9.68
C MET A 1 -32.79 0.60 8.19
N GLY A 2 -32.41 1.67 7.55
CA GLY A 2 -32.72 1.83 6.11
C GLY A 2 -31.47 1.55 5.27
N PRO A 3 -30.67 2.57 5.09
CA PRO A 3 -29.42 2.42 4.31
C PRO A 3 -28.39 1.62 5.09
N LEU A 4 -27.51 0.93 4.40
CA LEU A 4 -26.47 0.13 5.10
C LEU A 4 -25.35 1.05 5.61
N GLY A 5 -25.35 1.34 6.89
CA GLY A 5 -24.29 2.22 7.45
C GLY A 5 -23.28 1.38 8.22
N SER A 6 -22.16 1.06 7.62
CA SER A 6 -21.14 0.24 8.33
C SER A 6 -19.73 0.77 8.02
N PRO A 7 -18.84 0.56 8.95
CA PRO A 7 -17.44 1.02 8.79
C PRO A 7 -16.70 0.14 7.80
N GLU A 8 -17.04 0.22 6.53
CA GLU A 8 -16.35 -0.63 5.51
C GLU A 8 -15.39 0.23 4.68
N PHE A 9 -14.17 0.38 5.11
CA PHE A 9 -13.19 1.21 4.34
C PHE A 9 -11.76 0.80 4.68
N ALA A 10 -10.80 1.62 4.35
CA ALA A 10 -9.38 1.28 4.66
C ALA A 10 -8.59 2.56 4.96
N LYS A 11 -7.30 2.45 5.10
CA LYS A 11 -6.47 3.66 5.40
C LYS A 11 -5.00 3.37 5.11
N TYR A 12 -4.51 2.24 5.52
CA TYR A 12 -3.08 1.90 5.27
C TYR A 12 -2.95 0.50 4.66
N ALA A 13 -1.78 0.13 4.21
CA ALA A 13 -1.60 -1.22 3.62
C ALA A 13 -0.14 -1.68 3.77
N ARG A 14 0.10 -2.96 3.68
CA ARG A 14 1.49 -3.48 3.83
C ARG A 14 1.80 -4.48 2.70
N ALA A 15 2.67 -4.13 1.80
CA ALA A 15 3.01 -5.06 0.69
C ALA A 15 3.41 -6.44 1.25
N LEU A 16 2.76 -7.48 0.78
CA LEU A 16 3.06 -8.85 1.28
C LEU A 16 4.30 -9.43 0.57
N LYS A 17 4.74 -8.80 -0.49
CA LYS A 17 5.94 -9.33 -1.22
C LYS A 17 6.50 -8.25 -2.14
N ASP A 18 7.55 -8.55 -2.87
CA ASP A 18 8.15 -7.53 -3.78
C ASP A 18 7.26 -7.33 -5.01
N TYR A 19 7.14 -6.11 -5.46
CA TYR A 19 6.30 -5.83 -6.66
C TYR A 19 7.12 -5.04 -7.69
N ASN A 20 6.94 -5.33 -8.96
CA ASN A 20 7.69 -4.59 -10.02
C ASN A 20 6.72 -3.95 -11.02
N VAL A 21 7.09 -2.82 -11.57
CA VAL A 21 6.21 -2.13 -12.55
C VAL A 21 7.07 -1.50 -13.66
N SER A 22 6.53 -1.38 -14.85
CA SER A 22 7.32 -0.77 -15.96
C SER A 22 6.48 0.26 -16.73
N ASP A 23 6.37 1.46 -16.22
CA ASP A 23 5.58 2.51 -16.93
C ASP A 23 5.77 3.88 -16.25
N THR A 24 6.84 4.06 -15.51
CA THR A 24 7.09 5.37 -14.83
C THR A 24 5.80 5.93 -14.22
N SER A 25 4.89 5.10 -13.81
CA SER A 25 3.62 5.61 -13.21
C SER A 25 3.10 4.69 -12.11
N LEU A 26 3.87 3.68 -11.73
CA LEU A 26 3.41 2.76 -10.66
C LEU A 26 4.22 2.96 -9.38
N LEU A 27 4.08 2.05 -8.45
CA LEU A 27 4.84 2.18 -7.17
C LEU A 27 5.46 0.83 -6.79
N PRO A 28 6.66 0.60 -7.27
CA PRO A 28 7.37 -0.67 -6.98
C PRO A 28 7.86 -0.68 -5.54
N PHE A 29 7.97 -1.84 -4.95
CA PHE A 29 8.46 -1.91 -3.54
C PHE A 29 8.92 -3.33 -3.20
N LYS A 30 9.27 -3.57 -1.96
CA LYS A 30 9.73 -4.93 -1.57
C LYS A 30 8.80 -5.54 -0.53
N ARG A 31 8.93 -6.82 -0.29
CA ARG A 31 8.06 -7.51 0.71
C ARG A 31 8.00 -6.72 2.03
N ASN A 32 7.17 -7.17 2.94
CA ASN A 32 7.03 -6.48 4.27
C ASN A 32 7.22 -4.97 4.16
N ASP A 33 6.46 -4.32 3.31
CA ASP A 33 6.61 -2.84 3.17
C ASP A 33 5.28 -2.14 3.47
N ILE A 34 5.30 -1.11 4.26
CA ILE A 34 4.03 -0.40 4.60
C ILE A 34 3.66 0.58 3.49
N ILE A 35 2.69 0.25 2.69
CA ILE A 35 2.28 1.15 1.58
C ILE A 35 1.26 2.17 2.10
N THR A 36 1.70 3.39 2.29
CA THR A 36 0.77 4.44 2.80
C THR A 36 -0.36 4.67 1.80
N ILE A 37 -1.45 3.96 1.93
CA ILE A 37 -2.59 4.15 0.99
C ILE A 37 -2.98 5.63 0.93
N THR A 38 -2.71 6.26 -0.18
CA THR A 38 -3.04 7.72 -0.30
C THR A 38 -4.39 7.90 -1.02
N PHE A 39 -4.76 6.96 -1.84
CA PHE A 39 -6.06 7.08 -2.56
C PHE A 39 -6.51 5.71 -3.11
N LYS A 40 -7.57 5.16 -2.58
CA LYS A 40 -8.04 3.84 -3.07
C LYS A 40 -8.52 3.96 -4.52
N ASP A 41 -8.39 2.91 -5.29
CA ASP A 41 -8.83 2.96 -6.71
C ASP A 41 -10.07 2.07 -6.91
N GLN A 42 -9.86 0.78 -6.98
CA GLN A 42 -11.01 -0.15 -7.17
C GLN A 42 -11.27 -0.93 -5.87
N GLU A 43 -10.53 -0.64 -4.83
CA GLU A 43 -10.73 -1.38 -3.53
C GLU A 43 -10.71 -2.88 -3.77
N ASN A 44 -10.00 -3.32 -4.79
CA ASN A 44 -9.93 -4.79 -5.08
C ASN A 44 -8.90 -5.09 -6.16
N LYS A 45 -8.74 -4.19 -7.11
CA LYS A 45 -7.75 -4.44 -8.20
C LYS A 45 -6.49 -3.59 -8.00
N TRP A 46 -6.55 -2.32 -8.31
CA TRP A 46 -5.35 -1.45 -8.15
C TRP A 46 -5.48 -0.57 -6.89
N PHE A 47 -4.39 -0.07 -6.41
CA PHE A 47 -4.42 0.81 -5.21
C PHE A 47 -3.39 1.94 -5.34
N MET A 48 -3.78 3.15 -5.08
CA MET A 48 -2.83 4.29 -5.18
C MET A 48 -2.16 4.51 -3.82
N GLY A 49 -0.91 4.15 -3.69
CA GLY A 49 -0.21 4.34 -2.39
C GLY A 49 1.11 5.07 -2.59
N GLN A 50 1.84 5.28 -1.54
CA GLN A 50 3.14 5.99 -1.65
C GLN A 50 3.99 5.69 -0.41
N LEU A 51 5.30 5.65 -0.55
CA LEU A 51 6.17 5.36 0.62
C LEU A 51 7.50 6.15 0.51
N ASN A 52 8.61 5.50 0.78
CA ASN A 52 9.92 6.23 0.69
C ASN A 52 10.10 6.91 -0.67
N GLY A 53 9.73 8.15 -0.77
CA GLY A 53 9.89 8.90 -2.06
C GLY A 53 9.31 8.09 -3.23
N LYS A 54 8.20 7.44 -3.03
CA LYS A 54 7.59 6.64 -4.13
C LYS A 54 6.06 6.76 -4.09
N GLU A 55 5.45 7.00 -5.21
CA GLU A 55 3.97 7.12 -5.25
C GLU A 55 3.45 6.59 -6.58
N GLY A 56 2.55 5.63 -6.55
CA GLY A 56 2.02 5.07 -7.83
C GLY A 56 0.88 4.09 -7.55
N SER A 57 0.97 2.90 -8.10
CA SER A 57 -0.13 1.90 -7.88
C SER A 57 0.41 0.49 -7.65
N PHE A 58 -0.45 -0.42 -7.29
CA PHE A 58 -0.03 -1.84 -7.05
C PHE A 58 -1.27 -2.72 -6.88
N PRO A 59 -1.22 -3.90 -7.48
CA PRO A 59 -2.37 -4.85 -7.41
C PRO A 59 -2.60 -5.41 -6.00
N VAL A 60 -3.83 -5.74 -5.70
CA VAL A 60 -4.17 -6.32 -4.36
C VAL A 60 -3.54 -7.71 -4.20
N ASP A 61 -2.99 -8.25 -5.25
CA ASP A 61 -2.38 -9.61 -5.17
C ASP A 61 -1.20 -9.63 -4.20
N HIS A 62 -0.72 -8.48 -3.78
CA HIS A 62 0.45 -8.49 -2.83
C HIS A 62 0.44 -7.28 -1.89
N VAL A 63 -0.69 -6.98 -1.30
CA VAL A 63 -0.75 -5.84 -0.35
C VAL A 63 -1.92 -6.03 0.63
N GLU A 64 -1.65 -5.99 1.91
CA GLU A 64 -2.75 -6.15 2.90
C GLU A 64 -3.28 -4.78 3.29
N ILE A 65 -4.37 -4.73 3.98
CA ILE A 65 -4.93 -3.40 4.38
C ILE A 65 -4.98 -3.26 5.90
N LEU A 66 -4.41 -2.20 6.42
CA LEU A 66 -4.42 -2.00 7.89
C LEU A 66 -5.49 -0.97 8.27
N LEU A 67 -6.59 -1.42 8.82
CA LEU A 67 -7.67 -0.47 9.20
C LEU A 67 -7.31 0.26 10.50
N SER A 68 -6.60 -0.40 11.37
CA SER A 68 -6.20 0.23 12.67
C SER A 68 -5.26 1.40 12.40
N ASP A 69 -4.69 1.48 11.23
CA ASP A 69 -3.74 2.59 10.91
C ASP A 69 -2.58 2.63 11.92
N VAL A 70 -2.06 1.47 12.27
CA VAL A 70 -0.93 1.44 13.23
C VAL A 70 0.40 1.22 12.48
N PRO A 71 1.39 2.02 12.81
CA PRO A 71 2.71 1.89 12.15
C PRO A 71 3.48 0.66 12.68
N PRO A 72 3.65 -0.32 11.83
CA PRO A 72 4.37 -1.55 12.24
C PRO A 72 5.88 -1.35 12.07
N PRO A 73 6.64 -2.29 12.56
CA PRO A 73 8.12 -2.21 12.46
C PRO A 73 8.56 -2.48 11.02
N GLN A 74 9.14 -1.51 10.37
CA GLN A 74 9.59 -1.71 8.97
C GLN A 74 11.07 -1.34 8.83
N PRO A 75 11.77 -2.07 7.98
CA PRO A 75 13.22 -1.80 7.76
C PRO A 75 13.41 -0.55 6.90
N VAL A 76 14.59 0.02 6.92
CA VAL A 76 14.84 1.24 6.10
C VAL A 76 16.27 1.19 5.54
N HIS A 77 16.41 0.98 4.26
CA HIS A 77 17.77 0.94 3.65
C HIS A 77 17.72 1.43 2.20
N PRO A 78 18.20 2.62 1.98
CA PRO A 78 18.20 3.20 0.62
C PRO A 78 19.25 2.50 -0.26
N VAL A 79 18.82 1.68 -1.18
CA VAL A 79 19.78 0.97 -2.06
C VAL A 79 20.61 1.97 -2.86
N ALA A 80 21.85 1.65 -3.13
CA ALA A 80 22.72 2.59 -3.90
C ALA A 80 23.43 1.84 -5.04
N MET A 1 -15.76 -10.56 5.34
CA MET A 1 -14.89 -11.50 6.12
C MET A 1 -15.04 -11.24 7.62
N GLY A 2 -14.73 -12.22 8.43
CA GLY A 2 -14.86 -12.04 9.90
C GLY A 2 -16.34 -12.03 10.30
N PRO A 3 -16.62 -12.55 11.47
CA PRO A 3 -18.01 -12.59 11.96
C PRO A 3 -18.48 -11.21 12.40
N LEU A 4 -18.87 -10.38 11.46
CA LEU A 4 -19.34 -9.00 11.81
C LEU A 4 -18.28 -8.28 12.65
N GLY A 5 -17.44 -7.50 12.03
CA GLY A 5 -16.39 -6.77 12.79
C GLY A 5 -16.28 -5.34 12.29
N SER A 6 -16.00 -5.16 11.02
CA SER A 6 -15.89 -3.79 10.46
C SER A 6 -16.24 -3.79 8.97
N PRO A 7 -16.52 -2.62 8.44
CA PRO A 7 -16.87 -2.50 7.01
C PRO A 7 -15.63 -2.71 6.13
N GLU A 8 -15.70 -2.33 4.88
CA GLU A 8 -14.54 -2.52 3.97
C GLU A 8 -13.62 -1.29 4.01
N PHE A 9 -13.29 -0.82 5.19
CA PHE A 9 -12.40 0.38 5.29
C PHE A 9 -10.94 -0.05 5.18
N ALA A 10 -10.03 0.89 5.26
CA ALA A 10 -8.58 0.54 5.15
C ALA A 10 -7.71 1.75 5.49
N LYS A 11 -6.87 1.63 6.48
CA LYS A 11 -6.00 2.77 6.87
C LYS A 11 -4.73 2.77 6.01
N TYR A 12 -4.07 1.65 5.89
CA TYR A 12 -2.84 1.58 5.05
C TYR A 12 -2.73 0.21 4.41
N ALA A 13 -1.62 -0.07 3.76
CA ALA A 13 -1.46 -1.41 3.11
C ALA A 13 0.01 -1.86 3.17
N ARG A 14 0.27 -2.95 3.83
CA ARG A 14 1.67 -3.45 3.93
C ARG A 14 1.92 -4.52 2.85
N ALA A 15 2.68 -4.21 1.84
CA ALA A 15 2.97 -5.20 0.76
C ALA A 15 3.49 -6.50 1.39
N LEU A 16 2.82 -7.60 1.16
CA LEU A 16 3.28 -8.89 1.74
C LEU A 16 4.32 -9.57 0.85
N LYS A 17 4.91 -8.85 -0.07
CA LYS A 17 5.96 -9.46 -0.95
C LYS A 17 6.61 -8.39 -1.83
N ASP A 18 7.25 -8.78 -2.90
CA ASP A 18 7.91 -7.77 -3.78
C ASP A 18 7.10 -7.55 -5.06
N TYR A 19 7.03 -6.32 -5.52
CA TYR A 19 6.26 -6.03 -6.76
C TYR A 19 7.11 -5.22 -7.74
N ASN A 20 6.97 -5.46 -9.01
CA ASN A 20 7.75 -4.70 -10.03
C ASN A 20 6.79 -4.00 -11.00
N VAL A 21 7.24 -2.95 -11.65
CA VAL A 21 6.35 -2.23 -12.60
C VAL A 21 7.18 -1.63 -13.75
N SER A 22 6.53 -1.21 -14.81
CA SER A 22 7.28 -0.63 -15.95
C SER A 22 6.59 0.65 -16.45
N ASP A 23 6.83 1.75 -15.81
CA ASP A 23 6.21 3.04 -16.25
C ASP A 23 6.66 4.19 -15.34
N THR A 24 6.09 5.35 -15.51
CA THR A 24 6.49 6.51 -14.66
C THR A 24 5.37 6.86 -13.67
N SER A 25 4.47 5.94 -13.43
CA SER A 25 3.36 6.21 -12.48
C SER A 25 3.07 4.98 -11.61
N LEU A 26 3.96 4.02 -11.61
CA LEU A 26 3.75 2.79 -10.80
C LEU A 26 4.51 2.90 -9.48
N LEU A 27 4.29 1.97 -8.57
CA LEU A 27 5.01 2.03 -7.27
C LEU A 27 5.61 0.65 -6.95
N PRO A 28 6.80 0.44 -7.43
CA PRO A 28 7.49 -0.85 -7.17
C PRO A 28 7.99 -0.88 -5.73
N PHE A 29 7.81 -1.98 -5.04
CA PHE A 29 8.27 -2.05 -3.62
C PHE A 29 8.75 -3.45 -3.28
N LYS A 30 9.00 -3.71 -2.03
CA LYS A 30 9.48 -5.05 -1.61
C LYS A 30 8.61 -5.60 -0.47
N ARG A 31 8.74 -6.86 -0.18
CA ARG A 31 7.93 -7.48 0.93
C ARG A 31 7.96 -6.62 2.19
N ASN A 32 7.20 -7.00 3.18
CA ASN A 32 7.16 -6.23 4.47
C ASN A 32 7.30 -4.72 4.23
N ASP A 33 6.56 -4.17 3.31
CA ASP A 33 6.65 -2.70 3.04
C ASP A 33 5.30 -2.04 3.29
N ILE A 34 5.27 -1.04 4.12
CA ILE A 34 3.98 -0.34 4.41
C ILE A 34 3.73 0.78 3.41
N ILE A 35 2.88 0.56 2.46
CA ILE A 35 2.57 1.62 1.45
C ILE A 35 1.45 2.53 1.99
N THR A 36 1.76 3.77 2.24
CA THR A 36 0.71 4.71 2.77
C THR A 36 -0.48 4.74 1.81
N ILE A 37 -1.56 4.10 2.18
CA ILE A 37 -2.76 4.09 1.30
C ILE A 37 -3.24 5.53 1.04
N THR A 38 -2.71 6.15 0.02
CA THR A 38 -3.12 7.55 -0.29
C THR A 38 -4.48 7.56 -0.99
N PHE A 39 -4.78 6.52 -1.74
CA PHE A 39 -6.09 6.45 -2.45
C PHE A 39 -6.27 5.06 -3.07
N LYS A 40 -7.02 4.21 -2.41
CA LYS A 40 -7.23 2.83 -2.96
C LYS A 40 -8.56 2.77 -3.72
N ASP A 41 -9.05 1.58 -3.97
CA ASP A 41 -10.34 1.43 -4.70
C ASP A 41 -11.22 0.38 -4.01
N GLN A 42 -12.48 0.35 -4.34
CA GLN A 42 -13.40 -0.64 -3.71
C GLN A 42 -13.51 -1.89 -4.57
N GLU A 43 -13.18 -1.79 -5.84
CA GLU A 43 -13.27 -2.99 -6.73
C GLU A 43 -12.23 -4.04 -6.34
N ASN A 44 -11.30 -3.69 -5.47
CA ASN A 44 -10.25 -4.67 -5.05
C ASN A 44 -9.45 -5.16 -6.27
N LYS A 45 -9.05 -4.26 -7.11
CA LYS A 45 -8.26 -4.65 -8.32
C LYS A 45 -6.97 -3.83 -8.40
N TRP A 46 -7.04 -2.57 -8.09
CA TRP A 46 -5.83 -1.71 -8.16
C TRP A 46 -5.78 -0.77 -6.96
N PHE A 47 -4.60 -0.42 -6.50
CA PHE A 47 -4.49 0.50 -5.33
C PHE A 47 -3.56 1.66 -5.67
N MET A 48 -3.86 2.83 -5.18
CA MET A 48 -2.98 4.00 -5.45
C MET A 48 -2.38 4.49 -4.12
N GLY A 49 -1.14 4.20 -3.87
CA GLY A 49 -0.52 4.63 -2.59
C GLY A 49 0.88 5.18 -2.83
N GLN A 50 1.57 5.49 -1.77
CA GLN A 50 2.94 6.05 -1.89
C GLN A 50 3.73 5.78 -0.61
N LEU A 51 5.03 5.63 -0.71
CA LEU A 51 5.85 5.38 0.51
C LEU A 51 7.23 6.04 0.37
N ASN A 52 8.30 5.29 0.52
CA ASN A 52 9.67 5.88 0.39
C ASN A 52 9.77 6.74 -0.88
N GLY A 53 9.54 8.03 -0.74
CA GLY A 53 9.63 8.97 -1.90
C GLY A 53 9.11 8.31 -3.19
N LYS A 54 8.02 7.59 -3.11
CA LYS A 54 7.49 6.94 -4.35
C LYS A 54 5.96 6.85 -4.29
N GLU A 55 5.30 7.31 -5.32
CA GLU A 55 3.81 7.24 -5.35
C GLU A 55 3.36 6.63 -6.68
N GLY A 56 2.67 5.52 -6.63
CA GLY A 56 2.22 4.88 -7.90
C GLY A 56 1.05 3.92 -7.65
N SER A 57 1.07 2.78 -8.29
CA SER A 57 -0.04 1.81 -8.11
C SER A 57 0.48 0.39 -7.90
N PHE A 58 -0.41 -0.53 -7.66
CA PHE A 58 -0.01 -1.96 -7.47
C PHE A 58 -1.27 -2.83 -7.27
N PRO A 59 -1.27 -3.99 -7.90
CA PRO A 59 -2.44 -4.91 -7.84
C PRO A 59 -2.67 -5.48 -6.43
N VAL A 60 -3.91 -5.79 -6.13
CA VAL A 60 -4.25 -6.37 -4.80
C VAL A 60 -3.65 -7.78 -4.67
N ASP A 61 -3.13 -8.32 -5.73
CA ASP A 61 -2.55 -9.70 -5.68
C ASP A 61 -1.33 -9.76 -4.75
N HIS A 62 -0.81 -8.64 -4.32
CA HIS A 62 0.39 -8.71 -3.41
C HIS A 62 0.43 -7.56 -2.40
N VAL A 63 -0.70 -7.09 -1.96
CA VAL A 63 -0.68 -5.98 -0.95
C VAL A 63 -1.73 -6.26 0.13
N GLU A 64 -1.32 -6.26 1.37
CA GLU A 64 -2.30 -6.52 2.47
C GLU A 64 -2.75 -5.18 3.08
N ILE A 65 -3.93 -5.14 3.62
CA ILE A 65 -4.43 -3.86 4.21
C ILE A 65 -4.41 -3.91 5.73
N LEU A 66 -3.65 -3.06 6.35
CA LEU A 66 -3.60 -3.03 7.84
C LEU A 66 -4.42 -1.86 8.37
N LEU A 67 -5.53 -2.14 8.99
CA LEU A 67 -6.37 -1.03 9.52
C LEU A 67 -5.76 -0.48 10.82
N SER A 68 -6.00 -1.12 11.93
CA SER A 68 -5.45 -0.63 13.22
C SER A 68 -4.78 -1.77 14.00
N ASP A 69 -5.55 -2.79 14.31
CA ASP A 69 -4.98 -3.94 15.08
C ASP A 69 -3.74 -4.51 14.38
N VAL A 70 -3.55 -4.21 13.13
CA VAL A 70 -2.36 -4.74 12.41
C VAL A 70 -1.18 -3.77 12.55
N PRO A 71 -0.12 -4.25 13.14
CA PRO A 71 1.08 -3.41 13.35
C PRO A 71 1.91 -3.32 12.06
N PRO A 72 2.16 -2.12 11.62
CA PRO A 72 2.95 -1.92 10.37
C PRO A 72 4.45 -2.18 10.64
N PRO A 73 4.96 -3.24 10.05
CA PRO A 73 6.39 -3.58 10.24
C PRO A 73 7.28 -2.68 9.38
N GLN A 74 7.79 -1.62 9.95
CA GLN A 74 8.65 -0.69 9.16
C GLN A 74 10.12 -0.82 9.61
N PRO A 75 10.87 -1.59 8.87
CA PRO A 75 12.31 -1.78 9.21
C PRO A 75 13.11 -0.51 8.89
N VAL A 76 13.69 0.09 9.90
CA VAL A 76 14.48 1.34 9.65
C VAL A 76 15.68 1.40 10.62
N HIS A 77 16.88 1.25 10.11
CA HIS A 77 18.08 1.31 10.99
C HIS A 77 18.31 2.73 11.50
N PRO A 78 18.41 3.65 10.58
CA PRO A 78 18.65 5.06 10.93
C PRO A 78 17.36 5.69 11.48
N VAL A 79 17.39 6.12 12.72
CA VAL A 79 16.17 6.76 13.32
C VAL A 79 16.13 8.25 12.98
N ALA A 80 14.96 8.82 12.88
CA ALA A 80 14.85 10.27 12.54
C ALA A 80 13.42 10.75 12.78
N MET A 1 -3.49 20.42 21.29
CA MET A 1 -2.89 21.72 20.88
C MET A 1 -3.04 21.93 19.38
N GLY A 2 -2.31 22.87 18.82
CA GLY A 2 -2.42 23.12 17.36
C GLY A 2 -1.95 21.87 16.60
N PRO A 3 -2.79 21.39 15.71
CA PRO A 3 -2.44 20.18 14.91
C PRO A 3 -1.39 20.53 13.85
N LEU A 4 -0.38 19.70 13.71
CA LEU A 4 0.67 19.98 12.69
C LEU A 4 0.05 19.99 11.28
N GLY A 5 -1.00 19.24 11.08
CA GLY A 5 -1.64 19.20 9.74
C GLY A 5 -3.04 18.61 9.87
N SER A 6 -3.41 17.73 8.98
CA SER A 6 -4.77 17.11 9.04
C SER A 6 -4.65 15.58 9.08
N PRO A 7 -5.59 14.95 9.73
CA PRO A 7 -5.58 13.47 9.84
C PRO A 7 -5.98 12.84 8.49
N GLU A 8 -5.02 12.45 7.71
CA GLU A 8 -5.34 11.84 6.38
C GLU A 8 -5.90 10.43 6.59
N PHE A 9 -7.12 10.33 7.04
CA PHE A 9 -7.74 8.99 7.26
C PHE A 9 -7.56 8.11 6.02
N ALA A 10 -7.15 6.88 6.19
CA ALA A 10 -6.96 5.97 5.03
C ALA A 10 -6.37 4.65 5.49
N LYS A 11 -7.10 3.58 5.33
CA LYS A 11 -6.59 2.25 5.76
C LYS A 11 -5.31 1.93 4.97
N TYR A 12 -4.19 2.31 5.50
CA TYR A 12 -2.89 2.07 4.81
C TYR A 12 -2.76 0.60 4.39
N ALA A 13 -1.63 0.21 3.88
CA ALA A 13 -1.46 -1.20 3.45
C ALA A 13 0.02 -1.62 3.54
N ARG A 14 0.27 -2.90 3.70
CA ARG A 14 1.67 -3.39 3.80
C ARG A 14 1.93 -4.44 2.70
N ALA A 15 2.82 -4.14 1.79
CA ALA A 15 3.13 -5.11 0.69
C ALA A 15 3.48 -6.48 1.29
N LEU A 16 2.72 -7.49 0.95
CA LEU A 16 3.01 -8.86 1.48
C LEU A 16 4.08 -9.55 0.63
N LYS A 17 4.41 -8.99 -0.51
CA LYS A 17 5.45 -9.62 -1.38
C LYS A 17 6.12 -8.54 -2.24
N ASP A 18 7.12 -8.90 -3.00
CA ASP A 18 7.81 -7.88 -3.85
C ASP A 18 7.00 -7.59 -5.11
N TYR A 19 6.96 -6.35 -5.51
CA TYR A 19 6.21 -5.97 -6.73
C TYR A 19 7.12 -5.18 -7.67
N ASN A 20 6.92 -5.30 -8.97
CA ASN A 20 7.79 -4.55 -9.92
C ASN A 20 6.98 -4.03 -11.10
N VAL A 21 7.03 -2.74 -11.34
CA VAL A 21 6.28 -2.14 -12.48
C VAL A 21 6.87 -0.78 -12.84
N SER A 22 7.62 -0.70 -13.90
CA SER A 22 8.24 0.60 -14.30
C SER A 22 7.56 1.14 -15.56
N ASP A 23 6.42 1.78 -15.41
CA ASP A 23 5.71 2.35 -16.59
C ASP A 23 5.67 3.87 -16.50
N THR A 24 4.84 4.39 -15.63
CA THR A 24 4.73 5.87 -15.48
C THR A 24 4.23 6.22 -14.07
N SER A 25 3.13 5.62 -13.68
CA SER A 25 2.59 5.89 -12.31
C SER A 25 2.55 4.60 -11.50
N LEU A 26 3.60 3.83 -11.55
CA LEU A 26 3.64 2.55 -10.79
C LEU A 26 4.47 2.72 -9.51
N LEU A 27 4.17 1.95 -8.50
CA LEU A 27 4.92 2.06 -7.22
C LEU A 27 5.51 0.69 -6.84
N PRO A 28 6.70 0.43 -7.31
CA PRO A 28 7.36 -0.86 -7.02
C PRO A 28 7.86 -0.89 -5.58
N PHE A 29 7.92 -2.03 -4.97
CA PHE A 29 8.41 -2.11 -3.56
C PHE A 29 8.84 -3.55 -3.22
N LYS A 30 9.31 -3.77 -2.03
CA LYS A 30 9.75 -5.14 -1.64
C LYS A 30 8.78 -5.73 -0.60
N ARG A 31 8.87 -7.01 -0.37
CA ARG A 31 7.96 -7.66 0.63
C ARG A 31 8.00 -6.91 1.96
N ASN A 32 7.18 -7.32 2.90
CA ASN A 32 7.13 -6.67 4.24
C ASN A 32 7.40 -5.15 4.14
N ASP A 33 6.67 -4.47 3.30
CA ASP A 33 6.87 -3.00 3.16
C ASP A 33 5.54 -2.27 3.34
N ILE A 34 5.58 -1.05 3.82
CA ILE A 34 4.31 -0.29 4.02
C ILE A 34 3.91 0.42 2.72
N ILE A 35 2.66 0.78 2.59
CA ILE A 35 2.21 1.48 1.36
C ILE A 35 1.26 2.62 1.74
N THR A 36 1.73 3.83 1.71
CA THR A 36 0.86 4.99 2.07
C THR A 36 -0.31 5.10 1.09
N ILE A 37 -1.38 4.41 1.39
CA ILE A 37 -2.57 4.46 0.47
C ILE A 37 -3.05 5.91 0.33
N THR A 38 -2.90 6.47 -0.85
CA THR A 38 -3.35 7.87 -1.08
C THR A 38 -4.76 7.89 -1.66
N PHE A 39 -5.14 6.83 -2.33
CA PHE A 39 -6.52 6.79 -2.93
C PHE A 39 -6.94 5.33 -3.16
N LYS A 40 -7.81 4.81 -2.34
CA LYS A 40 -8.26 3.40 -2.51
C LYS A 40 -9.00 3.24 -3.84
N ASP A 41 -9.49 2.06 -4.12
CA ASP A 41 -10.22 1.83 -5.40
C ASP A 41 -11.60 1.22 -5.10
N GLN A 42 -12.33 0.87 -6.13
CA GLN A 42 -13.68 0.28 -5.92
C GLN A 42 -13.78 -1.08 -6.61
N GLU A 43 -12.67 -1.73 -6.83
CA GLU A 43 -12.72 -3.06 -7.51
C GLU A 43 -11.84 -4.08 -6.76
N ASN A 44 -11.27 -3.70 -5.64
CA ASN A 44 -10.42 -4.65 -4.86
C ASN A 44 -9.35 -5.27 -5.77
N LYS A 45 -8.95 -4.57 -6.79
CA LYS A 45 -7.92 -5.11 -7.72
C LYS A 45 -6.66 -4.25 -7.66
N TRP A 46 -6.77 -2.99 -8.01
CA TRP A 46 -5.59 -2.09 -7.98
C TRP A 46 -5.68 -1.14 -6.78
N PHE A 47 -4.57 -0.58 -6.37
CA PHE A 47 -4.59 0.36 -5.21
C PHE A 47 -3.62 1.52 -5.45
N MET A 48 -4.04 2.72 -5.16
CA MET A 48 -3.14 3.90 -5.35
C MET A 48 -2.42 4.22 -4.03
N GLY A 49 -1.19 3.85 -3.90
CA GLY A 49 -0.44 4.12 -2.64
C GLY A 49 0.76 5.01 -2.95
N GLN A 50 1.48 5.41 -1.93
CA GLN A 50 2.66 6.28 -2.14
C GLN A 50 3.80 5.85 -1.22
N LEU A 51 5.01 5.83 -1.72
CA LEU A 51 6.18 5.45 -0.88
C LEU A 51 7.13 6.64 -0.74
N ASN A 52 8.41 6.38 -0.59
CA ASN A 52 9.38 7.50 -0.45
C ASN A 52 9.25 8.48 -1.62
N GLY A 53 8.41 9.48 -1.47
CA GLY A 53 8.22 10.48 -2.55
C GLY A 53 7.88 9.78 -3.86
N LYS A 54 6.87 8.94 -3.86
CA LYS A 54 6.49 8.24 -5.13
C LYS A 54 5.08 7.67 -5.03
N GLU A 55 4.17 8.16 -5.83
CA GLU A 55 2.77 7.65 -5.80
C GLU A 55 2.53 6.76 -7.01
N GLY A 56 2.34 5.47 -6.80
CA GLY A 56 2.12 4.56 -7.94
C GLY A 56 0.92 3.63 -7.67
N SER A 57 0.93 2.46 -8.23
CA SER A 57 -0.19 1.51 -8.02
C SER A 57 0.33 0.09 -7.74
N PHE A 58 -0.55 -0.80 -7.37
CA PHE A 58 -0.12 -2.21 -7.09
C PHE A 58 -1.35 -3.10 -6.87
N PRO A 59 -1.30 -4.29 -7.41
CA PRO A 59 -2.45 -5.25 -7.28
C PRO A 59 -2.64 -5.73 -5.84
N VAL A 60 -3.87 -6.06 -5.50
CA VAL A 60 -4.17 -6.55 -4.13
C VAL A 60 -3.53 -7.93 -3.90
N ASP A 61 -2.99 -8.52 -4.93
CA ASP A 61 -2.38 -9.87 -4.78
C ASP A 61 -1.16 -9.83 -3.84
N HIS A 62 -0.66 -8.66 -3.52
CA HIS A 62 0.54 -8.61 -2.61
C HIS A 62 0.54 -7.36 -1.73
N VAL A 63 -0.53 -7.10 -1.03
CA VAL A 63 -0.58 -5.91 -0.13
C VAL A 63 -1.63 -6.12 0.96
N GLU A 64 -1.30 -5.80 2.18
CA GLU A 64 -2.30 -5.96 3.28
C GLU A 64 -2.93 -4.61 3.59
N ILE A 65 -3.78 -4.52 4.57
CA ILE A 65 -4.42 -3.21 4.88
C ILE A 65 -4.28 -2.87 6.37
N LEU A 66 -3.73 -1.74 6.68
CA LEU A 66 -3.58 -1.33 8.11
C LEU A 66 -4.62 -0.27 8.44
N LEU A 67 -5.68 -0.65 9.10
CA LEU A 67 -6.74 0.34 9.46
C LEU A 67 -6.36 1.10 10.73
N SER A 68 -5.42 0.60 11.48
CA SER A 68 -5.00 1.30 12.73
C SER A 68 -4.49 2.71 12.42
N ASP A 69 -4.15 2.98 11.19
CA ASP A 69 -3.65 4.33 10.82
C ASP A 69 -2.36 4.66 11.59
N VAL A 70 -1.58 3.66 11.89
CA VAL A 70 -0.30 3.91 12.65
C VAL A 70 0.88 3.29 11.88
N PRO A 71 1.98 3.99 11.88
CA PRO A 71 3.19 3.50 11.17
C PRO A 71 3.85 2.36 11.97
N PRO A 72 3.81 1.17 11.41
CA PRO A 72 4.41 0.00 12.09
C PRO A 72 5.94 0.03 11.94
N PRO A 73 6.59 -0.85 12.65
CA PRO A 73 8.08 -0.91 12.58
C PRO A 73 8.52 -1.51 11.25
N GLN A 74 8.85 -0.68 10.29
CA GLN A 74 9.29 -1.21 8.96
C GLN A 74 10.78 -0.93 8.75
N PRO A 75 11.40 -1.73 7.91
CA PRO A 75 12.84 -1.56 7.62
C PRO A 75 13.06 -0.33 6.73
N VAL A 76 13.94 0.55 7.12
CA VAL A 76 14.21 1.76 6.31
C VAL A 76 15.69 2.13 6.37
N HIS A 77 16.40 1.96 5.28
CA HIS A 77 17.86 2.29 5.26
C HIS A 77 18.62 1.40 6.25
N PRO A 78 19.71 0.83 5.78
CA PRO A 78 20.52 -0.06 6.64
C PRO A 78 21.30 0.76 7.68
N VAL A 79 20.94 0.67 8.93
CA VAL A 79 21.65 1.45 9.98
C VAL A 79 22.66 0.55 10.70
N ALA A 80 23.88 1.00 10.83
CA ALA A 80 24.91 0.18 11.52
C ALA A 80 24.81 0.36 13.04
N MET A 1 -32.30 0.70 7.02
CA MET A 1 -30.88 0.34 6.74
C MET A 1 -30.62 0.34 5.23
N GLY A 2 -29.39 0.44 4.83
CA GLY A 2 -29.06 0.45 3.38
C GLY A 2 -28.00 -0.63 3.08
N PRO A 3 -28.45 -1.73 2.52
CA PRO A 3 -27.51 -2.84 2.19
C PRO A 3 -26.65 -2.46 0.99
N LEU A 4 -27.16 -1.64 0.11
CA LEU A 4 -26.36 -1.23 -1.09
C LEU A 4 -25.34 -0.16 -0.69
N GLY A 5 -24.24 -0.57 -0.10
CA GLY A 5 -23.20 0.41 0.31
C GLY A 5 -22.01 -0.34 0.94
N SER A 6 -22.12 -0.70 2.19
CA SER A 6 -21.00 -1.43 2.87
C SER A 6 -19.73 -0.57 2.88
N PRO A 7 -18.87 -0.86 3.81
CA PRO A 7 -17.60 -0.10 3.93
C PRO A 7 -16.64 -0.49 2.80
N GLU A 8 -16.13 0.46 2.08
CA GLU A 8 -15.19 0.14 0.97
C GLU A 8 -14.05 1.18 0.92
N PHE A 9 -13.34 1.32 2.00
CA PHE A 9 -12.22 2.31 2.03
C PHE A 9 -10.96 1.67 2.64
N ALA A 10 -9.98 2.46 2.96
CA ALA A 10 -8.74 1.90 3.57
C ALA A 10 -7.85 3.04 4.09
N LYS A 11 -6.92 2.72 4.96
CA LYS A 11 -6.03 3.78 5.51
C LYS A 11 -4.57 3.47 5.15
N TYR A 12 -4.16 2.24 5.31
CA TYR A 12 -2.75 1.88 4.98
C TYR A 12 -2.67 0.40 4.61
N ALA A 13 -1.50 -0.07 4.24
CA ALA A 13 -1.37 -1.51 3.87
C ALA A 13 0.10 -1.95 3.90
N ARG A 14 0.33 -3.20 4.23
CA ARG A 14 1.73 -3.70 4.29
C ARG A 14 2.00 -4.61 3.08
N ALA A 15 3.07 -4.38 2.38
CA ALA A 15 3.38 -5.23 1.19
C ALA A 15 3.72 -6.65 1.62
N LEU A 16 3.02 -7.62 1.09
CA LEU A 16 3.29 -9.04 1.46
C LEU A 16 4.43 -9.61 0.60
N LYS A 17 4.75 -8.96 -0.48
CA LYS A 17 5.85 -9.46 -1.37
C LYS A 17 6.30 -8.34 -2.31
N ASP A 18 7.56 -8.33 -2.68
CA ASP A 18 8.06 -7.26 -3.59
C ASP A 18 7.20 -7.14 -4.84
N TYR A 19 6.97 -5.95 -5.31
CA TYR A 19 6.13 -5.76 -6.52
C TYR A 19 6.92 -5.01 -7.59
N ASN A 20 6.76 -5.40 -8.84
CA ASN A 20 7.49 -4.71 -9.95
C ASN A 20 6.50 -3.98 -10.86
N VAL A 21 6.95 -2.99 -11.58
CA VAL A 21 6.04 -2.23 -12.48
C VAL A 21 6.86 -1.51 -13.56
N SER A 22 6.30 -1.37 -14.74
CA SER A 22 7.03 -0.67 -15.84
C SER A 22 6.11 0.32 -16.55
N ASP A 23 5.94 1.49 -16.00
CA ASP A 23 5.06 2.50 -16.65
C ASP A 23 5.46 3.93 -16.24
N THR A 24 6.65 4.10 -15.71
CA THR A 24 7.10 5.45 -15.30
C THR A 24 6.04 6.15 -14.43
N SER A 25 5.21 5.40 -13.75
CA SER A 25 4.16 6.02 -12.89
C SER A 25 3.57 4.97 -11.95
N LEU A 26 4.32 3.97 -11.59
CA LEU A 26 3.80 2.92 -10.67
C LEU A 26 4.50 3.02 -9.32
N LEU A 27 4.12 2.19 -8.38
CA LEU A 27 4.78 2.25 -7.03
C LEU A 27 5.35 0.87 -6.68
N PRO A 28 6.55 0.62 -7.14
CA PRO A 28 7.22 -0.66 -6.87
C PRO A 28 7.73 -0.70 -5.43
N PHE A 29 7.75 -1.86 -4.82
CA PHE A 29 8.25 -1.94 -3.41
C PHE A 29 8.72 -3.36 -3.11
N LYS A 30 9.29 -3.57 -1.95
CA LYS A 30 9.77 -4.93 -1.59
C LYS A 30 8.86 -5.55 -0.53
N ARG A 31 8.97 -6.85 -0.33
CA ARG A 31 8.11 -7.54 0.68
C ARG A 31 8.14 -6.81 2.02
N ASN A 32 7.35 -7.25 2.96
CA ASN A 32 7.29 -6.62 4.32
C ASN A 32 7.45 -5.09 4.24
N ASP A 33 6.76 -4.46 3.34
CA ASP A 33 6.87 -2.97 3.23
C ASP A 33 5.57 -2.32 3.67
N ILE A 34 5.48 -1.02 3.59
CA ILE A 34 4.23 -0.32 4.01
C ILE A 34 3.80 0.68 2.93
N ILE A 35 2.80 0.34 2.16
CA ILE A 35 2.33 1.27 1.09
C ILE A 35 1.27 2.22 1.66
N THR A 36 1.43 3.49 1.43
CA THR A 36 0.44 4.47 1.95
C THR A 36 -0.82 4.48 1.08
N ILE A 37 -1.67 3.52 1.24
CA ILE A 37 -2.92 3.46 0.41
C ILE A 37 -3.70 4.78 0.58
N THR A 38 -3.61 5.65 -0.38
CA THR A 38 -4.34 6.94 -0.28
C THR A 38 -5.53 6.99 -1.25
N PHE A 39 -5.58 6.10 -2.21
CA PHE A 39 -6.72 6.10 -3.17
C PHE A 39 -6.68 4.87 -4.07
N LYS A 40 -7.75 4.12 -4.11
CA LYS A 40 -7.77 2.89 -4.96
C LYS A 40 -8.61 3.14 -6.21
N ASP A 41 -8.88 2.11 -6.98
CA ASP A 41 -9.70 2.29 -8.22
C ASP A 41 -10.13 0.92 -8.77
N GLN A 42 -10.77 0.92 -9.91
CA GLN A 42 -11.22 -0.36 -10.52
C GLN A 42 -12.06 -1.15 -9.51
N GLU A 43 -12.85 -0.47 -8.72
CA GLU A 43 -13.70 -1.14 -7.68
C GLU A 43 -12.81 -1.66 -6.56
N ASN A 44 -11.78 -2.39 -6.88
CA ASN A 44 -10.87 -2.92 -5.82
C ASN A 44 -9.73 -3.73 -6.45
N LYS A 45 -9.26 -3.33 -7.60
CA LYS A 45 -8.16 -4.08 -8.27
C LYS A 45 -6.85 -3.28 -8.18
N TRP A 46 -6.82 -2.12 -8.76
CA TRP A 46 -5.57 -1.31 -8.72
C TRP A 46 -5.63 -0.32 -7.55
N PHE A 47 -4.59 -0.26 -6.76
CA PHE A 47 -4.58 0.68 -5.60
C PHE A 47 -3.56 1.79 -5.82
N MET A 48 -3.98 3.02 -5.79
CA MET A 48 -3.02 4.15 -5.98
C MET A 48 -2.45 4.54 -4.62
N GLY A 49 -1.26 4.09 -4.32
CA GLY A 49 -0.66 4.42 -2.99
C GLY A 49 0.63 5.21 -3.18
N GLN A 50 1.30 5.54 -2.10
CA GLN A 50 2.56 6.32 -2.21
C GLN A 50 3.64 5.69 -1.32
N LEU A 51 4.88 6.08 -1.51
CA LEU A 51 5.98 5.51 -0.68
C LEU A 51 7.15 6.49 -0.63
N ASN A 52 8.35 5.99 -0.43
CA ASN A 52 9.53 6.90 -0.36
C ASN A 52 9.67 7.70 -1.66
N GLY A 53 9.05 8.86 -1.70
CA GLY A 53 9.14 9.71 -2.93
C GLY A 53 8.65 8.92 -4.15
N LYS A 54 7.65 8.09 -3.97
CA LYS A 54 7.13 7.30 -5.12
C LYS A 54 5.62 7.14 -5.02
N GLU A 55 4.91 7.39 -6.09
CA GLU A 55 3.43 7.25 -6.07
C GLU A 55 2.96 6.60 -7.38
N GLY A 56 2.20 5.55 -7.28
CA GLY A 56 1.71 4.88 -8.53
C GLY A 56 0.58 3.91 -8.18
N SER A 57 0.52 2.79 -8.85
CA SER A 57 -0.57 1.81 -8.60
C SER A 57 -0.01 0.42 -8.31
N PHE A 58 -0.84 -0.47 -7.84
CA PHE A 58 -0.39 -1.86 -7.54
C PHE A 58 -1.59 -2.74 -7.19
N PRO A 59 -1.50 -4.00 -7.54
CA PRO A 59 -2.62 -4.96 -7.28
C PRO A 59 -2.83 -5.22 -5.79
N VAL A 60 -4.07 -5.17 -5.36
CA VAL A 60 -4.37 -5.43 -3.91
C VAL A 60 -4.01 -6.87 -3.52
N ASP A 61 -3.65 -7.69 -4.47
CA ASP A 61 -3.32 -9.11 -4.16
C ASP A 61 -2.01 -9.22 -3.36
N HIS A 62 -1.02 -8.42 -3.68
CA HIS A 62 0.27 -8.54 -2.92
C HIS A 62 0.41 -7.43 -1.87
N VAL A 63 -0.64 -7.15 -1.15
CA VAL A 63 -0.56 -6.10 -0.09
C VAL A 63 -1.69 -6.31 0.93
N GLU A 64 -1.38 -6.22 2.20
CA GLU A 64 -2.44 -6.40 3.22
C GLU A 64 -2.99 -5.03 3.61
N ILE A 65 -4.25 -4.96 3.96
CA ILE A 65 -4.83 -3.62 4.32
C ILE A 65 -4.89 -3.44 5.84
N LEU A 66 -4.20 -2.47 6.36
CA LEU A 66 -4.25 -2.22 7.83
C LEU A 66 -5.25 -1.11 8.11
N LEU A 67 -6.18 -1.33 8.99
CA LEU A 67 -7.18 -0.29 9.29
C LEU A 67 -6.66 0.68 10.36
N SER A 68 -6.90 0.39 11.62
CA SER A 68 -6.41 1.30 12.70
C SER A 68 -5.71 0.51 13.81
N ASP A 69 -6.42 -0.40 14.42
CA ASP A 69 -5.81 -1.20 15.54
C ASP A 69 -4.51 -1.85 15.09
N VAL A 70 -4.30 -1.98 13.81
CA VAL A 70 -3.04 -2.61 13.32
C VAL A 70 -2.09 -1.54 12.78
N PRO A 71 -0.96 -1.39 13.45
CA PRO A 71 0.03 -0.38 13.02
C PRO A 71 0.90 -0.92 11.88
N PRO A 72 1.13 -0.08 10.90
CA PRO A 72 1.96 -0.49 9.73
C PRO A 72 3.45 -0.51 10.13
N PRO A 73 4.02 -1.69 10.16
CA PRO A 73 5.45 -1.83 10.52
C PRO A 73 6.34 -1.29 9.40
N GLN A 74 6.95 -0.16 9.61
CA GLN A 74 7.84 0.42 8.56
C GLN A 74 9.24 0.69 9.12
N PRO A 75 10.24 0.21 8.43
CA PRO A 75 11.64 0.40 8.88
C PRO A 75 12.07 1.86 8.66
N VAL A 76 13.12 2.28 9.33
CA VAL A 76 13.59 3.69 9.16
C VAL A 76 15.12 3.75 9.29
N HIS A 77 15.80 4.03 8.22
CA HIS A 77 17.29 4.10 8.27
C HIS A 77 17.84 4.82 7.03
N PRO A 78 17.89 6.13 7.11
CA PRO A 78 18.40 6.93 5.96
C PRO A 78 19.91 6.78 5.83
N VAL A 79 20.38 6.33 4.69
CA VAL A 79 21.84 6.16 4.48
C VAL A 79 22.25 6.67 3.10
N ALA A 80 23.52 6.88 2.89
CA ALA A 80 23.99 7.38 1.55
C ALA A 80 23.23 8.64 1.16
N MET A 1 -27.77 -7.58 3.98
CA MET A 1 -28.31 -8.78 4.67
C MET A 1 -27.17 -9.63 5.22
N GLY A 2 -26.48 -9.14 6.23
CA GLY A 2 -25.36 -9.91 6.81
C GLY A 2 -24.34 -8.95 7.43
N PRO A 3 -23.37 -8.56 6.63
CA PRO A 3 -22.32 -7.63 7.11
C PRO A 3 -22.89 -6.22 7.25
N LEU A 4 -23.65 -5.96 8.28
CA LEU A 4 -24.23 -4.60 8.46
C LEU A 4 -23.19 -3.66 9.08
N GLY A 5 -23.53 -2.41 9.24
CA GLY A 5 -22.55 -1.44 9.83
C GLY A 5 -22.24 -0.35 8.81
N SER A 6 -21.04 0.17 8.84
CA SER A 6 -20.66 1.23 7.85
C SER A 6 -19.18 1.64 8.04
N PRO A 7 -18.85 2.09 9.23
CA PRO A 7 -17.46 2.51 9.50
C PRO A 7 -16.54 1.28 9.60
N GLU A 8 -16.08 0.78 8.49
CA GLU A 8 -15.18 -0.41 8.53
C GLU A 8 -14.27 -0.43 7.29
N PHE A 9 -14.04 0.71 6.69
CA PHE A 9 -13.17 0.76 5.48
C PHE A 9 -11.72 0.42 5.84
N ALA A 10 -10.78 0.89 5.07
CA ALA A 10 -9.35 0.60 5.37
C ALA A 10 -8.56 1.91 5.47
N LYS A 11 -7.29 1.88 5.20
CA LYS A 11 -6.48 3.14 5.27
C LYS A 11 -5.07 2.90 4.72
N TYR A 12 -4.36 1.95 5.25
CA TYR A 12 -2.98 1.69 4.75
C TYR A 12 -2.82 0.23 4.32
N ALA A 13 -1.62 -0.22 4.09
CA ALA A 13 -1.42 -1.63 3.67
C ALA A 13 0.07 -2.01 3.72
N ARG A 14 0.36 -3.24 4.07
CA ARG A 14 1.77 -3.69 4.15
C ARG A 14 2.06 -4.67 3.01
N ALA A 15 2.85 -4.27 2.04
CA ALA A 15 3.17 -5.19 0.90
C ALA A 15 3.71 -6.52 1.43
N LEU A 16 2.93 -7.56 1.36
CA LEU A 16 3.40 -8.89 1.86
C LEU A 16 4.43 -9.51 0.90
N LYS A 17 4.75 -8.84 -0.19
CA LYS A 17 5.76 -9.38 -1.14
C LYS A 17 6.22 -8.28 -2.10
N ASP A 18 7.46 -8.31 -2.50
CA ASP A 18 7.98 -7.26 -3.43
C ASP A 18 7.17 -7.22 -4.74
N TYR A 19 6.95 -6.04 -5.27
CA TYR A 19 6.18 -5.92 -6.53
C TYR A 19 6.99 -5.12 -7.57
N ASN A 20 6.80 -5.41 -8.83
CA ASN A 20 7.53 -4.68 -9.90
C ASN A 20 6.53 -3.95 -10.81
N VAL A 21 7.02 -3.06 -11.63
CA VAL A 21 6.11 -2.31 -12.56
C VAL A 21 6.89 -1.77 -13.74
N SER A 22 6.22 -1.46 -14.82
CA SER A 22 6.94 -0.93 -16.03
C SER A 22 6.22 0.28 -16.60
N ASP A 23 6.51 1.46 -16.10
CA ASP A 23 5.84 2.69 -16.62
C ASP A 23 6.42 3.93 -15.92
N THR A 24 5.74 5.04 -16.01
CA THR A 24 6.26 6.29 -15.36
C THR A 24 5.28 6.77 -14.28
N SER A 25 4.51 5.87 -13.72
CA SER A 25 3.54 6.29 -12.66
C SER A 25 3.23 5.10 -11.75
N LEU A 26 4.11 4.14 -11.67
CA LEU A 26 3.88 2.96 -10.79
C LEU A 26 4.67 3.08 -9.50
N LEU A 27 4.35 2.29 -8.52
CA LEU A 27 5.08 2.36 -7.22
C LEU A 27 5.55 0.96 -6.81
N PRO A 28 6.71 0.60 -7.29
CA PRO A 28 7.27 -0.75 -6.96
C PRO A 28 7.75 -0.77 -5.51
N PHE A 29 7.63 -1.89 -4.85
CA PHE A 29 8.08 -1.98 -3.44
C PHE A 29 8.60 -3.37 -3.12
N LYS A 30 9.15 -3.56 -1.95
CA LYS A 30 9.67 -4.91 -1.58
C LYS A 30 8.80 -5.54 -0.49
N ARG A 31 8.94 -6.81 -0.27
CA ARG A 31 8.14 -7.51 0.78
C ARG A 31 8.19 -6.73 2.10
N ASN A 32 7.44 -7.18 3.09
CA ASN A 32 7.42 -6.51 4.43
C ASN A 32 7.56 -4.98 4.31
N ASP A 33 6.83 -4.39 3.40
CA ASP A 33 6.91 -2.91 3.24
C ASP A 33 5.56 -2.26 3.54
N ILE A 34 5.55 -1.08 4.09
CA ILE A 34 4.27 -0.40 4.41
C ILE A 34 3.88 0.56 3.28
N ILE A 35 2.91 0.19 2.49
CA ILE A 35 2.48 1.08 1.36
C ILE A 35 1.45 2.09 1.87
N THR A 36 1.51 3.30 1.40
CA THR A 36 0.53 4.33 1.86
C THR A 36 -0.70 4.35 0.95
N ILE A 37 -1.60 3.42 1.14
CA ILE A 37 -2.83 3.40 0.28
C ILE A 37 -3.60 4.71 0.44
N THR A 38 -3.57 5.57 -0.55
CA THR A 38 -4.30 6.86 -0.45
C THR A 38 -5.48 6.90 -1.42
N PHE A 39 -5.49 6.03 -2.40
CA PHE A 39 -6.63 6.02 -3.38
C PHE A 39 -6.69 4.70 -4.13
N LYS A 40 -7.70 3.92 -3.87
CA LYS A 40 -7.84 2.60 -4.57
C LYS A 40 -8.53 2.80 -5.93
N ASP A 41 -9.17 1.78 -6.44
CA ASP A 41 -9.86 1.92 -7.75
C ASP A 41 -11.32 1.47 -7.61
N GLN A 42 -12.19 1.95 -8.47
CA GLN A 42 -13.62 1.56 -8.39
C GLN A 42 -13.76 0.04 -8.54
N GLU A 43 -12.79 -0.60 -9.16
CA GLU A 43 -12.87 -2.08 -9.34
C GLU A 43 -12.07 -2.79 -8.24
N ASN A 44 -11.61 -2.06 -7.25
CA ASN A 44 -10.83 -2.70 -6.14
C ASN A 44 -9.67 -3.53 -6.72
N LYS A 45 -9.14 -3.13 -7.85
CA LYS A 45 -8.02 -3.89 -8.46
C LYS A 45 -6.71 -3.11 -8.34
N TRP A 46 -6.70 -1.88 -8.80
CA TRP A 46 -5.46 -1.07 -8.71
C TRP A 46 -5.47 -0.22 -7.43
N PHE A 47 -4.38 -0.21 -6.70
CA PHE A 47 -4.34 0.59 -5.45
C PHE A 47 -3.28 1.69 -5.57
N MET A 48 -3.69 2.93 -5.54
CA MET A 48 -2.70 4.04 -5.62
C MET A 48 -2.10 4.27 -4.24
N GLY A 49 -0.83 3.99 -4.07
CA GLY A 49 -0.20 4.18 -2.74
C GLY A 49 1.14 4.89 -2.90
N GLN A 50 1.49 5.72 -1.96
CA GLN A 50 2.78 6.46 -2.06
C GLN A 50 3.80 5.84 -1.11
N LEU A 51 5.05 6.02 -1.38
CA LEU A 51 6.10 5.44 -0.50
C LEU A 51 7.18 6.45 -0.17
N ASN A 52 8.28 5.97 0.32
CA ASN A 52 9.42 6.87 0.67
C ASN A 52 9.89 7.62 -0.57
N GLY A 53 9.32 8.77 -0.81
CA GLY A 53 9.72 9.57 -2.01
C GLY A 53 9.28 8.83 -3.28
N LYS A 54 8.09 8.30 -3.29
CA LYS A 54 7.60 7.58 -4.50
C LYS A 54 6.08 7.55 -4.54
N GLU A 55 5.51 7.35 -5.70
CA GLU A 55 4.02 7.32 -5.81
C GLU A 55 3.62 6.54 -7.07
N GLY A 56 2.56 5.76 -7.00
CA GLY A 56 2.14 5.00 -8.20
C GLY A 56 0.96 4.09 -7.89
N SER A 57 0.95 2.90 -8.45
CA SER A 57 -0.19 1.97 -8.22
C SER A 57 0.31 0.54 -8.05
N PHE A 58 -0.58 -0.37 -7.72
CA PHE A 58 -0.20 -1.79 -7.55
C PHE A 58 -1.46 -2.63 -7.25
N PRO A 59 -1.48 -3.84 -7.74
CA PRO A 59 -2.67 -4.73 -7.55
C PRO A 59 -2.86 -5.15 -6.09
N VAL A 60 -4.10 -5.12 -5.64
CA VAL A 60 -4.41 -5.50 -4.22
C VAL A 60 -4.03 -6.97 -3.94
N ASP A 61 -3.66 -7.73 -4.94
CA ASP A 61 -3.32 -9.16 -4.70
C ASP A 61 -2.03 -9.31 -3.86
N HIS A 62 -1.06 -8.46 -4.07
CA HIS A 62 0.21 -8.61 -3.29
C HIS A 62 0.38 -7.48 -2.25
N VAL A 63 -0.62 -7.25 -1.46
CA VAL A 63 -0.52 -6.19 -0.40
C VAL A 63 -1.50 -6.49 0.73
N GLU A 64 -1.08 -6.32 1.95
CA GLU A 64 -2.01 -6.57 3.09
C GLU A 64 -2.66 -5.25 3.49
N ILE A 65 -3.76 -5.30 4.19
CA ILE A 65 -4.44 -4.02 4.56
C ILE A 65 -4.35 -3.77 6.07
N LEU A 66 -3.88 -2.61 6.45
CA LEU A 66 -3.78 -2.27 7.90
C LEU A 66 -4.91 -1.30 8.27
N LEU A 67 -5.70 -1.64 9.25
CA LEU A 67 -6.83 -0.74 9.64
C LEU A 67 -6.31 0.65 10.03
N SER A 68 -5.77 0.79 11.20
CA SER A 68 -5.27 2.13 11.63
C SER A 68 -4.12 2.59 10.73
N ASP A 69 -3.06 1.84 10.66
CA ASP A 69 -1.91 2.24 9.79
C ASP A 69 -0.79 1.19 9.88
N VAL A 70 0.06 1.29 10.88
CA VAL A 70 1.16 0.29 11.03
C VAL A 70 1.91 0.54 12.35
N PRO A 71 1.85 -0.41 13.25
CA PRO A 71 2.55 -0.26 14.54
C PRO A 71 4.09 -0.32 14.43
N PRO A 72 4.61 -1.03 13.47
CA PRO A 72 6.09 -1.12 13.31
C PRO A 72 6.63 0.16 12.65
N PRO A 73 7.82 0.53 13.02
CA PRO A 73 8.45 1.74 12.44
C PRO A 73 8.92 1.46 11.00
N GLN A 74 8.83 2.42 10.13
CA GLN A 74 9.26 2.20 8.73
C GLN A 74 10.74 1.78 8.69
N PRO A 75 11.09 1.02 7.67
CA PRO A 75 12.49 0.54 7.53
C PRO A 75 13.41 1.70 7.11
N VAL A 76 14.57 1.79 7.69
CA VAL A 76 15.51 2.89 7.33
C VAL A 76 16.95 2.38 7.36
N HIS A 77 17.57 2.25 6.21
CA HIS A 77 18.99 1.77 6.16
C HIS A 77 19.11 0.44 6.94
N PRO A 78 18.55 -0.60 6.37
CA PRO A 78 18.60 -1.93 7.02
C PRO A 78 20.01 -2.53 6.91
N VAL A 79 20.60 -2.87 8.02
CA VAL A 79 21.98 -3.46 7.99
C VAL A 79 22.07 -4.64 8.95
N ALA A 80 22.96 -5.55 8.70
CA ALA A 80 23.10 -6.74 9.59
C ALA A 80 24.40 -7.49 9.28
N MET A 1 -2.81 17.95 0.15
CA MET A 1 -3.28 17.97 1.57
C MET A 1 -3.64 19.41 1.98
N GLY A 2 -4.90 19.74 1.94
CA GLY A 2 -5.31 21.12 2.33
C GLY A 2 -6.67 21.06 3.06
N PRO A 3 -7.20 22.23 3.35
CA PRO A 3 -8.51 22.29 4.05
C PRO A 3 -9.64 21.91 3.11
N LEU A 4 -9.72 20.67 2.74
CA LEU A 4 -10.80 20.22 1.81
C LEU A 4 -11.77 19.29 2.54
N GLY A 5 -11.28 18.20 3.08
CA GLY A 5 -12.16 17.25 3.81
C GLY A 5 -11.74 15.82 3.51
N SER A 6 -10.54 15.46 3.87
CA SER A 6 -10.05 14.08 3.61
C SER A 6 -10.79 13.08 4.51
N PRO A 7 -10.92 11.87 4.03
CA PRO A 7 -11.61 10.82 4.81
C PRO A 7 -10.76 10.35 5.98
N GLU A 8 -11.37 9.87 7.04
CA GLU A 8 -10.59 9.41 8.21
C GLU A 8 -10.34 7.90 8.11
N PHE A 9 -11.23 7.18 7.48
CA PHE A 9 -11.04 5.70 7.34
C PHE A 9 -10.39 5.39 5.99
N ALA A 10 -9.12 5.08 5.99
CA ALA A 10 -8.44 4.77 4.70
C ALA A 10 -7.89 3.34 4.72
N LYS A 11 -7.57 2.83 5.89
CA LYS A 11 -7.01 1.44 5.97
C LYS A 11 -5.80 1.32 5.04
N TYR A 12 -4.63 1.66 5.54
CA TYR A 12 -3.41 1.57 4.68
C TYR A 12 -3.19 0.14 4.21
N ALA A 13 -2.01 -0.17 3.76
CA ALA A 13 -1.73 -1.55 3.28
C ALA A 13 -0.23 -1.84 3.30
N ARG A 14 0.16 -3.04 3.62
CA ARG A 14 1.61 -3.40 3.66
C ARG A 14 1.93 -4.43 2.57
N ALA A 15 2.80 -4.09 1.66
CA ALA A 15 3.15 -5.05 0.56
C ALA A 15 3.52 -6.42 1.15
N LEU A 16 2.80 -7.44 0.77
CA LEU A 16 3.09 -8.80 1.30
C LEU A 16 4.30 -9.42 0.59
N LYS A 17 4.73 -8.83 -0.49
CA LYS A 17 5.91 -9.37 -1.23
C LYS A 17 6.42 -8.33 -2.22
N ASP A 18 7.65 -8.47 -2.66
CA ASP A 18 8.20 -7.47 -3.62
C ASP A 18 7.32 -7.35 -4.86
N TYR A 19 7.14 -6.15 -5.34
CA TYR A 19 6.30 -5.94 -6.55
C TYR A 19 7.08 -5.17 -7.63
N ASN A 20 6.86 -5.49 -8.88
CA ASN A 20 7.57 -4.77 -9.97
C ASN A 20 6.57 -4.07 -10.88
N VAL A 21 7.02 -3.09 -11.63
CA VAL A 21 6.08 -2.36 -12.54
C VAL A 21 6.85 -1.81 -13.75
N SER A 22 6.16 -1.43 -14.78
CA SER A 22 6.85 -0.89 -15.99
C SER A 22 6.15 0.38 -16.50
N ASP A 23 6.44 1.50 -15.90
CA ASP A 23 5.80 2.78 -16.33
C ASP A 23 6.27 3.92 -15.42
N THR A 24 6.02 5.14 -15.80
CA THR A 24 6.47 6.30 -14.96
C THR A 24 5.36 6.73 -14.00
N SER A 25 4.66 5.79 -13.41
CA SER A 25 3.56 6.16 -12.46
C SER A 25 3.18 4.96 -11.58
N LEU A 26 4.07 4.02 -11.42
CA LEU A 26 3.75 2.83 -10.58
C LEU A 26 4.48 2.91 -9.24
N LEU A 27 4.09 2.10 -8.29
CA LEU A 27 4.75 2.13 -6.96
C LEU A 27 5.36 0.75 -6.64
N PRO A 28 6.56 0.55 -7.13
CA PRO A 28 7.27 -0.73 -6.89
C PRO A 28 7.77 -0.77 -5.45
N PHE A 29 7.95 -1.96 -4.91
CA PHE A 29 8.44 -2.04 -3.50
C PHE A 29 8.87 -3.47 -3.18
N LYS A 30 9.44 -3.68 -2.02
CA LYS A 30 9.89 -5.04 -1.64
C LYS A 30 8.94 -5.61 -0.58
N ARG A 31 9.04 -6.89 -0.31
CA ARG A 31 8.14 -7.52 0.71
C ARG A 31 8.12 -6.71 2.00
N ASN A 32 7.28 -7.10 2.93
CA ASN A 32 7.16 -6.39 4.25
C ASN A 32 7.35 -4.88 4.09
N ASP A 33 6.54 -4.25 3.27
CA ASP A 33 6.67 -2.78 3.08
C ASP A 33 5.33 -2.11 3.37
N ILE A 34 5.33 -1.08 4.17
CA ILE A 34 4.04 -0.39 4.50
C ILE A 34 3.67 0.60 3.39
N ILE A 35 2.76 0.23 2.53
CA ILE A 35 2.35 1.14 1.42
C ILE A 35 1.27 2.11 1.94
N THR A 36 1.57 3.38 1.99
CA THR A 36 0.56 4.36 2.49
C THR A 36 -0.48 4.65 1.42
N ILE A 37 -1.63 4.05 1.51
CA ILE A 37 -2.71 4.30 0.50
C ILE A 37 -3.01 5.81 0.44
N THR A 38 -2.79 6.42 -0.68
CA THR A 38 -3.06 7.88 -0.81
C THR A 38 -4.45 8.11 -1.43
N PHE A 39 -4.90 7.19 -2.24
CA PHE A 39 -6.23 7.36 -2.88
C PHE A 39 -6.83 6.00 -3.26
N LYS A 40 -7.90 5.61 -2.62
CA LYS A 40 -8.54 4.31 -2.93
C LYS A 40 -9.62 4.50 -4.00
N ASP A 41 -9.37 4.05 -5.19
CA ASP A 41 -10.39 4.20 -6.29
C ASP A 41 -9.89 3.56 -7.57
N GLN A 42 -9.13 2.50 -7.47
CA GLN A 42 -8.61 1.83 -8.70
C GLN A 42 -9.27 0.46 -8.86
N GLU A 43 -10.58 0.43 -8.89
CA GLU A 43 -11.31 -0.86 -9.04
C GLU A 43 -10.89 -1.85 -7.94
N ASN A 44 -10.55 -1.35 -6.78
CA ASN A 44 -10.12 -2.25 -5.65
C ASN A 44 -8.78 -2.92 -5.96
N LYS A 45 -8.71 -3.68 -7.02
CA LYS A 45 -7.43 -4.38 -7.38
C LYS A 45 -6.23 -3.43 -7.25
N TRP A 46 -6.14 -2.45 -8.10
CA TRP A 46 -4.99 -1.50 -8.01
C TRP A 46 -5.21 -0.50 -6.88
N PHE A 47 -4.16 0.15 -6.43
CA PHE A 47 -4.32 1.13 -5.31
C PHE A 47 -3.32 2.29 -5.48
N MET A 48 -3.79 3.50 -5.34
CA MET A 48 -2.86 4.66 -5.46
C MET A 48 -2.15 4.85 -4.11
N GLY A 49 -0.94 4.37 -3.99
CA GLY A 49 -0.22 4.50 -2.69
C GLY A 49 1.08 5.28 -2.87
N GLN A 50 1.77 5.52 -1.79
CA GLN A 50 3.05 6.28 -1.88
C GLN A 50 4.04 5.74 -0.84
N LEU A 51 5.31 5.79 -1.13
CA LEU A 51 6.33 5.28 -0.17
C LEU A 51 7.52 6.26 -0.09
N ASN A 52 8.66 5.79 0.31
CA ASN A 52 9.85 6.69 0.42
C ASN A 52 10.18 7.29 -0.95
N GLY A 53 9.70 8.48 -1.21
CA GLY A 53 9.98 9.13 -2.52
C GLY A 53 9.32 8.35 -3.65
N LYS A 54 8.39 7.48 -3.32
CA LYS A 54 7.71 6.69 -4.40
C LYS A 54 6.20 6.99 -4.39
N GLU A 55 5.58 6.90 -5.53
CA GLU A 55 4.12 7.18 -5.60
C GLU A 55 3.56 6.63 -6.92
N GLY A 56 2.71 5.65 -6.85
CA GLY A 56 2.13 5.08 -8.10
C GLY A 56 0.97 4.14 -7.79
N SER A 57 1.04 2.92 -8.26
CA SER A 57 -0.09 1.97 -8.02
C SER A 57 0.42 0.56 -7.71
N PHE A 58 -0.44 -0.27 -7.18
CA PHE A 58 -0.05 -1.68 -6.87
C PHE A 58 -1.32 -2.52 -6.63
N PRO A 59 -1.37 -3.67 -7.26
CA PRO A 59 -2.56 -4.57 -7.16
C PRO A 59 -2.68 -5.20 -5.76
N VAL A 60 -3.90 -5.46 -5.34
CA VAL A 60 -4.13 -6.09 -4.00
C VAL A 60 -3.59 -7.52 -3.98
N ASP A 61 -3.17 -8.03 -5.12
CA ASP A 61 -2.66 -9.43 -5.17
C ASP A 61 -1.39 -9.60 -4.34
N HIS A 62 -0.75 -8.53 -3.94
CA HIS A 62 0.48 -8.70 -3.13
C HIS A 62 0.59 -7.66 -2.00
N VAL A 63 -0.51 -7.14 -1.54
CA VAL A 63 -0.45 -6.14 -0.44
C VAL A 63 -1.58 -6.40 0.56
N GLU A 64 -1.29 -6.29 1.82
CA GLU A 64 -2.34 -6.51 2.86
C GLU A 64 -2.97 -5.16 3.22
N ILE A 65 -4.02 -5.15 3.99
CA ILE A 65 -4.66 -3.85 4.35
C ILE A 65 -4.60 -3.61 5.86
N LEU A 66 -4.05 -2.48 6.26
CA LEU A 66 -3.96 -2.18 7.71
C LEU A 66 -5.13 -1.28 8.13
N LEU A 67 -6.12 -1.85 8.77
CA LEU A 67 -7.29 -1.05 9.22
C LEU A 67 -7.07 -0.49 10.62
N SER A 68 -6.20 -1.11 11.38
CA SER A 68 -5.93 -0.62 12.77
C SER A 68 -5.50 0.85 12.75
N ASP A 69 -5.01 1.33 11.62
CA ASP A 69 -4.57 2.75 11.54
C ASP A 69 -3.42 3.03 12.52
N VAL A 70 -2.68 2.00 12.88
CA VAL A 70 -1.55 2.21 13.83
C VAL A 70 -0.24 2.34 13.04
N PRO A 71 0.70 3.05 13.61
CA PRO A 71 2.01 3.25 12.95
C PRO A 71 2.84 1.96 12.98
N PRO A 72 3.03 1.36 11.83
CA PRO A 72 3.80 0.11 11.74
C PRO A 72 5.31 0.42 11.71
N PRO A 73 6.10 -0.62 11.84
CA PRO A 73 7.57 -0.44 11.81
C PRO A 73 8.04 -0.15 10.38
N GLN A 74 8.22 1.09 10.04
CA GLN A 74 8.68 1.44 8.66
C GLN A 74 10.21 1.43 8.58
N PRO A 75 10.74 0.48 7.85
CA PRO A 75 12.21 0.38 7.70
C PRO A 75 12.72 1.47 6.77
N VAL A 76 13.98 1.83 6.89
CA VAL A 76 14.54 2.89 6.01
C VAL A 76 16.02 2.61 5.72
N HIS A 77 16.33 2.25 4.50
CA HIS A 77 17.75 1.96 4.15
C HIS A 77 18.18 2.82 2.96
N PRO A 78 18.56 4.04 3.24
CA PRO A 78 19.00 4.97 2.17
C PRO A 78 20.38 4.56 1.65
N VAL A 79 20.53 4.46 0.36
CA VAL A 79 21.86 4.08 -0.22
C VAL A 79 22.05 4.73 -1.60
N ALA A 80 23.27 4.87 -2.03
CA ALA A 80 23.52 5.49 -3.36
C ALA A 80 24.44 4.59 -4.20
N MET A 1 -24.42 -11.71 14.92
CA MET A 1 -23.80 -10.62 14.10
C MET A 1 -22.33 -10.94 13.80
N GLY A 2 -21.76 -10.29 12.83
CA GLY A 2 -20.33 -10.56 12.48
C GLY A 2 -19.54 -9.24 12.48
N PRO A 3 -18.35 -9.30 11.94
CA PRO A 3 -17.50 -8.09 11.88
C PRO A 3 -18.02 -7.12 10.82
N LEU A 4 -19.22 -6.61 11.01
CA LEU A 4 -19.79 -5.65 10.01
C LEU A 4 -18.96 -4.36 9.99
N GLY A 5 -18.19 -4.16 8.95
CA GLY A 5 -17.36 -2.92 8.87
C GLY A 5 -18.17 -1.80 8.20
N SER A 6 -17.76 -0.58 8.38
CA SER A 6 -18.50 0.56 7.75
C SER A 6 -17.73 1.87 7.98
N PRO A 7 -17.54 2.23 9.24
CA PRO A 7 -16.80 3.47 9.56
C PRO A 7 -15.31 3.29 9.28
N GLU A 8 -14.75 4.14 8.46
CA GLU A 8 -13.29 4.01 8.13
C GLU A 8 -12.98 2.59 7.64
N PHE A 9 -13.20 2.33 6.38
CA PHE A 9 -12.93 0.96 5.83
C PHE A 9 -11.47 0.56 6.10
N ALA A 10 -10.56 1.50 6.00
CA ALA A 10 -9.12 1.18 6.25
C ALA A 10 -8.29 2.46 6.21
N LYS A 11 -7.01 2.34 6.03
CA LYS A 11 -6.14 3.55 5.97
C LYS A 11 -4.94 3.28 5.08
N TYR A 12 -4.15 2.28 5.40
CA TYR A 12 -2.95 1.98 4.56
C TYR A 12 -2.91 0.49 4.21
N ALA A 13 -1.77 -0.02 3.81
CA ALA A 13 -1.69 -1.47 3.47
C ALA A 13 -0.22 -1.93 3.46
N ARG A 14 0.05 -3.09 4.00
CA ARG A 14 1.45 -3.60 4.04
C ARG A 14 1.73 -4.48 2.81
N ALA A 15 2.91 -4.38 2.27
CA ALA A 15 3.26 -5.23 1.09
C ALA A 15 3.56 -6.64 1.57
N LEU A 16 3.07 -7.64 0.86
CA LEU A 16 3.33 -9.04 1.28
C LEU A 16 4.24 -9.77 0.29
N LYS A 17 4.82 -9.05 -0.64
CA LYS A 17 5.74 -9.70 -1.64
C LYS A 17 6.38 -8.63 -2.54
N ASP A 18 7.61 -8.83 -2.92
CA ASP A 18 8.30 -7.83 -3.79
C ASP A 18 7.60 -7.75 -5.16
N TYR A 19 7.56 -6.58 -5.73
CA TYR A 19 6.90 -6.43 -7.06
C TYR A 19 7.48 -5.23 -7.82
N ASN A 20 7.80 -5.41 -9.07
CA ASN A 20 8.38 -4.30 -9.88
C ASN A 20 7.35 -3.78 -10.89
N VAL A 21 7.65 -2.69 -11.54
CA VAL A 21 6.69 -2.12 -12.54
C VAL A 21 7.43 -1.50 -13.71
N SER A 22 6.73 -1.19 -14.78
CA SER A 22 7.40 -0.56 -15.96
C SER A 22 6.56 0.61 -16.49
N ASP A 23 6.70 1.76 -15.89
CA ASP A 23 5.93 2.96 -16.35
C ASP A 23 6.24 4.16 -15.46
N THR A 24 5.36 5.14 -15.42
CA THR A 24 5.62 6.34 -14.57
C THR A 24 4.57 6.47 -13.47
N SER A 25 3.47 5.74 -13.57
CA SER A 25 2.42 5.83 -12.52
C SER A 25 2.39 4.56 -11.69
N LEU A 26 3.47 3.82 -11.66
CA LEU A 26 3.51 2.56 -10.86
C LEU A 26 4.29 2.77 -9.56
N LEU A 27 4.20 1.84 -8.66
CA LEU A 27 4.93 1.98 -7.37
C LEU A 27 5.58 0.64 -7.00
N PRO A 28 6.86 0.53 -7.30
CA PRO A 28 7.59 -0.72 -6.98
C PRO A 28 7.96 -0.74 -5.49
N PHE A 29 7.78 -1.86 -4.84
CA PHE A 29 8.11 -1.93 -3.37
C PHE A 29 8.67 -3.31 -3.02
N LYS A 30 9.15 -3.47 -1.81
CA LYS A 30 9.71 -4.78 -1.39
C LYS A 30 8.74 -5.49 -0.43
N ARG A 31 8.89 -6.77 -0.27
CA ARG A 31 7.99 -7.54 0.64
C ARG A 31 7.95 -6.90 2.04
N ASN A 32 7.10 -7.41 2.89
CA ASN A 32 6.97 -6.87 4.29
C ASN A 32 7.21 -5.36 4.35
N ASP A 33 6.47 -4.59 3.60
CA ASP A 33 6.67 -3.11 3.64
C ASP A 33 5.33 -2.41 3.89
N ILE A 34 5.31 -1.11 3.85
CA ILE A 34 4.03 -0.38 4.09
C ILE A 34 3.71 0.54 2.91
N ILE A 35 2.47 0.65 2.55
CA ILE A 35 2.08 1.52 1.41
C ILE A 35 1.09 2.59 1.89
N THR A 36 1.52 3.83 1.96
CA THR A 36 0.62 4.91 2.41
C THR A 36 -0.49 5.13 1.38
N ILE A 37 -1.57 4.40 1.49
CA ILE A 37 -2.69 4.57 0.51
C ILE A 37 -3.06 6.05 0.37
N THR A 38 -2.77 6.61 -0.78
CA THR A 38 -3.08 8.05 -1.01
C THR A 38 -4.37 8.19 -1.81
N PHE A 39 -4.74 7.17 -2.54
CA PHE A 39 -5.99 7.24 -3.35
C PHE A 39 -6.65 5.85 -3.42
N LYS A 40 -7.79 5.70 -2.79
CA LYS A 40 -8.48 4.38 -2.82
C LYS A 40 -9.42 4.29 -4.03
N ASP A 41 -10.14 3.21 -4.15
CA ASP A 41 -11.07 3.06 -5.31
C ASP A 41 -12.01 1.87 -5.08
N GLN A 42 -13.10 1.81 -5.79
CA GLN A 42 -14.05 0.67 -5.62
C GLN A 42 -13.63 -0.52 -6.48
N GLU A 43 -12.50 -0.42 -7.14
CA GLU A 43 -12.03 -1.56 -7.99
C GLU A 43 -11.59 -2.74 -7.12
N ASN A 44 -11.12 -2.45 -5.93
CA ASN A 44 -10.66 -3.56 -5.02
C ASN A 44 -9.58 -4.41 -5.71
N LYS A 45 -8.94 -3.87 -6.71
CA LYS A 45 -7.87 -4.65 -7.41
C LYS A 45 -6.77 -3.70 -7.92
N TRP A 46 -6.77 -2.48 -7.47
CA TRP A 46 -5.74 -1.50 -7.93
C TRP A 46 -5.70 -0.33 -6.95
N PHE A 47 -4.63 -0.20 -6.20
CA PHE A 47 -4.54 0.91 -5.22
C PHE A 47 -3.46 1.91 -5.60
N MET A 48 -3.75 3.18 -5.48
CA MET A 48 -2.73 4.22 -5.79
C MET A 48 -2.13 4.71 -4.48
N GLY A 49 -0.91 4.34 -4.19
CA GLY A 49 -0.31 4.77 -2.90
C GLY A 49 1.10 5.31 -3.10
N GLN A 50 1.74 5.72 -2.03
CA GLN A 50 3.11 6.26 -2.12
C GLN A 50 3.87 5.96 -0.82
N LEU A 51 5.16 5.74 -0.89
CA LEU A 51 5.94 5.45 0.34
C LEU A 51 7.37 6.02 0.22
N ASN A 52 8.38 5.20 0.35
CA ASN A 52 9.79 5.71 0.27
C ASN A 52 9.99 6.55 -1.01
N GLY A 53 9.75 7.84 -0.93
CA GLY A 53 9.94 8.73 -2.11
C GLY A 53 9.35 8.10 -3.37
N LYS A 54 8.38 7.23 -3.24
CA LYS A 54 7.78 6.59 -4.45
C LYS A 54 6.25 6.69 -4.41
N GLU A 55 5.64 6.97 -5.53
CA GLU A 55 4.16 7.07 -5.57
C GLU A 55 3.65 6.50 -6.90
N GLY A 56 2.71 5.59 -6.86
CA GLY A 56 2.20 5.00 -8.13
C GLY A 56 1.03 4.05 -7.85
N SER A 57 1.12 2.84 -8.35
CA SER A 57 0.00 1.87 -8.15
C SER A 57 0.51 0.47 -7.78
N PHE A 58 -0.41 -0.42 -7.51
CA PHE A 58 -0.04 -1.83 -7.16
C PHE A 58 -1.32 -2.63 -6.93
N PRO A 59 -1.29 -3.90 -7.28
CA PRO A 59 -2.48 -4.76 -7.11
C PRO A 59 -2.78 -5.02 -5.63
N VAL A 60 -4.03 -5.26 -5.32
CA VAL A 60 -4.41 -5.51 -3.90
C VAL A 60 -3.81 -6.82 -3.40
N ASP A 61 -3.83 -7.85 -4.20
CA ASP A 61 -3.25 -9.16 -3.76
C ASP A 61 -1.80 -8.97 -3.33
N HIS A 62 -1.16 -7.96 -3.82
CA HIS A 62 0.27 -7.70 -3.46
C HIS A 62 0.38 -7.03 -2.09
N VAL A 63 -0.70 -6.48 -1.59
CA VAL A 63 -0.61 -5.79 -0.27
C VAL A 63 -1.84 -6.07 0.60
N GLU A 64 -1.65 -6.12 1.88
CA GLU A 64 -2.77 -6.34 2.82
C GLU A 64 -3.28 -4.98 3.28
N ILE A 65 -4.52 -4.87 3.67
CA ILE A 65 -5.04 -3.55 4.09
C ILE A 65 -4.92 -3.36 5.60
N LEU A 66 -4.25 -2.32 6.02
CA LEU A 66 -4.08 -2.06 7.48
C LEU A 66 -5.21 -1.15 7.97
N LEU A 67 -6.06 -1.65 8.82
CA LEU A 67 -7.19 -0.81 9.35
C LEU A 67 -6.79 -0.13 10.67
N SER A 68 -5.57 -0.34 11.12
CA SER A 68 -5.14 0.29 12.40
C SER A 68 -4.75 1.76 12.17
N ASP A 69 -4.91 2.27 10.98
CA ASP A 69 -4.54 3.70 10.71
C ASP A 69 -3.10 3.97 11.14
N VAL A 70 -2.27 2.96 11.18
CA VAL A 70 -0.85 3.16 11.58
C VAL A 70 -0.02 1.91 11.24
N PRO A 71 0.92 2.07 10.34
CA PRO A 71 1.77 0.93 9.93
C PRO A 71 2.91 0.71 10.95
N PRO A 72 2.83 -0.38 11.66
CA PRO A 72 3.87 -0.70 12.68
C PRO A 72 5.23 -1.10 12.07
N PRO A 73 5.25 -1.79 10.95
CA PRO A 73 6.54 -2.20 10.36
C PRO A 73 7.26 -1.01 9.71
N GLN A 74 8.35 -1.30 9.03
CA GLN A 74 9.17 -0.24 8.33
C GLN A 74 8.86 1.19 8.81
N PRO A 75 7.79 1.80 8.34
CA PRO A 75 7.46 3.17 8.79
C PRO A 75 6.98 3.15 10.25
N VAL A 76 7.53 4.00 11.07
CA VAL A 76 7.10 4.03 12.51
C VAL A 76 7.31 5.43 13.10
N HIS A 77 6.24 6.11 13.42
CA HIS A 77 6.36 7.48 14.00
C HIS A 77 5.00 7.96 14.51
N PRO A 78 5.02 8.71 15.58
CA PRO A 78 3.76 9.23 16.17
C PRO A 78 3.18 10.35 15.29
N VAL A 79 2.65 10.02 14.15
CA VAL A 79 2.08 11.06 13.26
C VAL A 79 0.96 10.47 12.40
N ALA A 80 0.08 11.29 11.90
CA ALA A 80 -1.04 10.78 11.05
C ALA A 80 -1.10 11.56 9.74
N MET A 1 -14.47 14.64 0.87
CA MET A 1 -15.01 14.40 2.24
C MET A 1 -16.49 14.80 2.31
N GLY A 2 -17.29 14.26 1.43
CA GLY A 2 -18.74 14.60 1.44
C GLY A 2 -19.56 13.37 1.85
N PRO A 3 -19.95 12.60 0.87
CA PRO A 3 -20.75 11.38 1.14
C PRO A 3 -19.86 10.28 1.75
N LEU A 4 -18.61 10.26 1.39
CA LEU A 4 -17.69 9.21 1.95
C LEU A 4 -17.47 9.45 3.45
N GLY A 5 -16.92 8.48 4.13
CA GLY A 5 -16.68 8.64 5.60
C GLY A 5 -15.52 7.75 6.03
N SER A 6 -15.80 6.70 6.74
CA SER A 6 -14.71 5.78 7.20
C SER A 6 -15.16 4.33 7.09
N PRO A 7 -15.43 3.91 5.88
CA PRO A 7 -15.87 2.51 5.65
C PRO A 7 -14.71 1.53 5.81
N GLU A 8 -14.93 0.42 6.46
CA GLU A 8 -13.84 -0.57 6.65
C GLU A 8 -12.60 0.08 7.24
N PHE A 9 -12.54 0.20 8.54
CA PHE A 9 -11.35 0.84 9.18
C PHE A 9 -10.05 0.19 8.70
N ALA A 10 -9.06 0.98 8.38
CA ALA A 10 -7.77 0.41 7.89
C ALA A 10 -6.78 1.54 7.63
N LYS A 11 -5.76 1.65 8.45
CA LYS A 11 -4.76 2.74 8.26
C LYS A 11 -4.20 2.69 6.84
N TYR A 12 -3.48 1.65 6.50
CA TYR A 12 -2.90 1.54 5.12
C TYR A 12 -2.75 0.07 4.74
N ALA A 13 -1.69 -0.28 4.05
CA ALA A 13 -1.50 -1.70 3.65
C ALA A 13 -0.01 -2.06 3.56
N ARG A 14 0.41 -3.11 4.21
CA ARG A 14 1.84 -3.51 4.17
C ARG A 14 2.06 -4.53 3.05
N ALA A 15 2.88 -4.19 2.07
CA ALA A 15 3.14 -5.14 0.95
C ALA A 15 3.66 -6.48 1.51
N LEU A 16 2.87 -7.51 1.42
CA LEU A 16 3.31 -8.84 1.94
C LEU A 16 4.43 -9.43 1.05
N LYS A 17 4.70 -8.82 -0.07
CA LYS A 17 5.78 -9.35 -0.96
C LYS A 17 6.32 -8.24 -1.87
N ASP A 18 7.40 -8.49 -2.55
CA ASP A 18 7.98 -7.44 -3.44
C ASP A 18 7.20 -7.36 -4.76
N TYR A 19 7.05 -6.17 -5.28
CA TYR A 19 6.29 -6.02 -6.56
C TYR A 19 7.11 -5.20 -7.57
N ASN A 20 6.91 -5.44 -8.84
CA ASN A 20 7.66 -4.68 -9.88
C ASN A 20 6.68 -4.02 -10.86
N VAL A 21 7.13 -3.03 -11.58
CA VAL A 21 6.23 -2.33 -12.54
C VAL A 21 7.02 -1.82 -13.75
N SER A 22 6.34 -1.39 -14.78
CA SER A 22 7.06 -0.88 -15.98
C SER A 22 6.41 0.43 -16.47
N ASP A 23 6.75 1.54 -15.86
CA ASP A 23 6.16 2.85 -16.28
C ASP A 23 6.68 3.96 -15.38
N THR A 24 6.00 5.09 -15.35
CA THR A 24 6.45 6.21 -14.49
C THR A 24 5.42 6.53 -13.40
N SER A 25 4.25 5.94 -13.49
CA SER A 25 3.20 6.21 -12.46
C SER A 25 2.92 4.96 -11.63
N LEU A 26 3.84 4.03 -11.59
CA LEU A 26 3.62 2.78 -10.81
C LEU A 26 4.30 2.89 -9.44
N LEU A 27 4.04 1.97 -8.55
CA LEU A 27 4.67 2.03 -7.20
C LEU A 27 5.32 0.68 -6.87
N PRO A 28 6.54 0.51 -7.31
CA PRO A 28 7.28 -0.74 -7.05
C PRO A 28 7.78 -0.77 -5.61
N PHE A 29 7.70 -1.91 -4.96
CA PHE A 29 8.17 -2.00 -3.54
C PHE A 29 8.68 -3.41 -3.24
N LYS A 30 9.18 -3.62 -2.05
CA LYS A 30 9.69 -4.97 -1.69
C LYS A 30 8.83 -5.58 -0.58
N ARG A 31 9.03 -6.84 -0.29
CA ARG A 31 8.25 -7.51 0.79
C ARG A 31 8.29 -6.68 2.08
N ASN A 32 7.57 -7.11 3.09
CA ASN A 32 7.55 -6.37 4.40
C ASN A 32 7.66 -4.85 4.19
N ASP A 33 6.89 -4.32 3.28
CA ASP A 33 6.95 -2.84 3.03
C ASP A 33 5.61 -2.20 3.41
N ILE A 34 5.64 -1.00 3.91
CA ILE A 34 4.37 -0.32 4.29
C ILE A 34 3.87 0.58 3.15
N ILE A 35 2.93 0.11 2.39
CA ILE A 35 2.39 0.94 1.27
C ILE A 35 1.25 1.83 1.77
N THR A 36 1.44 3.11 1.81
CA THR A 36 0.35 4.01 2.29
C THR A 36 -0.73 4.16 1.22
N ILE A 37 -1.84 3.49 1.41
CA ILE A 37 -2.95 3.60 0.41
C ILE A 37 -3.45 5.05 0.35
N THR A 38 -2.81 5.86 -0.45
CA THR A 38 -3.21 7.29 -0.56
C THR A 38 -4.52 7.43 -1.33
N PHE A 39 -4.80 6.52 -2.23
CA PHE A 39 -6.07 6.60 -3.01
C PHE A 39 -6.29 5.31 -3.82
N LYS A 40 -7.39 4.65 -3.61
CA LYS A 40 -7.68 3.39 -4.36
C LYS A 40 -8.37 3.72 -5.69
N ASP A 41 -9.08 2.77 -6.24
CA ASP A 41 -9.78 3.03 -7.54
C ASP A 41 -11.14 2.32 -7.56
N GLN A 42 -11.95 2.59 -8.54
CA GLN A 42 -13.29 1.93 -8.61
C GLN A 42 -13.13 0.46 -8.93
N GLU A 43 -12.10 0.10 -9.67
CA GLU A 43 -11.90 -1.34 -10.02
C GLU A 43 -11.41 -2.12 -8.78
N ASN A 44 -11.08 -1.43 -7.71
CA ASN A 44 -10.61 -2.15 -6.49
C ASN A 44 -9.44 -3.07 -6.83
N LYS A 45 -8.71 -2.77 -7.87
CA LYS A 45 -7.54 -3.63 -8.25
C LYS A 45 -6.26 -2.81 -8.24
N TRP A 46 -6.25 -1.69 -8.92
CA TRP A 46 -5.02 -0.84 -8.95
C TRP A 46 -5.10 0.24 -7.87
N PHE A 47 -4.44 0.02 -6.76
CA PHE A 47 -4.48 1.03 -5.65
C PHE A 47 -3.41 2.10 -5.88
N MET A 48 -3.80 3.35 -5.85
CA MET A 48 -2.80 4.44 -6.02
C MET A 48 -2.22 4.79 -4.65
N GLY A 49 -1.04 4.33 -4.35
CA GLY A 49 -0.44 4.61 -3.02
C GLY A 49 0.95 5.24 -3.15
N GLN A 50 1.63 5.38 -2.04
CA GLN A 50 2.98 5.97 -2.05
C GLN A 50 3.69 5.67 -0.72
N LEU A 51 4.99 5.49 -0.75
CA LEU A 51 5.73 5.20 0.51
C LEU A 51 7.18 5.69 0.41
N ASN A 52 8.13 4.87 0.78
CA ASN A 52 9.56 5.29 0.71
C ASN A 52 9.92 5.81 -0.69
N GLY A 53 9.91 7.10 -0.87
CA GLY A 53 10.27 7.71 -2.19
C GLY A 53 9.51 7.01 -3.33
N LYS A 54 8.40 6.39 -3.06
CA LYS A 54 7.63 5.72 -4.15
C LYS A 54 6.20 6.22 -4.18
N GLU A 55 5.65 6.43 -5.34
CA GLU A 55 4.25 6.93 -5.45
C GLU A 55 3.68 6.57 -6.81
N GLY A 56 2.77 5.63 -6.85
CA GLY A 56 2.17 5.23 -8.16
C GLY A 56 0.99 4.28 -7.94
N SER A 57 1.08 3.08 -8.45
CA SER A 57 -0.05 2.11 -8.28
C SER A 57 0.46 0.70 -7.99
N PHE A 58 -0.44 -0.20 -7.67
CA PHE A 58 -0.06 -1.61 -7.38
C PHE A 58 -1.32 -2.46 -7.18
N PRO A 59 -1.28 -3.67 -7.66
CA PRO A 59 -2.46 -4.59 -7.54
C PRO A 59 -2.74 -4.96 -6.08
N VAL A 60 -3.98 -4.86 -5.68
CA VAL A 60 -4.36 -5.21 -4.28
C VAL A 60 -4.10 -6.69 -3.98
N ASP A 61 -3.75 -7.47 -4.98
CA ASP A 61 -3.50 -8.91 -4.74
C ASP A 61 -2.24 -9.15 -3.91
N HIS A 62 -1.20 -8.40 -4.14
CA HIS A 62 0.07 -8.63 -3.35
C HIS A 62 0.28 -7.54 -2.28
N VAL A 63 -0.73 -7.20 -1.53
CA VAL A 63 -0.56 -6.17 -0.47
C VAL A 63 -1.34 -6.56 0.78
N GLU A 64 -0.77 -6.38 1.93
CA GLU A 64 -1.48 -6.72 3.19
C GLU A 64 -2.15 -5.47 3.73
N ILE A 65 -3.18 -5.60 4.52
CA ILE A 65 -3.88 -4.40 5.03
C ILE A 65 -3.45 -4.09 6.48
N LEU A 66 -3.10 -2.87 6.75
CA LEU A 66 -2.69 -2.49 8.13
C LEU A 66 -3.88 -1.89 8.88
N LEU A 67 -4.62 -2.70 9.59
CA LEU A 67 -5.80 -2.18 10.34
C LEU A 67 -5.42 -1.92 11.81
N SER A 68 -4.19 -2.16 12.18
CA SER A 68 -3.77 -1.94 13.59
C SER A 68 -3.84 -0.45 13.93
N ASP A 69 -3.95 0.41 12.96
CA ASP A 69 -4.01 1.88 13.22
C ASP A 69 -2.76 2.34 13.98
N VAL A 70 -1.66 1.67 13.78
CA VAL A 70 -0.40 2.07 14.48
C VAL A 70 0.78 2.02 13.50
N PRO A 71 1.68 2.97 13.63
CA PRO A 71 2.87 3.02 12.74
C PRO A 71 3.87 1.92 13.12
N PRO A 72 4.02 0.96 12.25
CA PRO A 72 4.98 -0.15 12.51
C PRO A 72 6.42 0.31 12.27
N PRO A 73 7.34 -0.33 12.94
CA PRO A 73 8.77 0.02 12.79
C PRO A 73 9.29 -0.46 11.43
N GLN A 74 9.31 0.40 10.45
CA GLN A 74 9.81 -0.01 9.11
C GLN A 74 11.34 -0.15 9.13
N PRO A 75 11.86 -0.88 8.17
CA PRO A 75 13.32 -1.09 8.07
C PRO A 75 14.02 0.19 7.62
N VAL A 76 15.31 0.13 7.39
CA VAL A 76 16.05 1.35 6.94
C VAL A 76 17.31 0.94 6.18
N HIS A 77 17.38 1.28 4.92
CA HIS A 77 18.58 0.90 4.12
C HIS A 77 18.98 2.07 3.18
N PRO A 78 19.66 3.03 3.75
CA PRO A 78 20.10 4.21 2.96
C PRO A 78 21.24 3.82 2.02
N VAL A 79 21.94 4.79 1.48
CA VAL A 79 23.06 4.49 0.57
C VAL A 79 24.20 5.51 0.74
N ALA A 80 25.41 5.06 0.86
CA ALA A 80 26.55 6.01 1.03
C ALA A 80 26.91 6.65 -0.31
N MET A 1 -26.56 5.34 18.21
CA MET A 1 -26.22 6.18 17.03
C MET A 1 -25.27 5.42 16.09
N GLY A 2 -25.77 4.92 15.00
CA GLY A 2 -24.90 4.17 14.05
C GLY A 2 -25.27 2.68 14.09
N PRO A 3 -26.26 2.32 13.30
CA PRO A 3 -26.70 0.91 13.24
C PRO A 3 -25.68 0.05 12.49
N LEU A 4 -25.21 0.52 11.37
CA LEU A 4 -24.21 -0.27 10.59
C LEU A 4 -22.81 0.36 10.73
N GLY A 5 -22.34 0.48 11.94
CA GLY A 5 -20.99 1.07 12.15
C GLY A 5 -19.93 -0.03 12.10
N SER A 6 -19.80 -0.68 10.96
CA SER A 6 -18.78 -1.76 10.84
C SER A 6 -17.57 -1.27 10.04
N PRO A 7 -16.45 -1.94 10.22
CA PRO A 7 -15.22 -1.56 9.50
C PRO A 7 -15.31 -1.94 8.03
N GLU A 8 -15.84 -1.06 7.22
CA GLU A 8 -15.96 -1.37 5.76
C GLU A 8 -15.12 -0.39 4.93
N PHE A 9 -13.98 -0.02 5.43
CA PHE A 9 -13.10 0.93 4.68
C PHE A 9 -11.63 0.58 4.90
N ALA A 10 -10.75 1.49 4.61
CA ALA A 10 -9.29 1.22 4.80
C ALA A 10 -8.51 2.54 4.92
N LYS A 11 -7.21 2.45 5.00
CA LYS A 11 -6.39 3.71 5.12
C LYS A 11 -4.93 3.41 4.78
N TYR A 12 -4.39 2.34 5.29
CA TYR A 12 -2.96 2.00 5.00
C TYR A 12 -2.86 0.57 4.46
N ALA A 13 -1.69 0.17 4.02
CA ALA A 13 -1.53 -1.21 3.49
C ALA A 13 -0.07 -1.66 3.61
N ARG A 14 0.14 -2.94 3.74
CA ARG A 14 1.54 -3.46 3.87
C ARG A 14 1.85 -4.42 2.72
N ALA A 15 2.90 -4.17 1.98
CA ALA A 15 3.26 -5.07 0.85
C ALA A 15 3.55 -6.47 1.37
N LEU A 16 2.87 -7.46 0.82
CA LEU A 16 3.09 -8.87 1.27
C LEU A 16 4.25 -9.51 0.50
N LYS A 17 4.64 -8.91 -0.60
CA LYS A 17 5.78 -9.48 -1.40
C LYS A 17 6.31 -8.41 -2.36
N ASP A 18 7.51 -8.60 -2.87
CA ASP A 18 8.09 -7.59 -3.80
C ASP A 18 7.20 -7.38 -5.02
N TYR A 19 7.08 -6.15 -5.46
CA TYR A 19 6.24 -5.85 -6.65
C TYR A 19 7.04 -5.02 -7.66
N ASN A 20 6.90 -5.31 -8.93
CA ASN A 20 7.65 -4.54 -9.96
C ASN A 20 6.68 -3.85 -10.93
N VAL A 21 7.09 -2.75 -11.51
CA VAL A 21 6.21 -2.02 -12.47
C VAL A 21 7.06 -1.42 -13.60
N SER A 22 6.50 -1.24 -14.76
CA SER A 22 7.28 -0.65 -15.88
C SER A 22 6.47 0.42 -16.60
N ASP A 23 6.44 1.62 -16.06
CA ASP A 23 5.67 2.72 -16.72
C ASP A 23 5.89 4.06 -16.00
N THR A 24 6.92 4.17 -15.20
CA THR A 24 7.19 5.45 -14.48
C THR A 24 5.91 6.04 -13.87
N SER A 25 4.96 5.21 -13.52
CA SER A 25 3.69 5.75 -12.93
C SER A 25 3.13 4.79 -11.87
N LEU A 26 3.85 3.77 -11.50
CA LEU A 26 3.32 2.82 -10.48
C LEU A 26 4.11 2.95 -9.17
N LEU A 27 4.00 1.97 -8.31
CA LEU A 27 4.75 2.04 -7.02
C LEU A 27 5.45 0.70 -6.73
N PRO A 28 6.66 0.58 -7.22
CA PRO A 28 7.43 -0.66 -6.99
C PRO A 28 7.93 -0.70 -5.55
N PHE A 29 7.80 -1.81 -4.88
CA PHE A 29 8.28 -1.87 -3.46
C PHE A 29 8.78 -3.27 -3.12
N LYS A 30 9.07 -3.50 -1.87
CA LYS A 30 9.59 -4.84 -1.46
C LYS A 30 8.65 -5.48 -0.43
N ARG A 31 8.77 -6.77 -0.22
CA ARG A 31 7.90 -7.46 0.77
C ARG A 31 7.89 -6.73 2.12
N ASN A 32 7.09 -7.19 3.04
CA ASN A 32 7.01 -6.56 4.40
C ASN A 32 7.21 -5.05 4.34
N ASP A 33 6.57 -4.39 3.41
CA ASP A 33 6.72 -2.92 3.30
C ASP A 33 5.39 -2.25 3.66
N ILE A 34 5.40 -1.00 3.99
CA ILE A 34 4.13 -0.31 4.34
C ILE A 34 3.74 0.69 3.25
N ILE A 35 2.83 0.31 2.40
CA ILE A 35 2.40 1.24 1.31
C ILE A 35 1.40 2.27 1.86
N THR A 36 1.81 3.50 1.95
CA THR A 36 0.89 4.55 2.47
C THR A 36 -0.27 4.75 1.49
N ILE A 37 -1.30 3.95 1.62
CA ILE A 37 -2.47 4.07 0.70
C ILE A 37 -2.93 5.54 0.62
N THR A 38 -2.74 6.16 -0.52
CA THR A 38 -3.13 7.58 -0.68
C THR A 38 -4.54 7.67 -1.29
N PHE A 39 -4.87 6.77 -2.18
CA PHE A 39 -6.23 6.80 -2.79
C PHE A 39 -6.68 5.37 -3.10
N LYS A 40 -7.57 4.84 -2.30
CA LYS A 40 -8.05 3.45 -2.54
C LYS A 40 -9.06 3.43 -3.71
N ASP A 41 -9.54 2.27 -4.05
CA ASP A 41 -10.51 2.17 -5.18
C ASP A 41 -11.57 1.12 -4.88
N GLN A 42 -12.70 1.19 -5.53
CA GLN A 42 -13.78 0.19 -5.29
C GLN A 42 -13.66 -0.98 -6.28
N GLU A 43 -12.54 -1.11 -6.93
CA GLU A 43 -12.37 -2.23 -7.91
C GLU A 43 -11.68 -3.42 -7.23
N ASN A 44 -11.09 -3.21 -6.07
CA ASN A 44 -10.41 -4.33 -5.37
C ASN A 44 -9.37 -4.99 -6.28
N LYS A 45 -8.89 -4.27 -7.25
CA LYS A 45 -7.87 -4.85 -8.18
C LYS A 45 -6.60 -4.00 -8.15
N TRP A 46 -6.74 -2.71 -8.10
CA TRP A 46 -5.54 -1.81 -8.06
C TRP A 46 -5.57 -0.94 -6.80
N PHE A 47 -4.47 -0.36 -6.44
CA PHE A 47 -4.43 0.50 -5.22
C PHE A 47 -3.42 1.62 -5.41
N MET A 48 -3.83 2.85 -5.24
CA MET A 48 -2.87 3.99 -5.40
C MET A 48 -2.18 4.24 -4.05
N GLY A 49 -0.90 4.01 -3.98
CA GLY A 49 -0.18 4.23 -2.70
C GLY A 49 1.12 4.99 -2.94
N GLN A 50 1.77 5.40 -1.88
CA GLN A 50 3.04 6.16 -2.02
C GLN A 50 3.91 5.92 -0.77
N LEU A 51 5.20 5.91 -0.93
CA LEU A 51 6.09 5.69 0.25
C LEU A 51 7.55 5.99 -0.11
N ASN A 52 8.45 5.72 0.78
CA ASN A 52 9.89 5.99 0.49
C ASN A 52 10.36 5.16 -0.69
N GLY A 53 10.64 5.78 -1.80
CA GLY A 53 11.10 5.03 -2.99
C GLY A 53 10.30 5.46 -4.22
N LYS A 54 9.00 5.51 -4.11
CA LYS A 54 8.17 5.93 -5.28
C LYS A 54 6.70 6.07 -4.89
N GLU A 55 5.86 6.36 -5.84
CA GLU A 55 4.40 6.51 -5.57
C GLU A 55 3.61 6.23 -6.86
N GLY A 56 2.60 5.41 -6.80
CA GLY A 56 1.82 5.12 -8.03
C GLY A 56 0.72 4.11 -7.74
N SER A 57 0.90 2.87 -8.12
CA SER A 57 -0.17 1.85 -7.89
C SER A 57 0.41 0.45 -7.71
N PHE A 58 -0.46 -0.50 -7.46
CA PHE A 58 -0.02 -1.92 -7.27
C PHE A 58 -1.25 -2.82 -7.10
N PRO A 59 -1.19 -4.01 -7.66
CA PRO A 59 -2.34 -4.95 -7.60
C PRO A 59 -2.60 -5.45 -6.17
N VAL A 60 -3.84 -5.73 -5.87
CA VAL A 60 -4.21 -6.23 -4.51
C VAL A 60 -3.64 -7.64 -4.28
N ASP A 61 -3.06 -8.23 -5.30
CA ASP A 61 -2.51 -9.60 -5.15
C ASP A 61 -1.32 -9.62 -4.18
N HIS A 62 -0.80 -8.48 -3.82
CA HIS A 62 0.37 -8.49 -2.87
C HIS A 62 0.39 -7.28 -1.94
N VAL A 63 -0.72 -6.98 -1.32
CA VAL A 63 -0.75 -5.81 -0.37
C VAL A 63 -1.89 -5.98 0.62
N GLU A 64 -1.61 -5.86 1.89
CA GLU A 64 -2.69 -5.99 2.90
C GLU A 64 -3.21 -4.60 3.25
N ILE A 65 -4.22 -4.52 4.08
CA ILE A 65 -4.76 -3.17 4.44
C ILE A 65 -4.73 -2.96 5.95
N LEU A 66 -3.90 -2.06 6.41
CA LEU A 66 -3.81 -1.78 7.87
C LEU A 66 -4.91 -0.80 8.28
N LEU A 67 -5.91 -1.26 9.00
CA LEU A 67 -7.01 -0.36 9.43
C LEU A 67 -6.61 0.43 10.69
N SER A 68 -5.48 0.11 11.26
CA SER A 68 -5.04 0.85 12.49
C SER A 68 -4.84 2.34 12.19
N ASP A 69 -4.73 2.69 10.93
CA ASP A 69 -4.52 4.13 10.57
C ASP A 69 -3.28 4.68 11.26
N VAL A 70 -2.33 3.83 11.58
CA VAL A 70 -1.10 4.31 12.25
C VAL A 70 0.15 3.71 11.56
N PRO A 71 1.16 4.52 11.40
CA PRO A 71 2.41 4.06 10.75
C PRO A 71 3.19 3.12 11.68
N PRO A 72 3.27 1.87 11.31
CA PRO A 72 4.00 0.88 12.15
C PRO A 72 5.52 1.10 12.01
N PRO A 73 6.27 0.43 12.85
CA PRO A 73 7.74 0.55 12.82
C PRO A 73 8.30 -0.20 11.60
N GLN A 74 8.67 0.52 10.57
CA GLN A 74 9.22 -0.15 9.35
C GLN A 74 10.44 -1.00 9.71
N PRO A 75 10.50 -2.18 9.16
CA PRO A 75 11.65 -3.09 9.43
C PRO A 75 12.90 -2.60 8.71
N VAL A 76 14.05 -3.09 9.09
CA VAL A 76 15.31 -2.67 8.43
C VAL A 76 16.34 -3.80 8.44
N HIS A 77 16.61 -4.38 7.31
CA HIS A 77 17.61 -5.49 7.25
C HIS A 77 17.98 -5.81 5.79
N PRO A 78 19.11 -5.31 5.37
CA PRO A 78 19.57 -5.55 3.98
C PRO A 78 20.02 -7.01 3.80
N VAL A 79 19.36 -7.73 2.94
CA VAL A 79 19.74 -9.16 2.71
C VAL A 79 20.46 -9.30 1.36
N ALA A 80 21.14 -10.40 1.16
CA ALA A 80 21.86 -10.61 -0.12
C ALA A 80 21.29 -11.83 -0.86
N MET A 1 -13.87 -13.40 -0.81
CA MET A 1 -15.28 -13.42 -1.29
C MET A 1 -16.24 -13.46 -0.10
N GLY A 2 -17.26 -12.64 -0.11
CA GLY A 2 -18.23 -12.63 1.02
C GLY A 2 -18.65 -11.19 1.32
N PRO A 3 -17.87 -10.53 2.14
CA PRO A 3 -18.18 -9.12 2.51
C PRO A 3 -17.89 -8.19 1.33
N LEU A 4 -18.83 -7.35 0.98
CA LEU A 4 -18.61 -6.41 -0.15
C LEU A 4 -19.07 -5.00 0.24
N GLY A 5 -18.16 -4.18 0.70
CA GLY A 5 -18.53 -2.79 1.10
C GLY A 5 -18.08 -1.81 0.02
N SER A 6 -17.44 -0.74 0.40
CA SER A 6 -16.97 0.25 -0.60
C SER A 6 -15.54 0.70 -0.28
N PRO A 7 -14.90 1.30 -1.26
CA PRO A 7 -13.51 1.76 -1.07
C PRO A 7 -13.48 2.99 -0.15
N GLU A 8 -13.85 2.82 1.09
CA GLU A 8 -13.85 3.96 2.04
C GLU A 8 -13.19 3.55 3.36
N PHE A 9 -13.47 2.37 3.84
CA PHE A 9 -12.86 1.91 5.12
C PHE A 9 -11.35 1.73 4.95
N ALA A 10 -10.74 0.93 5.80
CA ALA A 10 -9.27 0.71 5.70
C ALA A 10 -8.52 2.04 5.86
N LYS A 11 -7.25 1.98 6.17
CA LYS A 11 -6.46 3.24 6.34
C LYS A 11 -5.05 3.06 5.77
N TYR A 12 -4.43 1.93 5.99
CA TYR A 12 -3.05 1.71 5.46
C TYR A 12 -2.92 0.31 4.87
N ALA A 13 -1.72 -0.08 4.52
CA ALA A 13 -1.50 -1.42 3.93
C ALA A 13 -0.06 -1.89 4.17
N ARG A 14 0.28 -3.06 3.70
CA ARG A 14 1.66 -3.58 3.88
C ARG A 14 2.01 -4.53 2.73
N ALA A 15 2.91 -4.14 1.87
CA ALA A 15 3.29 -5.01 0.73
C ALA A 15 3.65 -6.41 1.22
N LEU A 16 2.90 -7.40 0.82
CA LEU A 16 3.18 -8.79 1.27
C LEU A 16 4.31 -9.41 0.43
N LYS A 17 4.75 -8.74 -0.59
CA LYS A 17 5.85 -9.30 -1.43
C LYS A 17 6.40 -8.22 -2.38
N ASP A 18 7.57 -8.42 -2.91
CA ASP A 18 8.17 -7.40 -3.83
C ASP A 18 7.26 -7.20 -5.05
N TYR A 19 7.13 -5.97 -5.50
CA TYR A 19 6.27 -5.71 -6.68
C TYR A 19 7.04 -4.90 -7.74
N ASN A 20 6.99 -5.32 -8.97
CA ASN A 20 7.70 -4.59 -10.06
C ASN A 20 6.69 -3.80 -10.89
N VAL A 21 7.14 -2.84 -11.66
CA VAL A 21 6.20 -2.04 -12.49
C VAL A 21 6.81 -1.72 -13.86
N SER A 22 6.34 -2.37 -14.89
CA SER A 22 6.88 -2.10 -16.25
C SER A 22 6.19 -0.86 -16.84
N ASP A 23 6.63 0.30 -16.45
CA ASP A 23 6.01 1.56 -16.97
C ASP A 23 6.78 2.77 -16.43
N THR A 24 6.10 3.86 -16.17
CA THR A 24 6.80 5.06 -15.63
C THR A 24 5.87 5.85 -14.69
N SER A 25 5.01 5.17 -13.99
CA SER A 25 4.08 5.89 -13.06
C SER A 25 3.51 4.95 -11.99
N LEU A 26 4.15 3.83 -11.76
CA LEU A 26 3.61 2.89 -10.71
C LEU A 26 4.40 3.06 -9.41
N LEU A 27 4.26 2.12 -8.50
CA LEU A 27 4.99 2.20 -7.21
C LEU A 27 5.68 0.85 -6.92
N PRO A 28 6.94 0.79 -7.24
CA PRO A 28 7.72 -0.46 -7.01
C PRO A 28 8.12 -0.55 -5.53
N PHE A 29 7.89 -1.67 -4.91
CA PHE A 29 8.27 -1.80 -3.47
C PHE A 29 8.71 -3.22 -3.15
N LYS A 30 9.26 -3.42 -1.98
CA LYS A 30 9.74 -4.79 -1.59
C LYS A 30 8.78 -5.41 -0.56
N ARG A 31 8.90 -6.70 -0.35
CA ARG A 31 8.02 -7.39 0.63
C ARG A 31 8.05 -6.67 1.99
N ASN A 32 7.26 -7.14 2.92
CA ASN A 32 7.20 -6.52 4.29
C ASN A 32 7.38 -5.00 4.25
N ASP A 33 6.64 -4.32 3.42
CA ASP A 33 6.77 -2.84 3.35
C ASP A 33 5.41 -2.19 3.65
N ILE A 34 5.40 -1.08 4.31
CA ILE A 34 4.09 -0.42 4.63
C ILE A 34 3.61 0.40 3.43
N ILE A 35 2.44 0.10 2.93
CA ILE A 35 1.91 0.86 1.76
C ILE A 35 0.94 1.93 2.24
N THR A 36 1.30 3.18 2.11
CA THR A 36 0.39 4.28 2.56
C THR A 36 -0.81 4.38 1.63
N ILE A 37 -1.67 3.38 1.63
CA ILE A 37 -2.87 3.42 0.74
C ILE A 37 -3.62 4.74 0.92
N THR A 38 -3.63 5.57 -0.08
CA THR A 38 -4.34 6.88 0.04
C THR A 38 -5.55 6.94 -0.90
N PHE A 39 -5.59 6.10 -1.92
CA PHE A 39 -6.75 6.14 -2.86
C PHE A 39 -6.72 4.94 -3.81
N LYS A 40 -7.64 4.02 -3.65
CA LYS A 40 -7.67 2.83 -4.55
C LYS A 40 -8.69 3.05 -5.67
N ASP A 41 -8.74 2.15 -6.63
CA ASP A 41 -9.70 2.31 -7.76
C ASP A 41 -9.62 1.11 -8.69
N GLN A 42 -10.12 1.23 -9.89
CA GLN A 42 -10.08 0.10 -10.87
C GLN A 42 -10.71 -1.16 -10.27
N GLU A 43 -11.99 -1.12 -9.98
CA GLU A 43 -12.68 -2.31 -9.41
C GLU A 43 -11.91 -2.87 -8.20
N ASN A 44 -11.45 -2.00 -7.33
CA ASN A 44 -10.71 -2.47 -6.12
C ASN A 44 -9.57 -3.42 -6.51
N LYS A 45 -9.04 -3.30 -7.70
CA LYS A 45 -7.93 -4.20 -8.11
C LYS A 45 -6.61 -3.44 -8.07
N TRP A 46 -6.63 -2.18 -8.39
CA TRP A 46 -5.37 -1.37 -8.35
C TRP A 46 -5.45 -0.34 -7.23
N PHE A 47 -4.44 -0.27 -6.41
CA PHE A 47 -4.46 0.71 -5.28
C PHE A 47 -3.46 1.85 -5.55
N MET A 48 -3.92 3.06 -5.55
CA MET A 48 -2.99 4.21 -5.77
C MET A 48 -2.64 4.83 -4.42
N GLY A 49 -1.40 4.73 -4.00
CA GLY A 49 -1.04 5.31 -2.68
C GLY A 49 0.43 5.71 -2.66
N GLN A 50 1.08 5.49 -1.55
CA GLN A 50 2.52 5.86 -1.44
C GLN A 50 3.20 5.00 -0.37
N LEU A 51 4.42 5.31 -0.02
CA LEU A 51 5.14 4.51 1.01
C LEU A 51 6.49 5.17 1.35
N ASN A 52 7.48 4.39 1.69
CA ASN A 52 8.81 4.96 2.04
C ASN A 52 9.29 5.94 0.97
N GLY A 53 8.99 7.20 1.14
CA GLY A 53 9.43 8.24 0.15
C GLY A 53 9.14 7.78 -1.29
N LYS A 54 7.94 7.35 -1.56
CA LYS A 54 7.61 6.91 -2.95
C LYS A 54 6.11 7.03 -3.20
N GLU A 55 5.71 6.99 -4.45
CA GLU A 55 4.26 7.12 -4.78
C GLU A 55 3.98 6.48 -6.14
N GLY A 56 2.85 5.85 -6.30
CA GLY A 56 2.54 5.21 -7.60
C GLY A 56 1.31 4.31 -7.49
N SER A 57 1.33 3.20 -8.18
CA SER A 57 0.18 2.26 -8.15
C SER A 57 0.64 0.84 -7.81
N PHE A 58 -0.29 -0.02 -7.49
CA PHE A 58 0.07 -1.44 -7.18
C PHE A 58 -1.22 -2.24 -6.95
N PRO A 59 -1.24 -3.45 -7.47
CA PRO A 59 -2.44 -4.32 -7.35
C PRO A 59 -2.71 -4.68 -5.89
N VAL A 60 -3.94 -4.52 -5.46
CA VAL A 60 -4.32 -4.86 -4.06
C VAL A 60 -4.04 -6.34 -3.74
N ASP A 61 -3.80 -7.13 -4.75
CA ASP A 61 -3.55 -8.58 -4.52
C ASP A 61 -2.27 -8.82 -3.70
N HIS A 62 -1.20 -8.16 -4.03
CA HIS A 62 0.07 -8.40 -3.27
C HIS A 62 0.30 -7.32 -2.19
N VAL A 63 -0.71 -7.03 -1.41
CA VAL A 63 -0.57 -6.03 -0.32
C VAL A 63 -1.61 -6.29 0.76
N GLU A 64 -1.22 -6.27 2.00
CA GLU A 64 -2.20 -6.50 3.08
C GLU A 64 -2.74 -5.15 3.57
N ILE A 65 -4.01 -5.09 3.91
CA ILE A 65 -4.59 -3.79 4.37
C ILE A 65 -4.55 -3.69 5.89
N LEU A 66 -3.96 -2.64 6.40
CA LEU A 66 -3.88 -2.47 7.87
C LEU A 66 -5.10 -1.68 8.37
N LEU A 67 -6.05 -2.35 8.97
CA LEU A 67 -7.27 -1.66 9.46
C LEU A 67 -7.02 -1.06 10.85
N SER A 68 -5.84 -1.23 11.39
CA SER A 68 -5.54 -0.67 12.74
C SER A 68 -5.58 0.86 12.72
N ASP A 69 -5.59 1.45 11.55
CA ASP A 69 -5.64 2.95 11.47
C ASP A 69 -4.44 3.56 12.19
N VAL A 70 -3.28 2.97 12.05
CA VAL A 70 -2.07 3.50 12.73
C VAL A 70 -0.81 3.00 12.01
N PRO A 71 0.07 3.92 11.69
CA PRO A 71 1.32 3.56 10.99
C PRO A 71 2.29 2.86 11.96
N PRO A 72 2.53 1.59 11.72
CA PRO A 72 3.45 0.82 12.59
C PRO A 72 4.91 1.21 12.30
N PRO A 73 5.81 0.71 13.12
CA PRO A 73 7.25 1.02 12.94
C PRO A 73 7.81 0.28 11.72
N GLN A 74 8.05 0.98 10.65
CA GLN A 74 8.59 0.32 9.43
C GLN A 74 10.02 -0.15 9.67
N PRO A 75 10.46 -1.09 8.87
CA PRO A 75 11.84 -1.62 9.00
C PRO A 75 12.87 -0.60 8.51
N VAL A 76 13.77 -0.21 9.35
CA VAL A 76 14.81 0.79 8.93
C VAL A 76 16.16 0.44 9.56
N HIS A 77 17.10 -0.01 8.77
CA HIS A 77 18.44 -0.36 9.31
C HIS A 77 18.30 -1.35 10.48
N PRO A 78 17.82 -2.52 10.18
CA PRO A 78 17.64 -3.57 11.22
C PRO A 78 18.99 -4.14 11.64
N VAL A 79 19.35 -3.97 12.89
CA VAL A 79 20.66 -4.49 13.38
C VAL A 79 20.46 -5.81 14.13
N ALA A 80 21.50 -6.58 14.28
CA ALA A 80 21.37 -7.88 15.01
C ALA A 80 22.70 -8.26 15.68
N MET A 1 -22.23 1.94 6.76
CA MET A 1 -21.09 2.81 7.16
C MET A 1 -20.63 3.66 5.97
N GLY A 2 -20.19 4.86 6.23
CA GLY A 2 -19.72 5.74 5.12
C GLY A 2 -18.65 6.70 5.63
N PRO A 3 -18.57 7.85 5.02
CA PRO A 3 -17.58 8.87 5.44
C PRO A 3 -17.98 9.50 6.78
N LEU A 4 -19.25 9.52 7.07
CA LEU A 4 -19.71 10.11 8.35
C LEU A 4 -19.44 9.14 9.51
N GLY A 5 -18.47 9.44 10.33
CA GLY A 5 -18.16 8.53 11.48
C GLY A 5 -16.83 7.83 11.21
N SER A 6 -16.81 6.91 10.27
CA SER A 6 -15.53 6.19 9.96
C SER A 6 -14.76 6.93 8.87
N PRO A 7 -13.54 6.52 8.65
CA PRO A 7 -12.69 7.16 7.61
C PRO A 7 -13.18 6.78 6.21
N GLU A 8 -12.76 5.65 5.71
CA GLU A 8 -13.21 5.23 4.34
C GLU A 8 -12.79 3.78 4.07
N PHE A 9 -13.22 2.87 4.89
CA PHE A 9 -12.85 1.43 4.69
C PHE A 9 -11.33 1.28 4.57
N ALA A 10 -10.66 0.98 5.65
CA ALA A 10 -9.18 0.82 5.62
C ALA A 10 -8.53 2.11 5.09
N LYS A 11 -7.23 2.21 5.18
CA LYS A 11 -6.54 3.44 4.69
C LYS A 11 -5.07 3.13 4.36
N TYR A 12 -4.42 2.31 5.13
CA TYR A 12 -2.99 1.98 4.84
C TYR A 12 -2.87 0.53 4.36
N ALA A 13 -1.66 0.06 4.17
CA ALA A 13 -1.48 -1.34 3.70
C ALA A 13 -0.01 -1.76 3.77
N ARG A 14 0.25 -3.03 3.96
CA ARG A 14 1.66 -3.52 4.03
C ARG A 14 1.92 -4.49 2.88
N ALA A 15 2.78 -4.13 1.97
CA ALA A 15 3.08 -5.03 0.82
C ALA A 15 3.46 -6.43 1.31
N LEU A 16 2.75 -7.44 0.88
CA LEU A 16 3.05 -8.83 1.32
C LEU A 16 4.24 -9.39 0.53
N LYS A 17 4.68 -8.71 -0.48
CA LYS A 17 5.83 -9.21 -1.29
C LYS A 17 6.32 -8.11 -2.24
N ASP A 18 7.54 -8.21 -2.70
CA ASP A 18 8.08 -7.16 -3.61
C ASP A 18 7.22 -7.07 -4.88
N TYR A 19 7.00 -5.86 -5.35
CA TYR A 19 6.17 -5.69 -6.57
C TYR A 19 6.98 -4.97 -7.66
N ASN A 20 6.85 -5.40 -8.89
CA ASN A 20 7.60 -4.75 -10.00
C ASN A 20 6.64 -4.03 -10.95
N VAL A 21 7.09 -3.01 -11.61
CA VAL A 21 6.19 -2.26 -12.54
C VAL A 21 6.99 -1.74 -13.75
N SER A 22 6.37 -1.67 -14.90
CA SER A 22 7.08 -1.17 -16.11
C SER A 22 6.19 -0.19 -16.86
N ASP A 23 6.14 1.05 -16.44
CA ASP A 23 5.29 2.05 -17.14
C ASP A 23 5.91 3.45 -17.02
N THR A 24 5.62 4.17 -15.95
CA THR A 24 6.19 5.54 -15.80
C THR A 24 5.91 6.08 -14.38
N SER A 25 4.74 5.84 -13.87
CA SER A 25 4.42 6.36 -12.50
C SER A 25 3.85 5.24 -11.62
N LEU A 26 4.52 4.12 -11.58
CA LEU A 26 4.02 2.98 -10.74
C LEU A 26 4.67 3.03 -9.35
N LEU A 27 4.22 2.20 -8.45
CA LEU A 27 4.80 2.22 -7.08
C LEU A 27 5.40 0.84 -6.75
N PRO A 28 6.60 0.61 -7.22
CA PRO A 28 7.29 -0.67 -6.96
C PRO A 28 7.81 -0.71 -5.52
N PHE A 29 7.76 -1.84 -4.87
CA PHE A 29 8.26 -1.92 -3.47
C PHE A 29 8.74 -3.33 -3.15
N LYS A 30 9.23 -3.54 -1.97
CA LYS A 30 9.73 -4.90 -1.60
C LYS A 30 8.81 -5.54 -0.56
N ARG A 31 8.92 -6.84 -0.38
CA ARG A 31 8.06 -7.55 0.61
C ARG A 31 8.06 -6.82 1.96
N ASN A 32 7.24 -7.29 2.88
CA ASN A 32 7.16 -6.67 4.24
C ASN A 32 7.36 -5.16 4.20
N ASP A 33 6.73 -4.49 3.27
CA ASP A 33 6.89 -3.01 3.18
C ASP A 33 5.56 -2.32 3.51
N ILE A 34 5.60 -1.16 4.09
CA ILE A 34 4.34 -0.44 4.44
C ILE A 34 3.95 0.53 3.32
N ILE A 35 2.92 0.20 2.58
CA ILE A 35 2.48 1.10 1.48
C ILE A 35 1.44 2.09 2.01
N THR A 36 1.39 3.28 1.47
CA THR A 36 0.40 4.28 1.95
C THR A 36 -0.82 4.34 1.02
N ILE A 37 -1.76 3.44 1.21
CA ILE A 37 -2.97 3.46 0.34
C ILE A 37 -3.66 4.82 0.45
N THR A 38 -3.43 5.69 -0.50
CA THR A 38 -4.06 7.04 -0.46
C THR A 38 -5.21 7.14 -1.46
N PHE A 39 -5.28 6.24 -2.41
CA PHE A 39 -6.37 6.28 -3.42
C PHE A 39 -6.56 4.91 -4.06
N LYS A 40 -7.71 4.33 -3.90
CA LYS A 40 -7.96 2.98 -4.52
C LYS A 40 -8.36 3.14 -5.98
N ASP A 41 -8.87 2.09 -6.59
CA ASP A 41 -9.27 2.18 -8.02
C ASP A 41 -10.79 2.39 -8.14
N GLN A 42 -11.34 2.16 -9.30
CA GLN A 42 -12.81 2.35 -9.49
C GLN A 42 -13.57 1.12 -8.97
N GLU A 43 -12.96 -0.03 -9.05
CA GLU A 43 -13.63 -1.27 -8.57
C GLU A 43 -12.81 -1.92 -7.45
N ASN A 44 -12.03 -1.15 -6.76
CA ASN A 44 -11.19 -1.71 -5.65
C ASN A 44 -10.36 -2.91 -6.14
N LYS A 45 -9.77 -2.80 -7.31
CA LYS A 45 -8.96 -3.92 -7.83
C LYS A 45 -7.49 -3.72 -7.48
N TRP A 46 -6.98 -2.57 -7.80
CA TRP A 46 -5.57 -2.25 -7.48
C TRP A 46 -5.50 -0.80 -7.06
N PHE A 47 -4.92 -0.54 -5.93
CA PHE A 47 -4.89 0.84 -5.39
C PHE A 47 -3.70 1.65 -5.88
N MET A 48 -3.63 2.87 -5.43
CA MET A 48 -2.52 3.79 -5.78
C MET A 48 -2.14 4.60 -4.53
N GLY A 49 -0.92 4.54 -4.10
CA GLY A 49 -0.54 5.31 -2.88
C GLY A 49 0.91 5.76 -2.94
N GLN A 50 1.58 5.74 -1.83
CA GLN A 50 3.01 6.19 -1.80
C GLN A 50 3.77 5.48 -0.67
N LEU A 51 5.06 5.69 -0.59
CA LEU A 51 5.87 5.04 0.48
C LEU A 51 7.30 5.60 0.48
N ASN A 52 8.26 4.82 0.88
CA ASN A 52 9.68 5.30 0.92
C ASN A 52 10.08 5.99 -0.40
N GLY A 53 9.87 7.29 -0.48
CA GLY A 53 10.24 8.06 -1.70
C GLY A 53 9.71 7.36 -2.97
N LYS A 54 8.44 7.09 -3.04
CA LYS A 54 7.88 6.44 -4.26
C LYS A 54 6.37 6.65 -4.35
N GLU A 55 5.84 6.70 -5.54
CA GLU A 55 4.37 6.91 -5.70
C GLU A 55 3.88 6.25 -6.99
N GLY A 56 2.70 5.69 -6.99
CA GLY A 56 2.19 5.05 -8.23
C GLY A 56 1.02 4.12 -7.91
N SER A 57 0.93 3.02 -8.60
CA SER A 57 -0.20 2.06 -8.37
C SER A 57 0.32 0.66 -8.00
N PHE A 58 -0.59 -0.20 -7.61
CA PHE A 58 -0.17 -1.60 -7.24
C PHE A 58 -1.42 -2.46 -6.96
N PRO A 59 -1.40 -3.67 -7.47
CA PRO A 59 -2.56 -4.61 -7.30
C PRO A 59 -2.80 -4.98 -5.83
N VAL A 60 -4.05 -4.96 -5.43
CA VAL A 60 -4.42 -5.31 -4.02
C VAL A 60 -4.00 -6.75 -3.69
N ASP A 61 -3.65 -7.54 -4.68
CA ASP A 61 -3.29 -8.96 -4.42
C ASP A 61 -2.00 -9.07 -3.60
N HIS A 62 -0.99 -8.29 -3.91
CA HIS A 62 0.29 -8.40 -3.14
C HIS A 62 0.43 -7.26 -2.11
N VAL A 63 -0.59 -7.03 -1.33
CA VAL A 63 -0.52 -5.97 -0.28
C VAL A 63 -1.56 -6.23 0.80
N GLU A 64 -1.24 -5.97 2.04
CA GLU A 64 -2.22 -6.18 3.12
C GLU A 64 -2.91 -4.85 3.44
N ILE A 65 -4.00 -4.87 4.15
CA ILE A 65 -4.69 -3.58 4.45
C ILE A 65 -4.60 -3.25 5.95
N LEU A 66 -4.08 -2.09 6.26
CA LEU A 66 -3.97 -1.70 7.69
C LEU A 66 -5.14 -0.77 8.07
N LEU A 67 -6.15 -1.31 8.70
CA LEU A 67 -7.32 -0.47 9.09
C LEU A 67 -6.97 0.38 10.32
N SER A 68 -5.88 0.08 10.98
CA SER A 68 -5.49 0.87 12.19
C SER A 68 -5.13 2.30 11.80
N ASP A 69 -4.97 2.57 10.53
CA ASP A 69 -4.62 3.95 10.07
C ASP A 69 -3.25 4.37 10.64
N VAL A 70 -2.47 3.42 11.09
CA VAL A 70 -1.13 3.77 11.65
C VAL A 70 -0.12 2.66 11.34
N PRO A 71 0.88 2.98 10.55
CA PRO A 71 1.90 1.98 10.18
C PRO A 71 2.89 1.77 11.35
N PRO A 72 2.86 0.59 11.92
CA PRO A 72 3.76 0.29 13.04
C PRO A 72 5.26 0.17 12.61
N PRO A 73 5.64 -0.89 11.92
CA PRO A 73 7.06 -1.02 11.50
C PRO A 73 7.36 -0.06 10.34
N GLN A 74 8.61 0.25 10.12
CA GLN A 74 8.97 1.16 9.00
C GLN A 74 10.48 1.17 8.78
N PRO A 75 10.97 0.09 8.22
CA PRO A 75 12.43 -0.04 7.94
C PRO A 75 12.82 0.86 6.77
N VAL A 76 14.02 1.39 6.80
CA VAL A 76 14.47 2.28 5.68
C VAL A 76 15.96 2.03 5.38
N HIS A 77 16.25 1.41 4.27
CA HIS A 77 17.68 1.14 3.91
C HIS A 77 18.40 0.43 5.07
N PRO A 78 17.91 -0.74 5.40
CA PRO A 78 18.51 -1.53 6.51
C PRO A 78 19.87 -2.11 6.08
N VAL A 79 20.60 -2.66 7.01
CA VAL A 79 21.93 -3.25 6.66
C VAL A 79 22.18 -4.52 7.47
N ALA A 80 22.77 -5.51 6.87
CA ALA A 80 23.05 -6.78 7.61
C ALA A 80 24.28 -7.48 7.02
N MET A 1 -11.03 -8.95 22.78
CA MET A 1 -11.64 -9.92 21.82
C MET A 1 -13.17 -9.81 21.86
N GLY A 2 -13.71 -8.77 21.29
CA GLY A 2 -15.20 -8.60 21.29
C GLY A 2 -15.72 -8.65 19.85
N PRO A 3 -16.85 -8.02 19.63
CA PRO A 3 -17.44 -7.98 18.27
C PRO A 3 -16.65 -7.06 17.36
N LEU A 4 -16.35 -5.87 17.82
CA LEU A 4 -15.58 -4.88 16.99
C LEU A 4 -16.30 -4.62 15.66
N GLY A 5 -16.11 -5.45 14.68
CA GLY A 5 -16.78 -5.24 13.37
C GLY A 5 -15.81 -4.58 12.39
N SER A 6 -16.16 -4.52 11.14
CA SER A 6 -15.26 -3.88 10.13
C SER A 6 -16.01 -3.65 8.81
N PRO A 7 -16.65 -2.51 8.72
CA PRO A 7 -17.41 -2.16 7.50
C PRO A 7 -16.45 -1.80 6.35
N GLU A 8 -15.60 -2.71 5.96
CA GLU A 8 -14.64 -2.42 4.84
C GLU A 8 -13.92 -1.09 5.09
N PHE A 9 -13.72 -0.72 6.32
CA PHE A 9 -13.02 0.56 6.62
C PHE A 9 -11.53 0.31 6.86
N ALA A 10 -10.68 0.79 5.99
CA ALA A 10 -9.21 0.58 6.17
C ALA A 10 -8.49 1.92 6.09
N LYS A 11 -7.19 1.92 6.20
CA LYS A 11 -6.43 3.20 6.13
C LYS A 11 -5.06 2.97 5.50
N TYR A 12 -4.38 1.91 5.87
CA TYR A 12 -3.03 1.66 5.28
C TYR A 12 -2.95 0.24 4.71
N ALA A 13 -1.79 -0.15 4.24
CA ALA A 13 -1.62 -1.51 3.67
C ALA A 13 -0.15 -1.94 3.72
N ARG A 14 0.10 -3.21 3.90
CA ARG A 14 1.51 -3.69 3.96
C ARG A 14 1.80 -4.61 2.77
N ALA A 15 2.76 -4.26 1.95
CA ALA A 15 3.09 -5.11 0.77
C ALA A 15 3.44 -6.53 1.23
N LEU A 16 2.76 -7.51 0.71
CA LEU A 16 3.04 -8.92 1.11
C LEU A 16 4.31 -9.44 0.43
N LYS A 17 4.63 -8.93 -0.72
CA LYS A 17 5.86 -9.40 -1.43
C LYS A 17 6.50 -8.24 -2.19
N ASP A 18 7.49 -8.52 -3.00
CA ASP A 18 8.16 -7.43 -3.76
C ASP A 18 7.52 -7.27 -5.14
N TYR A 19 7.42 -6.07 -5.62
CA TYR A 19 6.80 -5.84 -6.97
C TYR A 19 7.49 -4.68 -7.68
N ASN A 20 7.52 -4.71 -8.99
CA ASN A 20 8.17 -3.60 -9.75
C ASN A 20 7.14 -2.91 -10.65
N VAL A 21 7.29 -1.61 -10.84
CA VAL A 21 6.33 -0.86 -11.69
C VAL A 21 6.64 -1.08 -13.17
N SER A 22 6.13 -2.12 -13.77
CA SER A 22 6.40 -2.32 -15.22
C SER A 22 5.45 -1.44 -16.01
N ASP A 23 5.75 -0.16 -16.07
CA ASP A 23 4.85 0.81 -16.83
C ASP A 23 5.19 2.26 -16.45
N THR A 24 5.93 2.47 -15.38
CA THR A 24 6.27 3.86 -14.93
C THR A 24 5.04 4.52 -14.31
N SER A 25 4.16 3.73 -13.76
CA SER A 25 2.93 4.29 -13.12
C SER A 25 2.76 3.71 -11.71
N LEU A 26 2.88 2.41 -11.59
CA LEU A 26 2.74 1.77 -10.25
C LEU A 26 3.81 2.30 -9.28
N LEU A 27 4.08 1.59 -8.21
CA LEU A 27 5.11 2.03 -7.25
C LEU A 27 5.98 0.82 -6.87
N PRO A 28 7.27 0.98 -7.00
CA PRO A 28 8.20 -0.13 -6.69
C PRO A 28 8.37 -0.30 -5.17
N PHE A 29 8.07 -1.46 -4.66
CA PHE A 29 8.23 -1.69 -3.20
C PHE A 29 8.66 -3.14 -2.95
N LYS A 30 9.45 -3.36 -1.92
CA LYS A 30 9.92 -4.75 -1.64
C LYS A 30 8.98 -5.44 -0.65
N ARG A 31 9.17 -6.72 -0.44
CA ARG A 31 8.29 -7.48 0.51
C ARG A 31 8.17 -6.74 1.85
N ASN A 32 7.34 -7.25 2.73
CA ASN A 32 7.14 -6.62 4.07
C ASN A 32 7.25 -5.09 4.01
N ASP A 33 6.61 -4.49 3.06
CA ASP A 33 6.67 -2.99 2.94
C ASP A 33 5.36 -2.37 3.42
N ILE A 34 5.38 -1.12 3.78
CA ILE A 34 4.12 -0.46 4.25
C ILE A 34 3.61 0.52 3.18
N ILE A 35 2.65 0.11 2.41
CA ILE A 35 2.09 1.01 1.35
C ILE A 35 1.23 2.10 2.01
N THR A 36 1.66 3.33 1.90
CA THR A 36 0.88 4.45 2.50
C THR A 36 -0.36 4.74 1.66
N ILE A 37 -1.39 3.96 1.79
CA ILE A 37 -2.63 4.19 0.99
C ILE A 37 -3.11 5.63 1.19
N THR A 38 -2.90 6.46 0.20
CA THR A 38 -3.35 7.88 0.31
C THR A 38 -4.53 8.14 -0.62
N PHE A 39 -4.72 7.31 -1.62
CA PHE A 39 -5.85 7.50 -2.56
C PHE A 39 -6.35 6.15 -3.06
N LYS A 40 -7.47 5.70 -2.57
CA LYS A 40 -8.02 4.38 -3.02
C LYS A 40 -9.08 4.58 -4.11
N ASP A 41 -9.32 3.58 -4.90
CA ASP A 41 -10.34 3.70 -5.98
C ASP A 41 -11.53 2.79 -5.69
N GLN A 42 -12.55 2.83 -6.50
CA GLN A 42 -13.74 1.97 -6.26
C GLN A 42 -13.65 0.70 -7.12
N GLU A 43 -12.46 0.28 -7.44
CA GLU A 43 -12.30 -0.95 -8.28
C GLU A 43 -11.53 -2.03 -7.51
N ASN A 44 -10.89 -1.68 -6.43
CA ASN A 44 -10.12 -2.69 -5.64
C ASN A 44 -9.14 -3.43 -6.54
N LYS A 45 -8.69 -2.80 -7.60
CA LYS A 45 -7.72 -3.46 -8.53
C LYS A 45 -6.44 -2.63 -8.62
N TRP A 46 -6.56 -1.33 -8.70
CA TRP A 46 -5.36 -0.47 -8.79
C TRP A 46 -5.34 0.55 -7.65
N PHE A 47 -4.56 0.31 -6.64
CA PHE A 47 -4.50 1.26 -5.49
C PHE A 47 -3.43 2.33 -5.73
N MET A 48 -3.52 3.43 -5.05
CA MET A 48 -2.50 4.51 -5.22
C MET A 48 -1.98 4.93 -3.84
N GLY A 49 -0.73 4.72 -3.58
CA GLY A 49 -0.17 5.09 -2.24
C GLY A 49 1.30 5.44 -2.37
N GLN A 50 1.95 5.72 -1.27
CA GLN A 50 3.39 6.06 -1.30
C GLN A 50 4.18 5.15 -0.36
N LEU A 51 5.45 5.40 -0.22
CA LEU A 51 6.28 4.56 0.67
C LEU A 51 7.66 5.22 0.87
N ASN A 52 8.71 4.45 0.94
CA ASN A 52 10.08 5.04 1.13
C ASN A 52 10.36 6.12 0.09
N GLY A 53 10.01 7.36 0.38
CA GLY A 53 10.27 8.47 -0.57
C GLY A 53 9.79 8.11 -1.98
N LYS A 54 8.83 7.23 -2.10
CA LYS A 54 8.35 6.84 -3.45
C LYS A 54 6.83 7.04 -3.57
N GLU A 55 6.30 6.99 -4.76
CA GLU A 55 4.84 7.18 -4.97
C GLU A 55 4.40 6.53 -6.27
N GLY A 56 3.24 5.91 -6.29
CA GLY A 56 2.78 5.26 -7.55
C GLY A 56 1.61 4.32 -7.26
N SER A 57 1.24 3.54 -8.24
CA SER A 57 0.10 2.58 -8.07
C SER A 57 0.62 1.15 -7.87
N PHE A 58 -0.28 0.21 -7.77
CA PHE A 58 0.14 -1.23 -7.60
C PHE A 58 -1.10 -2.13 -7.55
N PRO A 59 -0.94 -3.34 -8.05
CA PRO A 59 -2.07 -4.31 -8.07
C PRO A 59 -2.42 -4.80 -6.67
N VAL A 60 -3.70 -4.86 -6.37
CA VAL A 60 -4.14 -5.34 -5.02
C VAL A 60 -3.80 -6.83 -4.84
N ASP A 61 -3.37 -7.49 -5.89
CA ASP A 61 -3.03 -8.93 -5.79
C ASP A 61 -1.91 -9.17 -4.77
N HIS A 62 -1.18 -8.14 -4.40
CA HIS A 62 -0.07 -8.36 -3.42
C HIS A 62 0.05 -7.19 -2.42
N VAL A 63 -0.95 -7.01 -1.60
CA VAL A 63 -0.90 -5.91 -0.58
C VAL A 63 -1.85 -6.22 0.57
N GLU A 64 -1.41 -6.04 1.79
CA GLU A 64 -2.30 -6.31 2.94
C GLU A 64 -2.98 -5.00 3.36
N ILE A 65 -3.95 -5.05 4.23
CA ILE A 65 -4.63 -3.80 4.65
C ILE A 65 -4.53 -3.61 6.16
N LEU A 66 -3.83 -2.60 6.60
CA LEU A 66 -3.69 -2.35 8.06
C LEU A 66 -4.87 -1.52 8.56
N LEU A 67 -5.76 -2.11 9.31
CA LEU A 67 -6.94 -1.37 9.82
C LEU A 67 -6.57 -0.57 11.08
N SER A 68 -5.34 -0.64 11.51
CA SER A 68 -4.91 0.12 12.73
C SER A 68 -5.12 1.62 12.53
N ASP A 69 -5.27 2.06 11.30
CA ASP A 69 -5.47 3.52 11.03
C ASP A 69 -4.26 4.31 11.53
N VAL A 70 -3.11 3.71 11.56
CA VAL A 70 -1.88 4.43 12.02
C VAL A 70 -0.65 3.92 11.25
N PRO A 71 0.25 4.82 10.96
CA PRO A 71 1.48 4.46 10.21
C PRO A 71 2.45 3.67 11.11
N PRO A 72 2.61 2.41 10.81
CA PRO A 72 3.53 1.56 11.60
C PRO A 72 4.99 1.80 11.18
N PRO A 73 5.90 1.23 11.93
CA PRO A 73 7.34 1.40 11.61
C PRO A 73 7.71 0.58 10.37
N GLN A 74 8.08 1.23 9.30
CA GLN A 74 8.45 0.49 8.06
C GLN A 74 9.96 0.23 8.02
N PRO A 75 10.35 -0.77 7.26
CA PRO A 75 11.79 -1.12 7.14
C PRO A 75 12.52 -0.07 6.30
N VAL A 76 13.82 0.02 6.44
CA VAL A 76 14.60 1.01 5.64
C VAL A 76 15.98 0.45 5.30
N HIS A 77 16.22 0.13 4.06
CA HIS A 77 17.55 -0.42 3.67
C HIS A 77 18.50 0.72 3.31
N PRO A 78 19.71 0.63 3.82
CA PRO A 78 20.72 1.69 3.54
C PRO A 78 21.23 1.57 2.10
N VAL A 79 21.23 2.65 1.37
CA VAL A 79 21.71 2.60 -0.04
C VAL A 79 23.20 2.23 -0.08
N ALA A 80 23.68 1.75 -1.19
CA ALA A 80 25.11 1.37 -1.29
C ALA A 80 25.97 2.63 -1.48
N MET A 1 -22.20 20.08 8.27
CA MET A 1 -21.49 18.90 7.71
C MET A 1 -22.45 17.71 7.61
N GLY A 2 -23.31 17.55 8.57
CA GLY A 2 -24.28 16.41 8.53
C GLY A 2 -23.59 15.13 9.02
N PRO A 3 -24.07 14.01 8.56
CA PRO A 3 -23.49 12.71 8.95
C PRO A 3 -22.14 12.51 8.27
N LEU A 4 -21.61 11.31 8.33
CA LEU A 4 -20.29 11.04 7.68
C LEU A 4 -20.47 10.85 6.16
N GLY A 5 -21.41 10.04 5.76
CA GLY A 5 -21.63 9.82 4.31
C GLY A 5 -21.14 8.42 3.92
N SER A 6 -20.12 8.35 3.09
CA SER A 6 -19.59 7.02 2.67
C SER A 6 -18.86 6.35 3.84
N PRO A 7 -18.69 5.07 3.73
CA PRO A 7 -17.99 4.30 4.80
C PRO A 7 -16.49 4.59 4.76
N GLU A 8 -15.83 4.54 5.88
CA GLU A 8 -14.36 4.82 5.93
C GLU A 8 -13.63 3.67 6.64
N PHE A 9 -13.18 2.70 5.90
CA PHE A 9 -12.45 1.56 6.53
C PHE A 9 -11.03 1.47 5.98
N ALA A 10 -10.18 0.70 6.62
CA ALA A 10 -8.77 0.56 6.14
C ALA A 10 -8.08 1.93 6.06
N LYS A 11 -7.06 2.13 6.83
CA LYS A 11 -6.34 3.44 6.81
C LYS A 11 -5.00 3.30 6.07
N TYR A 12 -4.36 2.17 6.19
CA TYR A 12 -3.05 1.97 5.51
C TYR A 12 -2.90 0.52 5.06
N ALA A 13 -1.77 0.19 4.48
CA ALA A 13 -1.57 -1.21 4.01
C ALA A 13 -0.09 -1.61 4.13
N ARG A 14 0.21 -2.87 3.90
CA ARG A 14 1.62 -3.34 4.00
C ARG A 14 1.93 -4.28 2.83
N ALA A 15 2.88 -3.94 2.00
CA ALA A 15 3.24 -4.82 0.85
C ALA A 15 3.45 -6.26 1.34
N LEU A 16 2.64 -7.17 0.86
CA LEU A 16 2.76 -8.59 1.29
C LEU A 16 3.87 -9.30 0.52
N LYS A 17 4.29 -8.76 -0.59
CA LYS A 17 5.39 -9.41 -1.38
C LYS A 17 6.14 -8.35 -2.19
N ASP A 18 7.00 -8.76 -3.09
CA ASP A 18 7.78 -7.78 -3.90
C ASP A 18 7.07 -7.46 -5.21
N TYR A 19 7.15 -6.23 -5.66
CA TYR A 19 6.48 -5.83 -6.92
C TYR A 19 7.45 -5.08 -7.83
N ASN A 20 7.29 -5.20 -9.12
CA ASN A 20 8.20 -4.49 -10.07
C ASN A 20 7.39 -3.98 -11.26
N VAL A 21 7.05 -2.71 -11.26
CA VAL A 21 6.27 -2.14 -12.40
C VAL A 21 6.97 -0.90 -12.95
N SER A 22 7.23 -0.88 -14.23
CA SER A 22 7.91 0.30 -14.83
C SER A 22 7.20 0.72 -16.12
N ASP A 23 6.13 1.47 -16.00
CA ASP A 23 5.39 1.91 -17.22
C ASP A 23 5.35 3.44 -17.28
N THR A 24 4.68 4.06 -16.36
CA THR A 24 4.60 5.55 -16.35
C THR A 24 4.36 6.06 -14.92
N SER A 25 3.30 5.62 -14.30
CA SER A 25 3.01 6.07 -12.91
C SER A 25 2.84 4.85 -12.00
N LEU A 26 3.70 3.88 -12.14
CA LEU A 26 3.60 2.66 -11.29
C LEU A 26 4.39 2.85 -9.99
N LEU A 27 4.35 1.90 -9.10
CA LEU A 27 5.09 2.02 -7.82
C LEU A 27 5.55 0.65 -7.33
N PRO A 28 6.80 0.33 -7.60
CA PRO A 28 7.36 -0.97 -7.17
C PRO A 28 7.75 -0.92 -5.69
N PHE A 29 7.80 -2.04 -5.03
CA PHE A 29 8.18 -2.04 -3.58
C PHE A 29 8.69 -3.43 -3.18
N LYS A 30 9.09 -3.57 -1.94
CA LYS A 30 9.60 -4.89 -1.47
C LYS A 30 8.64 -5.52 -0.44
N ARG A 31 8.74 -6.81 -0.27
CA ARG A 31 7.84 -7.50 0.72
C ARG A 31 7.89 -6.81 2.08
N ASN A 32 7.07 -7.28 3.01
CA ASN A 32 7.03 -6.69 4.39
C ASN A 32 7.30 -5.18 4.36
N ASP A 33 6.59 -4.45 3.54
CA ASP A 33 6.80 -2.98 3.47
C ASP A 33 5.49 -2.25 3.80
N ILE A 34 5.56 -1.08 4.37
CA ILE A 34 4.32 -0.34 4.71
C ILE A 34 3.97 0.64 3.58
N ILE A 35 2.96 0.34 2.82
CA ILE A 35 2.57 1.24 1.70
C ILE A 35 1.47 2.20 2.15
N THR A 36 1.75 3.47 2.12
CA THR A 36 0.72 4.46 2.53
C THR A 36 -0.39 4.51 1.48
N ILE A 37 -1.33 3.59 1.56
CA ILE A 37 -2.44 3.57 0.56
C ILE A 37 -3.05 4.97 0.40
N THR A 38 -2.90 5.55 -0.76
CA THR A 38 -3.45 6.92 -1.00
C THR A 38 -4.88 6.81 -1.54
N PHE A 39 -5.16 5.78 -2.30
CA PHE A 39 -6.53 5.62 -2.85
C PHE A 39 -6.72 4.19 -3.39
N LYS A 40 -7.16 3.31 -2.55
CA LYS A 40 -7.39 1.89 -2.99
C LYS A 40 -8.61 1.84 -3.92
N ASP A 41 -9.49 0.89 -3.73
CA ASP A 41 -10.70 0.80 -4.60
C ASP A 41 -10.31 0.70 -6.08
N GLN A 42 -10.35 1.79 -6.81
CA GLN A 42 -9.98 1.77 -8.26
C GLN A 42 -10.85 0.75 -9.02
N GLU A 43 -10.52 -0.51 -8.92
CA GLU A 43 -11.33 -1.56 -9.62
C GLU A 43 -11.20 -2.90 -8.89
N ASN A 44 -10.99 -2.87 -7.60
CA ASN A 44 -10.85 -4.13 -6.81
C ASN A 44 -9.72 -4.99 -7.38
N LYS A 45 -8.82 -4.41 -8.12
CA LYS A 45 -7.69 -5.20 -8.69
C LYS A 45 -6.46 -4.32 -8.93
N TRP A 46 -6.44 -3.14 -8.36
CA TRP A 46 -5.27 -2.24 -8.56
C TRP A 46 -5.27 -1.14 -7.49
N PHE A 47 -4.87 -1.47 -6.29
CA PHE A 47 -4.85 -0.44 -5.20
C PHE A 47 -3.86 0.67 -5.55
N MET A 48 -4.09 1.86 -5.05
CA MET A 48 -3.16 2.99 -5.32
C MET A 48 -2.40 3.32 -4.03
N GLY A 49 -1.12 3.09 -4.00
CA GLY A 49 -0.34 3.38 -2.76
C GLY A 49 0.87 4.23 -3.09
N GLN A 50 1.44 4.86 -2.09
CA GLN A 50 2.64 5.72 -2.32
C GLN A 50 3.60 5.58 -1.14
N LEU A 51 4.88 5.63 -1.39
CA LEU A 51 5.86 5.50 -0.27
C LEU A 51 7.27 5.87 -0.75
N ASN A 52 8.28 5.46 -0.03
CA ASN A 52 9.68 5.78 -0.42
C ASN A 52 9.88 5.67 -1.93
N GLY A 53 9.93 6.79 -2.62
CA GLY A 53 10.13 6.75 -4.08
C GLY A 53 9.02 7.55 -4.77
N LYS A 54 7.80 7.06 -4.73
CA LYS A 54 6.69 7.82 -5.40
C LYS A 54 5.34 7.10 -5.18
N GLU A 55 4.38 7.40 -6.00
CA GLU A 55 3.03 6.76 -5.87
C GLU A 55 2.72 5.97 -7.14
N GLY A 56 2.00 4.88 -7.02
CA GLY A 56 1.68 4.08 -8.23
C GLY A 56 0.53 3.11 -7.94
N SER A 57 0.56 1.95 -8.55
CA SER A 57 -0.54 0.96 -8.32
C SER A 57 0.02 -0.44 -8.11
N PHE A 58 -0.84 -1.37 -7.77
CA PHE A 58 -0.40 -2.79 -7.55
C PHE A 58 -1.61 -3.67 -7.26
N PRO A 59 -1.42 -4.96 -7.33
CA PRO A 59 -2.53 -5.92 -7.09
C PRO A 59 -2.98 -5.87 -5.62
N VAL A 60 -4.27 -5.93 -5.40
CA VAL A 60 -4.81 -5.87 -4.01
C VAL A 60 -4.11 -6.89 -3.10
N ASP A 61 -3.95 -8.11 -3.55
CA ASP A 61 -3.28 -9.14 -2.72
C ASP A 61 -1.82 -8.77 -2.46
N HIS A 62 -1.31 -7.79 -3.14
CA HIS A 62 0.12 -7.39 -2.93
C HIS A 62 0.28 -6.58 -1.65
N VAL A 63 -0.79 -6.20 -1.02
CA VAL A 63 -0.66 -5.41 0.23
C VAL A 63 -1.73 -5.80 1.25
N GLU A 64 -1.35 -5.94 2.48
CA GLU A 64 -2.33 -6.28 3.54
C GLU A 64 -2.84 -4.96 4.14
N ILE A 65 -4.12 -4.83 4.35
CA ILE A 65 -4.66 -3.55 4.88
C ILE A 65 -4.55 -3.49 6.41
N LEU A 66 -4.02 -2.42 6.92
CA LEU A 66 -3.90 -2.26 8.40
C LEU A 66 -4.95 -1.28 8.89
N LEU A 67 -5.94 -1.76 9.59
CA LEU A 67 -7.02 -0.86 10.10
C LEU A 67 -6.65 -0.32 11.49
N SER A 68 -5.50 -0.70 12.00
CA SER A 68 -5.10 -0.21 13.36
C SER A 68 -4.69 1.27 13.31
N ASP A 69 -5.56 2.12 12.82
CA ASP A 69 -5.24 3.58 12.74
C ASP A 69 -3.98 3.83 11.91
N VAL A 70 -2.82 3.62 12.48
CA VAL A 70 -1.56 3.84 11.71
C VAL A 70 -0.74 2.54 11.64
N PRO A 71 -0.11 2.31 10.52
CA PRO A 71 0.72 1.09 10.34
C PRO A 71 2.05 1.23 11.09
N PRO A 72 2.56 0.12 11.56
CA PRO A 72 3.85 0.13 12.29
C PRO A 72 5.02 0.35 11.31
N PRO A 73 5.98 1.13 11.74
CA PRO A 73 7.16 1.40 10.86
C PRO A 73 8.05 0.17 10.76
N GLN A 74 8.06 -0.48 9.63
CA GLN A 74 8.92 -1.69 9.47
C GLN A 74 10.41 -1.29 9.46
N PRO A 75 10.77 -0.34 8.63
CA PRO A 75 12.19 0.10 8.57
C PRO A 75 12.54 0.91 9.83
N VAL A 76 13.19 0.29 10.78
CA VAL A 76 13.57 1.01 12.03
C VAL A 76 14.51 0.14 12.87
N HIS A 77 15.70 0.61 13.14
CA HIS A 77 16.67 -0.17 13.95
C HIS A 77 16.83 -1.59 13.38
N PRO A 78 17.68 -1.72 12.40
CA PRO A 78 17.93 -3.04 11.77
C PRO A 78 18.71 -3.95 12.71
N VAL A 79 18.03 -4.75 13.49
CA VAL A 79 18.74 -5.66 14.43
C VAL A 79 19.39 -6.82 13.67
N ALA A 80 20.45 -7.36 14.20
CA ALA A 80 21.14 -8.49 13.50
C ALA A 80 20.37 -9.80 13.71
N MET A 1 -7.56 22.02 2.16
CA MET A 1 -7.62 21.21 0.91
C MET A 1 -7.85 19.73 1.25
N GLY A 2 -9.08 19.32 1.36
CA GLY A 2 -9.36 17.89 1.69
C GLY A 2 -10.78 17.77 2.26
N PRO A 3 -11.76 17.96 1.40
CA PRO A 3 -13.17 17.86 1.83
C PRO A 3 -13.56 16.41 2.09
N LEU A 4 -14.10 16.12 3.25
CA LEU A 4 -14.50 14.73 3.56
C LEU A 4 -15.97 14.50 3.19
N GLY A 5 -16.25 13.46 2.45
CA GLY A 5 -17.67 13.19 2.06
C GLY A 5 -18.09 11.82 2.59
N SER A 6 -17.24 10.83 2.45
CA SER A 6 -17.59 9.47 2.95
C SER A 6 -16.32 8.70 3.30
N PRO A 7 -16.49 7.63 4.05
CA PRO A 7 -15.34 6.79 4.46
C PRO A 7 -14.81 5.99 3.26
N GLU A 8 -13.96 6.58 2.47
CA GLU A 8 -13.40 5.86 1.29
C GLU A 8 -11.90 5.66 1.45
N PHE A 9 -11.43 5.59 2.66
CA PHE A 9 -9.96 5.40 2.90
C PHE A 9 -9.71 4.09 3.63
N ALA A 10 -8.50 3.59 3.56
CA ALA A 10 -8.17 2.30 4.25
C ALA A 10 -7.03 2.51 5.24
N LYS A 11 -6.91 3.70 5.77
CA LYS A 11 -5.82 3.99 6.76
C LYS A 11 -4.45 3.75 6.10
N TYR A 12 -4.01 2.52 6.07
CA TYR A 12 -2.67 2.22 5.45
C TYR A 12 -2.63 0.76 4.99
N ALA A 13 -1.52 0.32 4.46
CA ALA A 13 -1.41 -1.09 4.01
C ALA A 13 0.03 -1.58 4.11
N ARG A 14 0.22 -2.87 4.04
CA ARG A 14 1.60 -3.44 4.13
C ARG A 14 1.88 -4.32 2.91
N ALA A 15 2.93 -4.04 2.18
CA ALA A 15 3.25 -4.88 0.98
C ALA A 15 3.39 -6.34 1.39
N LEU A 16 2.58 -7.19 0.82
CA LEU A 16 2.63 -8.65 1.17
C LEU A 16 3.79 -9.34 0.44
N LYS A 17 4.21 -8.82 -0.69
CA LYS A 17 5.34 -9.46 -1.43
C LYS A 17 6.13 -8.38 -2.20
N ASP A 18 6.99 -8.79 -3.10
CA ASP A 18 7.80 -7.80 -3.87
C ASP A 18 7.12 -7.46 -5.21
N TYR A 19 7.19 -6.22 -5.62
CA TYR A 19 6.56 -5.81 -6.90
C TYR A 19 7.56 -5.04 -7.77
N ASN A 20 7.38 -5.11 -9.07
CA ASN A 20 8.30 -4.38 -9.99
C ASN A 20 7.52 -3.87 -11.21
N VAL A 21 7.03 -2.66 -11.15
CA VAL A 21 6.25 -2.10 -12.29
C VAL A 21 6.80 -0.73 -12.69
N SER A 22 7.03 -0.52 -13.96
CA SER A 22 7.55 0.81 -14.42
C SER A 22 6.79 1.27 -15.66
N ASP A 23 5.63 1.85 -15.47
CA ASP A 23 4.83 2.33 -16.64
C ASP A 23 4.57 3.83 -16.52
N THR A 24 5.57 4.60 -16.14
CA THR A 24 5.39 6.07 -16.00
C THR A 24 4.31 6.38 -14.96
N SER A 25 3.94 5.43 -14.15
CA SER A 25 2.89 5.68 -13.12
C SER A 25 2.72 4.46 -12.21
N LEU A 26 3.74 3.64 -12.09
CA LEU A 26 3.64 2.44 -11.23
C LEU A 26 4.49 2.61 -9.97
N LEU A 27 4.21 1.86 -8.95
CA LEU A 27 4.99 1.97 -7.69
C LEU A 27 5.55 0.60 -7.26
N PRO A 28 6.81 0.39 -7.53
CA PRO A 28 7.45 -0.89 -7.15
C PRO A 28 7.90 -0.87 -5.69
N PHE A 29 7.93 -2.00 -5.04
CA PHE A 29 8.36 -2.03 -3.62
C PHE A 29 8.84 -3.43 -3.24
N LYS A 30 9.10 -3.66 -1.98
CA LYS A 30 9.58 -5.01 -1.55
C LYS A 30 8.60 -5.66 -0.57
N ARG A 31 8.76 -6.93 -0.32
CA ARG A 31 7.84 -7.63 0.62
C ARG A 31 7.86 -6.96 2.00
N ASN A 32 7.02 -7.43 2.90
CA ASN A 32 6.95 -6.85 4.29
C ASN A 32 7.23 -5.35 4.29
N ASP A 33 6.52 -4.59 3.51
CA ASP A 33 6.73 -3.12 3.48
C ASP A 33 5.44 -2.40 3.86
N ILE A 34 5.48 -1.10 4.04
CA ILE A 34 4.25 -0.36 4.40
C ILE A 34 3.96 0.73 3.37
N ILE A 35 3.01 0.51 2.51
CA ILE A 35 2.69 1.52 1.47
C ILE A 35 1.62 2.48 2.00
N THR A 36 1.80 3.76 1.79
CA THR A 36 0.80 4.75 2.28
C THR A 36 -0.46 4.71 1.41
N ILE A 37 -1.40 3.86 1.76
CA ILE A 37 -2.65 3.76 0.94
C ILE A 37 -3.26 5.15 0.76
N THR A 38 -3.13 5.73 -0.40
CA THR A 38 -3.70 7.09 -0.64
C THR A 38 -5.01 6.99 -1.44
N PHE A 39 -5.22 5.89 -2.12
CA PHE A 39 -6.48 5.75 -2.92
C PHE A 39 -6.66 4.29 -3.37
N LYS A 40 -7.62 3.60 -2.82
CA LYS A 40 -7.86 2.19 -3.23
C LYS A 40 -8.46 2.14 -4.63
N ASP A 41 -9.11 1.06 -4.98
CA ASP A 41 -9.71 0.95 -6.33
C ASP A 41 -11.08 0.29 -6.25
N GLN A 42 -11.97 0.58 -7.18
CA GLN A 42 -13.32 -0.04 -7.15
C GLN A 42 -13.36 -1.24 -8.10
N GLU A 43 -12.24 -1.87 -8.31
CA GLU A 43 -12.22 -3.05 -9.23
C GLU A 43 -11.66 -4.28 -8.49
N ASN A 44 -11.27 -4.13 -7.25
CA ASN A 44 -10.71 -5.30 -6.49
C ASN A 44 -9.58 -5.96 -7.28
N LYS A 45 -8.74 -5.17 -7.90
CA LYS A 45 -7.61 -5.75 -8.69
C LYS A 45 -6.37 -4.85 -8.59
N TRP A 46 -6.53 -3.58 -8.85
CA TRP A 46 -5.36 -2.65 -8.77
C TRP A 46 -5.54 -1.68 -7.59
N PHE A 47 -4.49 -0.97 -7.24
CA PHE A 47 -4.60 -0.02 -6.11
C PHE A 47 -3.68 1.19 -6.35
N MET A 48 -3.66 2.13 -5.44
CA MET A 48 -2.78 3.32 -5.61
C MET A 48 -2.20 3.72 -4.25
N GLY A 49 -0.91 3.66 -4.09
CA GLY A 49 -0.29 4.02 -2.79
C GLY A 49 1.02 4.77 -3.01
N GLN A 50 1.68 5.13 -1.95
CA GLN A 50 2.97 5.87 -2.08
C GLN A 50 3.88 5.58 -0.87
N LEU A 51 5.16 5.64 -1.05
CA LEU A 51 6.09 5.37 0.09
C LEU A 51 7.41 6.16 -0.10
N ASN A 52 8.54 5.54 0.14
CA ASN A 52 9.85 6.26 -0.01
C ASN A 52 9.92 7.00 -1.35
N GLY A 53 9.48 8.24 -1.38
CA GLY A 53 9.53 9.05 -2.64
C GLY A 53 9.12 8.20 -3.84
N LYS A 54 8.06 7.44 -3.74
CA LYS A 54 7.63 6.59 -4.89
C LYS A 54 6.10 6.45 -4.92
N GLU A 55 5.48 6.95 -5.95
CA GLU A 55 3.99 6.86 -6.07
C GLU A 55 3.63 5.97 -7.27
N GLY A 56 2.51 5.30 -7.21
CA GLY A 56 2.11 4.43 -8.35
C GLY A 56 0.94 3.53 -7.96
N SER A 57 0.94 2.31 -8.43
CA SER A 57 -0.17 1.37 -8.11
C SER A 57 0.34 -0.05 -7.84
N PHE A 58 -0.54 -0.93 -7.47
CA PHE A 58 -0.13 -2.35 -7.22
C PHE A 58 -1.38 -3.23 -7.02
N PRO A 59 -1.19 -4.51 -7.15
CA PRO A 59 -2.33 -5.46 -7.01
C PRO A 59 -2.79 -5.54 -5.55
N VAL A 60 -4.07 -5.74 -5.34
CA VAL A 60 -4.62 -5.80 -3.94
C VAL A 60 -3.87 -6.84 -3.09
N ASP A 61 -3.83 -8.07 -3.53
CA ASP A 61 -3.11 -9.12 -2.74
C ASP A 61 -1.67 -8.69 -2.43
N HIS A 62 -1.17 -7.71 -3.14
CA HIS A 62 0.23 -7.24 -2.89
C HIS A 62 0.32 -6.39 -1.63
N VAL A 63 -0.80 -5.94 -1.13
CA VAL A 63 -0.74 -5.09 0.09
C VAL A 63 -1.92 -5.39 1.02
N GLU A 64 -1.63 -5.66 2.26
CA GLU A 64 -2.73 -5.92 3.23
C GLU A 64 -3.12 -4.60 3.89
N ILE A 65 -4.38 -4.33 4.02
CA ILE A 65 -4.81 -3.02 4.60
C ILE A 65 -4.85 -3.08 6.13
N LEU A 66 -4.18 -2.15 6.77
CA LEU A 66 -4.19 -2.10 8.25
C LEU A 66 -5.11 -0.97 8.70
N LEU A 67 -6.06 -1.25 9.55
CA LEU A 67 -6.99 -0.19 10.00
C LEU A 67 -6.45 0.50 11.26
N SER A 68 -6.71 -0.07 12.42
CA SER A 68 -6.22 0.56 13.68
C SER A 68 -5.54 -0.47 14.58
N ASP A 69 -6.26 -1.50 14.96
CA ASP A 69 -5.67 -2.55 15.85
C ASP A 69 -4.30 -2.99 15.35
N VAL A 70 -4.01 -2.78 14.09
CA VAL A 70 -2.68 -3.20 13.56
C VAL A 70 -1.83 -1.96 13.22
N PRO A 71 -0.75 -1.80 13.94
CA PRO A 71 0.15 -0.65 13.70
C PRO A 71 1.17 -0.97 12.60
N PRO A 72 1.14 -0.20 11.54
CA PRO A 72 2.08 -0.42 10.42
C PRO A 72 3.49 0.05 10.81
N PRO A 73 4.40 -0.88 10.92
CA PRO A 73 5.79 -0.54 11.30
C PRO A 73 6.50 0.17 10.14
N GLN A 74 7.77 0.43 10.28
CA GLN A 74 8.52 1.12 9.19
C GLN A 74 10.00 0.72 9.22
N PRO A 75 10.29 -0.46 8.75
CA PRO A 75 11.68 -0.96 8.73
C PRO A 75 12.50 -0.23 7.66
N VAL A 76 13.79 -0.37 7.69
CA VAL A 76 14.65 0.31 6.66
C VAL A 76 16.07 -0.25 6.72
N HIS A 77 16.55 -0.76 5.61
CA HIS A 77 17.94 -1.32 5.59
C HIS A 77 18.95 -0.24 5.18
N PRO A 78 19.75 0.19 6.12
CA PRO A 78 20.76 1.23 5.83
C PRO A 78 21.91 0.66 4.99
N VAL A 79 22.23 1.29 3.90
CA VAL A 79 23.32 0.78 3.02
C VAL A 79 24.69 1.17 3.62
N ALA A 80 25.29 0.28 4.35
CA ALA A 80 26.62 0.59 4.96
C ALA A 80 27.76 0.15 4.02
N MET A 1 -22.54 15.51 5.77
CA MET A 1 -22.00 14.16 5.43
C MET A 1 -21.10 14.25 4.19
N GLY A 2 -20.12 13.40 4.10
CA GLY A 2 -19.20 13.43 2.92
C GLY A 2 -17.76 13.18 3.38
N PRO A 3 -17.13 14.22 3.88
CA PRO A 3 -15.74 14.09 4.36
C PRO A 3 -15.69 13.32 5.68
N LEU A 4 -14.53 12.87 6.08
CA LEU A 4 -14.42 12.10 7.36
C LEU A 4 -15.41 10.93 7.37
N GLY A 5 -15.68 10.37 6.23
CA GLY A 5 -16.64 9.22 6.16
C GLY A 5 -16.81 8.78 4.70
N SER A 6 -15.99 7.88 4.24
CA SER A 6 -16.10 7.41 2.84
C SER A 6 -16.08 5.87 2.78
N PRO A 7 -16.66 5.33 1.75
CA PRO A 7 -16.70 3.86 1.58
C PRO A 7 -15.31 3.33 1.21
N GLU A 8 -14.39 3.32 2.14
CA GLU A 8 -13.02 2.82 1.85
C GLU A 8 -12.53 1.90 2.98
N PHE A 9 -12.36 2.44 4.16
CA PHE A 9 -11.88 1.62 5.31
C PHE A 9 -10.59 0.88 4.94
N ALA A 10 -9.46 1.44 5.27
CA ALA A 10 -8.16 0.76 4.93
C ALA A 10 -7.01 1.45 5.65
N LYS A 11 -7.04 2.76 5.75
CA LYS A 11 -5.94 3.51 6.42
C LYS A 11 -4.62 3.32 5.66
N TYR A 12 -3.97 2.19 5.83
CA TYR A 12 -2.69 1.95 5.11
C TYR A 12 -2.64 0.52 4.59
N ALA A 13 -1.53 0.11 4.05
CA ALA A 13 -1.42 -1.28 3.52
C ALA A 13 0.02 -1.79 3.63
N ARG A 14 0.19 -3.08 3.79
CA ARG A 14 1.56 -3.66 3.91
C ARG A 14 1.82 -4.63 2.75
N ALA A 15 2.66 -4.25 1.82
CA ALA A 15 2.97 -5.15 0.67
C ALA A 15 3.34 -6.55 1.17
N LEU A 16 2.60 -7.54 0.77
CA LEU A 16 2.87 -8.94 1.22
C LEU A 16 4.10 -9.50 0.50
N LYS A 17 4.51 -8.90 -0.59
CA LYS A 17 5.70 -9.40 -1.33
C LYS A 17 6.20 -8.33 -2.30
N ASP A 18 7.48 -8.30 -2.56
CA ASP A 18 8.05 -7.26 -3.48
C ASP A 18 7.27 -7.22 -4.80
N TYR A 19 7.07 -6.04 -5.32
CA TYR A 19 6.32 -5.91 -6.61
C TYR A 19 7.16 -5.12 -7.62
N ASN A 20 7.01 -5.42 -8.89
CA ASN A 20 7.81 -4.69 -9.92
C ASN A 20 6.88 -4.13 -11.01
N VAL A 21 7.10 -2.92 -11.41
CA VAL A 21 6.24 -2.30 -12.48
C VAL A 21 7.10 -1.41 -13.38
N SER A 22 6.83 -1.44 -14.67
CA SER A 22 7.64 -0.59 -15.60
C SER A 22 6.71 0.15 -16.58
N ASP A 23 6.26 1.31 -16.19
CA ASP A 23 5.35 2.09 -17.09
C ASP A 23 5.65 3.59 -16.98
N THR A 24 5.09 4.25 -15.99
CA THR A 24 5.35 5.72 -15.84
C THR A 24 4.95 6.17 -14.43
N SER A 25 3.79 5.79 -13.97
CA SER A 25 3.35 6.20 -12.61
C SER A 25 3.08 4.97 -11.73
N LEU A 26 4.01 4.07 -11.67
CA LEU A 26 3.82 2.85 -10.83
C LEU A 26 4.58 2.97 -9.51
N LEU A 27 4.30 2.12 -8.56
CA LEU A 27 4.99 2.20 -7.25
C LEU A 27 5.59 0.84 -6.89
N PRO A 28 6.81 0.61 -7.32
CA PRO A 28 7.49 -0.67 -7.04
C PRO A 28 7.96 -0.70 -5.57
N PHE A 29 7.90 -1.84 -4.94
CA PHE A 29 8.34 -1.93 -3.52
C PHE A 29 8.81 -3.35 -3.19
N LYS A 30 9.19 -3.58 -1.96
CA LYS A 30 9.66 -4.93 -1.58
C LYS A 30 8.69 -5.59 -0.57
N ARG A 31 8.84 -6.86 -0.34
CA ARG A 31 7.94 -7.57 0.62
C ARG A 31 7.86 -6.82 1.96
N ASN A 32 7.03 -7.28 2.84
CA ASN A 32 6.87 -6.64 4.20
C ASN A 32 7.10 -5.13 4.15
N ASP A 33 6.46 -4.44 3.23
CA ASP A 33 6.65 -2.97 3.15
C ASP A 33 5.32 -2.24 3.40
N ILE A 34 5.35 -1.17 4.15
CA ILE A 34 4.09 -0.42 4.43
C ILE A 34 3.88 0.68 3.39
N ILE A 35 2.95 0.48 2.49
CA ILE A 35 2.68 1.50 1.44
C ILE A 35 1.62 2.49 1.94
N THR A 36 1.87 3.76 1.78
CA THR A 36 0.87 4.78 2.24
C THR A 36 -0.39 4.72 1.36
N ILE A 37 -1.41 4.05 1.82
CA ILE A 37 -2.66 3.94 1.03
C ILE A 37 -3.25 5.35 0.79
N THR A 38 -2.84 5.99 -0.27
CA THR A 38 -3.36 7.36 -0.57
C THR A 38 -4.69 7.27 -1.32
N PHE A 39 -4.88 6.25 -2.10
CA PHE A 39 -6.17 6.12 -2.86
C PHE A 39 -6.28 4.71 -3.46
N LYS A 40 -7.10 3.87 -2.88
CA LYS A 40 -7.27 2.48 -3.41
C LYS A 40 -8.31 2.47 -4.53
N ASP A 41 -8.80 1.32 -4.88
CA ASP A 41 -9.83 1.23 -5.96
C ASP A 41 -11.12 0.60 -5.43
N GLN A 42 -12.09 0.43 -6.27
CA GLN A 42 -13.38 -0.19 -5.82
C GLN A 42 -13.55 -1.58 -6.46
N GLU A 43 -12.79 -1.89 -7.46
CA GLU A 43 -12.90 -3.22 -8.12
C GLU A 43 -12.11 -4.28 -7.34
N ASN A 44 -11.52 -3.90 -6.23
CA ASN A 44 -10.72 -4.89 -5.43
C ASN A 44 -9.66 -5.56 -6.29
N LYS A 45 -9.07 -4.83 -7.21
CA LYS A 45 -8.03 -5.43 -8.08
C LYS A 45 -6.89 -4.44 -8.34
N TRP A 46 -6.91 -3.30 -7.68
CA TRP A 46 -5.84 -2.30 -7.91
C TRP A 46 -5.76 -1.33 -6.72
N PHE A 47 -4.60 -0.79 -6.45
CA PHE A 47 -4.46 0.15 -5.31
C PHE A 47 -3.48 1.28 -5.67
N MET A 48 -3.83 2.50 -5.37
CA MET A 48 -2.90 3.64 -5.67
C MET A 48 -2.33 4.17 -4.37
N GLY A 49 -1.03 4.07 -4.19
CA GLY A 49 -0.42 4.56 -2.92
C GLY A 49 0.88 5.31 -3.21
N GLN A 50 1.56 5.72 -2.18
CA GLN A 50 2.83 6.46 -2.37
C GLN A 50 3.93 5.89 -1.46
N LEU A 51 5.16 6.22 -1.72
CA LEU A 51 6.28 5.71 -0.88
C LEU A 51 7.41 6.72 -0.83
N ASN A 52 8.63 6.27 -0.61
CA ASN A 52 9.78 7.21 -0.56
C ASN A 52 9.90 7.99 -1.87
N GLY A 53 9.25 9.11 -1.96
CA GLY A 53 9.32 9.93 -3.21
C GLY A 53 8.84 9.09 -4.40
N LYS A 54 7.77 8.35 -4.23
CA LYS A 54 7.25 7.51 -5.35
C LYS A 54 5.74 7.30 -5.21
N GLU A 55 4.98 7.79 -6.14
CA GLU A 55 3.50 7.61 -6.07
C GLU A 55 3.01 6.91 -7.33
N GLY A 56 2.46 5.73 -7.20
CA GLY A 56 1.98 5.00 -8.40
C GLY A 56 0.84 4.04 -8.04
N SER A 57 0.87 2.86 -8.60
CA SER A 57 -0.22 1.87 -8.32
C SER A 57 0.35 0.46 -8.12
N PHE A 58 -0.50 -0.48 -7.83
CA PHE A 58 -0.06 -1.89 -7.64
C PHE A 58 -1.28 -2.77 -7.37
N PRO A 59 -1.20 -4.01 -7.80
CA PRO A 59 -2.34 -4.96 -7.64
C PRO A 59 -2.59 -5.33 -6.17
N VAL A 60 -3.83 -5.38 -5.78
CA VAL A 60 -4.16 -5.74 -4.37
C VAL A 60 -3.73 -7.18 -4.07
N ASP A 61 -3.42 -7.94 -5.08
CA ASP A 61 -3.03 -9.36 -4.88
C ASP A 61 -1.76 -9.50 -4.02
N HIS A 62 -1.00 -8.44 -3.82
CA HIS A 62 0.24 -8.58 -2.99
C HIS A 62 0.37 -7.46 -1.95
N VAL A 63 -0.72 -6.94 -1.46
CA VAL A 63 -0.64 -5.87 -0.43
C VAL A 63 -1.72 -6.07 0.63
N GLU A 64 -1.34 -6.03 1.88
CA GLU A 64 -2.36 -6.19 2.96
C GLU A 64 -2.85 -4.82 3.40
N ILE A 65 -3.85 -4.77 4.23
CA ILE A 65 -4.37 -3.43 4.67
C ILE A 65 -4.22 -3.27 6.19
N LEU A 66 -3.50 -2.26 6.61
CA LEU A 66 -3.31 -2.03 8.06
C LEU A 66 -4.41 -1.09 8.58
N LEU A 67 -5.40 -1.62 9.23
CA LEU A 67 -6.50 -0.77 9.76
C LEU A 67 -6.21 -0.35 11.21
N SER A 68 -5.11 -0.77 11.76
CA SER A 68 -4.78 -0.41 13.17
C SER A 68 -4.32 1.05 13.27
N ASP A 69 -5.11 1.98 12.79
CA ASP A 69 -4.73 3.42 12.85
C ASP A 69 -3.43 3.67 12.08
N VAL A 70 -2.30 3.36 12.67
CA VAL A 70 -1.01 3.58 11.97
C VAL A 70 -0.12 2.34 12.11
N PRO A 71 0.42 1.89 11.01
CA PRO A 71 1.30 0.70 11.01
C PRO A 71 2.69 1.05 11.56
N PRO A 72 3.46 0.04 11.85
CA PRO A 72 4.83 0.25 12.37
C PRO A 72 5.76 0.76 11.27
N PRO A 73 6.96 1.12 11.64
CA PRO A 73 7.95 1.63 10.65
C PRO A 73 8.43 0.49 9.76
N GLN A 74 8.30 0.63 8.46
CA GLN A 74 8.75 -0.44 7.53
C GLN A 74 10.25 -0.69 7.69
N PRO A 75 10.66 -1.92 7.51
CA PRO A 75 12.09 -2.28 7.63
C PRO A 75 12.88 -1.76 6.43
N VAL A 76 13.84 -0.91 6.68
CA VAL A 76 14.65 -0.36 5.54
C VAL A 76 16.09 -0.09 6.00
N HIS A 77 17.03 -0.80 5.47
CA HIS A 77 18.46 -0.59 5.88
C HIS A 77 18.84 0.88 5.74
N PRO A 78 19.64 1.36 6.66
CA PRO A 78 20.07 2.78 6.62
C PRO A 78 21.09 2.99 5.52
N VAL A 79 20.70 2.79 4.28
CA VAL A 79 21.65 2.98 3.15
C VAL A 79 21.46 4.37 2.52
N ALA A 80 22.53 5.01 2.12
CA ALA A 80 22.41 6.36 1.51
C ALA A 80 23.19 6.42 0.19
N MET A 1 -30.67 -3.94 5.21
CA MET A 1 -30.92 -4.87 4.07
C MET A 1 -30.96 -4.09 2.75
N GLY A 2 -29.93 -3.34 2.47
CA GLY A 2 -29.90 -2.56 1.19
C GLY A 2 -29.28 -3.40 0.08
N PRO A 3 -28.68 -2.73 -0.86
CA PRO A 3 -28.03 -3.45 -2.00
C PRO A 3 -26.74 -4.13 -1.54
N LEU A 4 -26.03 -4.75 -2.44
CA LEU A 4 -24.77 -5.44 -2.05
C LEU A 4 -23.59 -4.49 -2.20
N GLY A 5 -23.09 -3.98 -1.11
CA GLY A 5 -21.93 -3.04 -1.18
C GLY A 5 -20.74 -3.65 -0.42
N SER A 6 -20.99 -4.29 0.68
CA SER A 6 -19.88 -4.90 1.49
C SER A 6 -18.92 -3.81 1.97
N PRO A 7 -18.28 -4.07 3.08
CA PRO A 7 -17.32 -3.09 3.66
C PRO A 7 -16.04 -3.06 2.82
N GLU A 8 -15.33 -1.96 2.84
CA GLU A 8 -14.07 -1.86 2.06
C GLU A 8 -13.14 -0.83 2.68
N PHE A 9 -13.22 -0.64 3.96
CA PHE A 9 -12.34 0.36 4.64
C PHE A 9 -10.87 -0.06 4.54
N ALA A 10 -9.98 0.89 4.50
CA ALA A 10 -8.53 0.54 4.40
C ALA A 10 -7.67 1.78 4.70
N LYS A 11 -7.39 2.01 5.96
CA LYS A 11 -6.56 3.19 6.33
C LYS A 11 -5.15 3.06 5.77
N TYR A 12 -4.58 1.88 5.83
CA TYR A 12 -3.20 1.69 5.30
C TYR A 12 -3.04 0.27 4.73
N ALA A 13 -1.87 -0.05 4.26
CA ALA A 13 -1.64 -1.40 3.67
C ALA A 13 -0.16 -1.80 3.79
N ARG A 14 0.16 -3.03 3.54
CA ARG A 14 1.58 -3.48 3.64
C ARG A 14 1.90 -4.43 2.48
N ALA A 15 2.89 -4.10 1.68
CA ALA A 15 3.26 -4.98 0.53
C ALA A 15 3.52 -6.41 1.03
N LEU A 16 2.82 -7.37 0.47
CA LEU A 16 3.00 -8.78 0.90
C LEU A 16 4.21 -9.41 0.18
N LYS A 17 4.66 -8.81 -0.89
CA LYS A 17 5.83 -9.36 -1.63
C LYS A 17 6.40 -8.30 -2.57
N ASP A 18 7.66 -8.41 -2.91
CA ASP A 18 8.29 -7.40 -3.82
C ASP A 18 7.44 -7.19 -5.08
N TYR A 19 7.35 -5.99 -5.56
CA TYR A 19 6.55 -5.71 -6.78
C TYR A 19 7.35 -4.83 -7.75
N ASN A 20 7.20 -5.07 -9.02
CA ASN A 20 7.95 -4.26 -10.04
C ASN A 20 6.96 -3.47 -10.89
N VAL A 21 7.08 -2.17 -10.90
CA VAL A 21 6.15 -1.32 -11.70
C VAL A 21 6.52 -1.36 -13.19
N SER A 22 5.91 -2.23 -13.94
CA SER A 22 6.22 -2.28 -15.39
C SER A 22 5.06 -1.68 -16.20
N ASP A 23 5.01 -0.38 -16.29
CA ASP A 23 3.91 0.27 -17.05
C ASP A 23 4.27 1.72 -17.37
N THR A 24 4.32 2.57 -16.37
CA THR A 24 4.68 4.00 -16.62
C THR A 24 5.31 4.61 -15.37
N SER A 25 4.56 4.71 -14.30
CA SER A 25 5.12 5.30 -13.06
C SER A 25 4.41 4.71 -11.83
N LEU A 26 4.06 3.46 -11.88
CA LEU A 26 3.37 2.83 -10.72
C LEU A 26 4.26 2.90 -9.48
N LEU A 27 3.95 2.13 -8.46
CA LEU A 27 4.74 2.19 -7.21
C LEU A 27 5.43 0.83 -6.93
N PRO A 28 6.73 0.81 -7.09
CA PRO A 28 7.50 -0.43 -6.85
C PRO A 28 7.87 -0.52 -5.36
N PHE A 29 8.07 -1.71 -4.86
CA PHE A 29 8.43 -1.87 -3.42
C PHE A 29 8.86 -3.31 -3.12
N LYS A 30 9.41 -3.55 -1.97
CA LYS A 30 9.86 -4.93 -1.62
C LYS A 30 8.87 -5.59 -0.65
N ARG A 31 9.00 -6.87 -0.45
CA ARG A 31 8.08 -7.59 0.48
C ARG A 31 8.03 -6.91 1.85
N ASN A 32 7.18 -7.39 2.72
CA ASN A 32 7.04 -6.80 4.10
C ASN A 32 7.30 -5.29 4.11
N ASP A 33 6.56 -4.55 3.33
CA ASP A 33 6.76 -3.07 3.30
C ASP A 33 5.43 -2.38 3.57
N ILE A 34 5.44 -1.20 4.11
CA ILE A 34 4.17 -0.50 4.39
C ILE A 34 3.75 0.34 3.18
N ILE A 35 2.48 0.63 3.06
CA ILE A 35 2.00 1.45 1.90
C ILE A 35 1.03 2.52 2.38
N THR A 36 1.47 3.75 2.41
CA THR A 36 0.57 4.85 2.87
C THR A 36 -0.61 5.00 1.91
N ILE A 37 -1.62 4.19 2.07
CA ILE A 37 -2.81 4.26 1.16
C ILE A 37 -3.39 5.69 1.17
N THR A 38 -3.19 6.41 0.10
CA THR A 38 -3.74 7.80 0.05
C THR A 38 -4.97 7.85 -0.86
N PHE A 39 -5.13 6.89 -1.73
CA PHE A 39 -6.31 6.88 -2.63
C PHE A 39 -6.68 5.45 -3.01
N LYS A 40 -7.81 4.97 -2.56
CA LYS A 40 -8.23 3.58 -2.89
C LYS A 40 -9.01 3.56 -4.20
N ASP A 41 -9.45 2.41 -4.63
CA ASP A 41 -10.22 2.32 -5.90
C ASP A 41 -11.58 1.65 -5.66
N GLN A 42 -12.32 1.39 -6.71
CA GLN A 42 -13.65 0.74 -6.55
C GLN A 42 -13.67 -0.61 -7.26
N GLU A 43 -12.52 -1.18 -7.54
CA GLU A 43 -12.49 -2.50 -8.23
C GLU A 43 -11.67 -3.51 -7.42
N ASN A 44 -11.11 -3.11 -6.32
CA ASN A 44 -10.31 -4.05 -5.47
C ASN A 44 -9.24 -4.74 -6.34
N LYS A 45 -8.75 -4.06 -7.34
CA LYS A 45 -7.70 -4.67 -8.22
C LYS A 45 -6.47 -3.78 -8.28
N TRP A 46 -6.67 -2.49 -8.31
CA TRP A 46 -5.50 -1.55 -8.36
C TRP A 46 -5.58 -0.53 -7.23
N PHE A 47 -4.45 -0.06 -6.76
CA PHE A 47 -4.46 0.94 -5.65
C PHE A 47 -3.48 2.07 -5.95
N MET A 48 -3.52 3.13 -5.18
CA MET A 48 -2.59 4.26 -5.40
C MET A 48 -2.16 4.84 -4.05
N GLY A 49 -0.94 4.61 -3.66
CA GLY A 49 -0.48 5.13 -2.34
C GLY A 49 0.99 5.56 -2.43
N GLN A 50 1.67 5.55 -1.31
CA GLN A 50 3.10 5.95 -1.30
C GLN A 50 3.83 5.31 -0.11
N LEU A 51 5.13 5.43 -0.06
CA LEU A 51 5.89 4.83 1.08
C LEU A 51 7.38 5.22 1.00
N ASN A 52 8.25 4.36 1.48
CA ASN A 52 9.72 4.65 1.46
C ASN A 52 10.16 5.31 0.14
N GLY A 53 10.21 6.61 0.10
CA GLY A 53 10.66 7.34 -1.12
C GLY A 53 10.03 6.78 -2.41
N LYS A 54 8.88 6.17 -2.32
CA LYS A 54 8.25 5.63 -3.55
C LYS A 54 6.81 6.14 -3.68
N GLU A 55 6.24 6.04 -4.84
CA GLU A 55 4.84 6.52 -5.04
C GLU A 55 4.28 5.99 -6.37
N GLY A 56 3.00 5.70 -6.41
CA GLY A 56 2.41 5.20 -7.69
C GLY A 56 1.26 4.23 -7.40
N SER A 57 1.23 3.13 -8.09
CA SER A 57 0.13 2.14 -7.91
C SER A 57 0.66 0.75 -7.56
N PHE A 58 -0.24 -0.18 -7.37
CA PHE A 58 0.16 -1.60 -7.06
C PHE A 58 -1.09 -2.48 -6.96
N PRO A 59 -1.05 -3.61 -7.61
CA PRO A 59 -2.21 -4.55 -7.61
C PRO A 59 -2.48 -5.15 -6.22
N VAL A 60 -3.72 -5.47 -5.98
CA VAL A 60 -4.10 -6.08 -4.66
C VAL A 60 -3.50 -7.48 -4.51
N ASP A 61 -2.92 -8.00 -5.57
CA ASP A 61 -2.33 -9.37 -5.50
C ASP A 61 -1.18 -9.42 -4.49
N HIS A 62 -0.69 -8.29 -4.04
CA HIS A 62 0.44 -8.35 -3.06
C HIS A 62 0.43 -7.16 -2.09
N VAL A 63 -0.67 -6.92 -1.42
CA VAL A 63 -0.73 -5.80 -0.43
C VAL A 63 -1.82 -6.08 0.59
N GLU A 64 -1.51 -5.98 1.86
CA GLU A 64 -2.54 -6.22 2.89
C GLU A 64 -3.16 -4.88 3.31
N ILE A 65 -4.15 -4.90 4.14
CA ILE A 65 -4.79 -3.61 4.56
C ILE A 65 -4.72 -3.45 6.07
N LEU A 66 -4.03 -2.44 6.54
CA LEU A 66 -3.94 -2.22 8.01
C LEU A 66 -5.11 -1.36 8.48
N LEU A 67 -6.16 -1.98 8.95
CA LEU A 67 -7.35 -1.21 9.42
C LEU A 67 -7.15 -0.75 10.87
N SER A 68 -6.02 -1.07 11.47
CA SER A 68 -5.78 -0.65 12.89
C SER A 68 -5.58 0.86 12.96
N ASP A 69 -5.43 1.53 11.84
CA ASP A 69 -5.22 3.01 11.85
C ASP A 69 -3.99 3.37 12.68
N VAL A 70 -3.05 2.47 12.79
CA VAL A 70 -1.81 2.75 13.58
C VAL A 70 -0.57 2.63 12.67
N PRO A 71 0.31 3.58 12.78
CA PRO A 71 1.55 3.57 11.95
C PRO A 71 2.52 2.50 12.46
N PRO A 72 2.72 1.48 11.65
CA PRO A 72 3.65 0.39 12.04
C PRO A 72 5.10 0.85 11.90
N PRO A 73 5.98 0.19 12.63
CA PRO A 73 7.41 0.54 12.57
C PRO A 73 8.02 0.07 11.25
N GLN A 74 8.29 0.98 10.36
CA GLN A 74 8.90 0.58 9.04
C GLN A 74 10.41 0.43 9.18
N PRO A 75 10.95 -0.54 8.48
CA PRO A 75 12.42 -0.77 8.53
C PRO A 75 13.16 0.30 7.74
N VAL A 76 14.31 0.72 8.21
CA VAL A 76 15.08 1.76 7.48
C VAL A 76 16.58 1.55 7.69
N HIS A 77 17.28 1.12 6.67
CA HIS A 77 18.75 0.88 6.80
C HIS A 77 19.36 0.64 5.42
N PRO A 78 19.75 1.71 4.77
CA PRO A 78 20.37 1.60 3.42
C PRO A 78 21.79 1.04 3.53
N VAL A 79 22.17 0.20 2.61
CA VAL A 79 23.55 -0.39 2.65
C VAL A 79 24.54 0.55 1.96
N ALA A 80 25.69 0.77 2.55
CA ALA A 80 26.70 1.66 1.92
C ALA A 80 27.49 0.91 0.85
N MET A 1 -23.43 -7.30 9.77
CA MET A 1 -23.77 -8.67 9.29
C MET A 1 -24.04 -8.63 7.79
N GLY A 2 -23.20 -9.28 7.01
CA GLY A 2 -23.40 -9.28 5.53
C GLY A 2 -22.36 -10.18 4.87
N PRO A 3 -22.05 -9.89 3.64
CA PRO A 3 -21.04 -10.70 2.90
C PRO A 3 -19.63 -10.42 3.42
N LEU A 4 -19.41 -9.25 3.99
CA LEU A 4 -18.06 -8.92 4.52
C LEU A 4 -16.98 -9.15 3.45
N GLY A 5 -15.74 -9.06 3.83
CA GLY A 5 -14.64 -9.28 2.83
C GLY A 5 -14.46 -8.01 2.00
N SER A 6 -14.64 -6.86 2.59
CA SER A 6 -14.47 -5.59 1.84
C SER A 6 -14.43 -4.40 2.80
N PRO A 7 -13.24 -3.99 3.15
CA PRO A 7 -13.07 -2.85 4.07
C PRO A 7 -13.42 -1.53 3.37
N GLU A 8 -14.03 -0.61 4.07
CA GLU A 8 -14.40 0.68 3.44
C GLU A 8 -13.38 1.77 3.79
N PHE A 9 -12.75 1.65 4.94
CA PHE A 9 -11.75 2.68 5.35
C PHE A 9 -10.38 2.35 4.73
N ALA A 10 -9.64 1.45 5.34
CA ALA A 10 -8.29 1.10 4.79
C ALA A 10 -7.47 2.36 4.52
N LYS A 11 -6.70 2.80 5.49
CA LYS A 11 -5.87 4.02 5.29
C LYS A 11 -4.43 3.64 4.95
N TYR A 12 -4.04 2.42 5.22
CA TYR A 12 -2.65 1.99 4.91
C TYR A 12 -2.63 0.55 4.40
N ALA A 13 -1.50 0.09 3.95
CA ALA A 13 -1.41 -1.31 3.43
C ALA A 13 0.02 -1.82 3.52
N ARG A 14 0.21 -3.06 3.92
CA ARG A 14 1.58 -3.62 4.02
C ARG A 14 1.86 -4.57 2.86
N ALA A 15 2.83 -4.26 2.03
CA ALA A 15 3.14 -5.15 0.88
C ALA A 15 3.46 -6.57 1.37
N LEU A 16 2.77 -7.55 0.84
CA LEU A 16 3.02 -8.96 1.26
C LEU A 16 4.22 -9.55 0.50
N LYS A 17 4.59 -8.94 -0.59
CA LYS A 17 5.77 -9.45 -1.37
C LYS A 17 6.26 -8.38 -2.34
N ASP A 18 7.50 -8.46 -2.73
CA ASP A 18 8.07 -7.43 -3.65
C ASP A 18 7.21 -7.27 -4.91
N TYR A 19 7.07 -6.06 -5.39
CA TYR A 19 6.26 -5.82 -6.61
C TYR A 19 7.08 -5.06 -7.66
N ASN A 20 6.87 -5.36 -8.91
CA ASN A 20 7.62 -4.66 -10.00
C ASN A 20 6.65 -3.93 -10.92
N VAL A 21 7.10 -2.90 -11.59
CA VAL A 21 6.20 -2.14 -12.51
C VAL A 21 7.03 -1.39 -13.56
N SER A 22 6.49 -1.21 -14.73
CA SER A 22 7.25 -0.48 -15.79
C SER A 22 6.34 0.53 -16.49
N ASP A 23 6.16 1.69 -15.91
CA ASP A 23 5.29 2.72 -16.54
C ASP A 23 5.66 4.13 -16.06
N THR A 24 6.83 4.28 -15.48
CA THR A 24 7.26 5.63 -14.99
C THR A 24 6.17 6.29 -14.14
N SER A 25 5.33 5.50 -13.52
CA SER A 25 4.25 6.08 -12.67
C SER A 25 3.61 5.00 -11.80
N LEU A 26 4.36 4.00 -11.43
CA LEU A 26 3.79 2.91 -10.58
C LEU A 26 4.38 2.97 -9.18
N LEU A 27 3.95 2.09 -8.30
CA LEU A 27 4.48 2.11 -6.91
C LEU A 27 5.11 0.75 -6.57
N PRO A 28 6.30 0.54 -7.06
CA PRO A 28 7.02 -0.73 -6.80
C PRO A 28 7.52 -0.77 -5.35
N PHE A 29 7.84 -1.94 -4.86
CA PHE A 29 8.34 -2.05 -3.46
C PHE A 29 8.79 -3.48 -3.16
N LYS A 30 9.30 -3.72 -1.99
CA LYS A 30 9.77 -5.09 -1.65
C LYS A 30 8.83 -5.73 -0.63
N ARG A 31 8.97 -7.02 -0.41
CA ARG A 31 8.09 -7.71 0.57
C ARG A 31 8.05 -6.95 1.90
N ASN A 32 7.22 -7.39 2.82
CA ASN A 32 7.10 -6.74 4.16
C ASN A 32 7.34 -5.22 4.06
N ASP A 33 6.61 -4.55 3.20
CA ASP A 33 6.80 -3.08 3.06
C ASP A 33 5.49 -2.36 3.39
N ILE A 34 5.52 -1.06 3.54
CA ILE A 34 4.27 -0.32 3.85
C ILE A 34 3.88 0.57 2.66
N ILE A 35 2.60 0.78 2.48
CA ILE A 35 2.13 1.63 1.34
C ILE A 35 1.19 2.72 1.86
N THR A 36 1.59 3.96 1.76
CA THR A 36 0.72 5.06 2.25
C THR A 36 -0.54 5.16 1.38
N ILE A 37 -1.52 4.32 1.64
CA ILE A 37 -2.76 4.36 0.83
C ILE A 37 -3.37 5.78 0.84
N THR A 38 -3.18 6.51 -0.23
CA THR A 38 -3.73 7.89 -0.29
C THR A 38 -4.94 7.95 -1.21
N PHE A 39 -5.08 6.99 -2.09
CA PHE A 39 -6.25 6.99 -3.02
C PHE A 39 -6.47 5.58 -3.56
N LYS A 40 -7.62 5.00 -3.28
CA LYS A 40 -7.90 3.63 -3.78
C LYS A 40 -9.31 3.57 -4.40
N ASP A 41 -9.83 2.39 -4.58
CA ASP A 41 -11.20 2.26 -5.17
C ASP A 41 -11.92 1.05 -4.57
N GLN A 42 -13.04 0.68 -5.13
CA GLN A 42 -13.80 -0.48 -4.59
C GLN A 42 -13.68 -1.68 -5.55
N GLU A 43 -12.57 -1.80 -6.22
CA GLU A 43 -12.39 -2.94 -7.16
C GLU A 43 -11.60 -4.07 -6.49
N ASN A 44 -10.93 -3.79 -5.41
CA ASN A 44 -10.14 -4.84 -4.71
C ASN A 44 -9.13 -5.49 -5.67
N LYS A 45 -8.76 -4.79 -6.71
CA LYS A 45 -7.79 -5.36 -7.69
C LYS A 45 -6.59 -4.41 -7.86
N TRP A 46 -6.81 -3.13 -7.73
CA TRP A 46 -5.69 -2.17 -7.89
C TRP A 46 -5.77 -1.08 -6.81
N PHE A 47 -4.66 -0.48 -6.47
CA PHE A 47 -4.67 0.59 -5.44
C PHE A 47 -3.74 1.75 -5.86
N MET A 48 -3.77 2.83 -5.13
CA MET A 48 -2.89 3.99 -5.47
C MET A 48 -2.37 4.63 -4.18
N GLY A 49 -1.09 4.52 -3.91
CA GLY A 49 -0.55 5.12 -2.67
C GLY A 49 0.89 5.58 -2.88
N GLN A 50 1.65 5.68 -1.81
CA GLN A 50 3.07 6.14 -1.93
C GLN A 50 3.89 5.61 -0.74
N LEU A 51 5.18 5.47 -0.92
CA LEU A 51 6.04 4.97 0.20
C LEU A 51 7.49 5.48 0.00
N ASN A 52 8.47 4.66 0.27
CA ASN A 52 9.89 5.10 0.11
C ASN A 52 10.14 5.68 -1.29
N GLY A 53 9.93 6.95 -1.45
CA GLY A 53 10.17 7.61 -2.77
C GLY A 53 9.44 6.86 -3.90
N LYS A 54 8.44 6.09 -3.58
CA LYS A 54 7.71 5.34 -4.66
C LYS A 54 6.25 5.78 -4.69
N GLU A 55 5.77 6.20 -5.83
CA GLU A 55 4.35 6.64 -5.95
C GLU A 55 3.70 6.03 -7.20
N GLY A 56 2.51 5.52 -7.08
CA GLY A 56 1.84 4.93 -8.27
C GLY A 56 0.74 3.95 -7.83
N SER A 57 0.74 2.76 -8.35
CA SER A 57 -0.32 1.78 -7.99
C SER A 57 0.27 0.40 -7.68
N PHE A 58 -0.57 -0.53 -7.31
CA PHE A 58 -0.10 -1.91 -7.01
C PHE A 58 -1.31 -2.83 -6.79
N PRO A 59 -1.29 -3.98 -7.43
CA PRO A 59 -2.42 -4.96 -7.31
C PRO A 59 -2.57 -5.52 -5.90
N VAL A 60 -3.77 -5.89 -5.54
CA VAL A 60 -4.01 -6.47 -4.19
C VAL A 60 -3.35 -7.85 -4.06
N ASP A 61 -2.82 -8.36 -5.14
CA ASP A 61 -2.18 -9.71 -5.07
C ASP A 61 -0.94 -9.69 -4.16
N HIS A 62 -0.46 -8.53 -3.79
CA HIS A 62 0.74 -8.50 -2.90
C HIS A 62 0.72 -7.30 -1.94
N VAL A 63 -0.40 -7.01 -1.36
CA VAL A 63 -0.47 -5.88 -0.37
C VAL A 63 -1.64 -6.09 0.59
N GLU A 64 -1.40 -5.89 1.86
CA GLU A 64 -2.51 -6.06 2.84
C GLU A 64 -3.08 -4.69 3.18
N ILE A 65 -4.11 -4.63 3.97
CA ILE A 65 -4.71 -3.30 4.30
C ILE A 65 -4.66 -3.04 5.81
N LEU A 66 -3.92 -2.05 6.23
CA LEU A 66 -3.84 -1.73 7.68
C LEU A 66 -4.93 -0.71 8.04
N LEU A 67 -6.00 -1.17 8.65
CA LEU A 67 -7.09 -0.24 9.03
C LEU A 67 -6.76 0.47 10.36
N SER A 68 -5.63 0.17 10.94
CA SER A 68 -5.28 0.83 12.23
C SER A 68 -4.94 2.31 12.02
N ASP A 69 -4.81 2.72 10.78
CA ASP A 69 -4.50 4.17 10.50
C ASP A 69 -3.21 4.57 11.22
N VAL A 70 -2.18 3.75 11.13
CA VAL A 70 -0.90 4.09 11.81
C VAL A 70 0.28 3.39 11.10
N PRO A 71 1.19 4.18 10.60
CA PRO A 71 2.38 3.61 9.90
C PRO A 71 3.33 2.96 10.90
N PRO A 72 3.49 1.66 10.79
CA PRO A 72 4.40 0.93 11.70
C PRO A 72 5.87 1.24 11.36
N PRO A 73 6.76 0.80 12.22
CA PRO A 73 8.20 1.03 12.01
C PRO A 73 8.73 0.17 10.86
N GLN A 74 9.12 0.78 9.78
CA GLN A 74 9.65 0.00 8.62
C GLN A 74 10.96 -0.68 9.00
N PRO A 75 11.14 -1.90 8.54
CA PRO A 75 12.38 -2.65 8.84
C PRO A 75 13.55 -2.09 8.04
N VAL A 76 14.56 -1.61 8.72
CA VAL A 76 15.75 -1.03 8.01
C VAL A 76 16.94 -0.93 8.96
N HIS A 77 18.03 -1.57 8.63
CA HIS A 77 19.22 -1.50 9.52
C HIS A 77 20.49 -1.23 8.69
N PRO A 78 20.96 -0.01 8.77
CA PRO A 78 22.18 0.38 8.01
C PRO A 78 23.42 -0.27 8.62
N VAL A 79 24.02 -1.21 7.93
CA VAL A 79 25.23 -1.88 8.46
C VAL A 79 26.19 -2.25 7.31
N ALA A 80 27.45 -1.97 7.47
CA ALA A 80 28.42 -2.30 6.39
C ALA A 80 28.54 -3.81 6.23
N MET A 1 -14.25 -19.64 8.31
CA MET A 1 -13.67 -18.98 7.10
C MET A 1 -13.55 -17.47 7.33
N GLY A 2 -12.80 -16.79 6.50
CA GLY A 2 -12.64 -15.32 6.67
C GLY A 2 -11.15 -14.97 6.81
N PRO A 3 -10.56 -14.50 5.75
CA PRO A 3 -9.12 -14.13 5.78
C PRO A 3 -8.92 -12.84 6.59
N LEU A 4 -9.76 -11.86 6.36
CA LEU A 4 -9.62 -10.58 7.12
C LEU A 4 -10.93 -10.26 7.86
N GLY A 5 -12.05 -10.54 7.26
CA GLY A 5 -13.35 -10.26 7.93
C GLY A 5 -14.15 -9.25 7.11
N SER A 6 -14.10 -9.35 5.80
CA SER A 6 -14.85 -8.41 4.93
C SER A 6 -14.55 -6.95 5.33
N PRO A 7 -13.40 -6.49 4.92
CA PRO A 7 -12.99 -5.10 5.25
C PRO A 7 -13.79 -4.10 4.40
N GLU A 8 -14.90 -3.63 4.89
CA GLU A 8 -15.72 -2.66 4.11
C GLU A 8 -14.93 -1.37 3.89
N PHE A 9 -14.30 -0.86 4.92
CA PHE A 9 -13.51 0.40 4.77
C PHE A 9 -12.02 0.11 4.99
N ALA A 10 -11.16 0.94 4.46
CA ALA A 10 -9.70 0.70 4.64
C ALA A 10 -8.99 2.02 4.95
N LYS A 11 -7.68 1.99 5.06
CA LYS A 11 -6.93 3.24 5.37
C LYS A 11 -5.45 3.05 5.07
N TYR A 12 -4.86 1.98 5.54
CA TYR A 12 -3.42 1.73 5.27
C TYR A 12 -3.23 0.32 4.69
N ALA A 13 -2.07 0.04 4.16
CA ALA A 13 -1.83 -1.31 3.58
C ALA A 13 -0.33 -1.66 3.63
N ARG A 14 -0.01 -2.92 3.57
CA ARG A 14 1.43 -3.34 3.61
C ARG A 14 1.71 -4.36 2.51
N ALA A 15 2.62 -4.06 1.63
CA ALA A 15 2.96 -5.01 0.53
C ALA A 15 3.32 -6.38 1.11
N LEU A 16 2.81 -7.43 0.55
CA LEU A 16 3.13 -8.80 1.09
C LEU A 16 4.13 -9.53 0.18
N LYS A 17 4.75 -8.83 -0.74
CA LYS A 17 5.75 -9.48 -1.63
C LYS A 17 6.47 -8.42 -2.47
N ASP A 18 7.51 -8.81 -3.16
CA ASP A 18 8.27 -7.83 -3.99
C ASP A 18 7.63 -7.69 -5.38
N TYR A 19 7.66 -6.49 -5.92
CA TYR A 19 7.06 -6.27 -7.27
C TYR A 19 7.67 -5.00 -7.89
N ASN A 20 7.96 -5.06 -9.17
CA ASN A 20 8.56 -3.87 -9.85
C ASN A 20 7.49 -3.09 -10.61
N VAL A 21 7.83 -1.93 -11.11
CA VAL A 21 6.85 -1.10 -11.86
C VAL A 21 7.22 -1.02 -13.34
N SER A 22 6.80 -1.98 -14.12
CA SER A 22 7.13 -1.95 -15.58
C SER A 22 6.05 -1.15 -16.31
N ASP A 23 6.14 0.16 -16.28
CA ASP A 23 5.12 1.01 -16.97
C ASP A 23 5.50 2.48 -16.79
N THR A 24 4.52 3.35 -16.65
CA THR A 24 4.84 4.80 -16.48
C THR A 24 3.95 5.41 -15.40
N SER A 25 3.55 4.64 -14.42
CA SER A 25 2.68 5.21 -13.33
C SER A 25 2.48 4.19 -12.19
N LEU A 26 3.44 3.33 -11.95
CA LEU A 26 3.27 2.34 -10.85
C LEU A 26 4.25 2.64 -9.71
N LEU A 27 4.14 1.93 -8.62
CA LEU A 27 5.05 2.18 -7.45
C LEU A 27 5.76 0.87 -7.06
N PRO A 28 7.07 0.88 -7.17
CA PRO A 28 7.87 -0.32 -6.83
C PRO A 28 7.98 -0.48 -5.32
N PHE A 29 8.00 -1.69 -4.83
CA PHE A 29 8.13 -1.90 -3.36
C PHE A 29 8.56 -3.34 -3.08
N LYS A 30 9.14 -3.57 -1.93
CA LYS A 30 9.59 -4.95 -1.59
C LYS A 30 8.64 -5.58 -0.57
N ARG A 31 8.75 -6.87 -0.36
CA ARG A 31 7.86 -7.56 0.62
C ARG A 31 7.83 -6.82 1.96
N ASN A 32 7.00 -7.26 2.87
CA ASN A 32 6.91 -6.62 4.23
C ASN A 32 7.13 -5.11 4.16
N ASP A 33 6.37 -4.42 3.35
CA ASP A 33 6.53 -2.94 3.23
C ASP A 33 5.20 -2.25 3.52
N ILE A 34 5.20 -1.29 4.41
CA ILE A 34 3.93 -0.59 4.74
C ILE A 34 3.63 0.50 3.70
N ILE A 35 2.69 0.25 2.83
CA ILE A 35 2.36 1.26 1.79
C ILE A 35 1.31 2.24 2.34
N THR A 36 1.70 3.46 2.57
CA THR A 36 0.73 4.46 3.10
C THR A 36 -0.32 4.76 2.04
N ILE A 37 -1.39 4.01 2.02
CA ILE A 37 -2.46 4.24 1.00
C ILE A 37 -2.85 5.73 0.96
N THR A 38 -2.75 6.33 -0.19
CA THR A 38 -3.10 7.77 -0.32
C THR A 38 -4.40 7.91 -1.13
N PHE A 39 -4.67 6.94 -1.98
CA PHE A 39 -5.91 7.00 -2.80
C PHE A 39 -6.41 5.57 -3.07
N LYS A 40 -7.35 5.11 -2.30
CA LYS A 40 -7.88 3.73 -2.50
C LYS A 40 -8.77 3.67 -3.74
N ASP A 41 -9.29 2.51 -4.05
CA ASP A 41 -10.18 2.38 -5.24
C ASP A 41 -11.49 1.70 -4.86
N GLN A 42 -12.45 1.70 -5.74
CA GLN A 42 -13.76 1.05 -5.42
C GLN A 42 -13.78 -0.37 -5.97
N GLU A 43 -13.06 -0.62 -7.03
CA GLU A 43 -13.04 -1.99 -7.63
C GLU A 43 -12.25 -2.96 -6.73
N ASN A 44 -11.54 -2.45 -5.75
CA ASN A 44 -10.76 -3.34 -4.85
C ASN A 44 -9.77 -4.19 -5.65
N LYS A 45 -9.28 -3.68 -6.75
CA LYS A 45 -8.32 -4.45 -7.57
C LYS A 45 -6.97 -3.72 -7.62
N TRP A 46 -6.97 -2.50 -8.10
CA TRP A 46 -5.70 -1.73 -8.18
C TRP A 46 -5.71 -0.61 -7.13
N PHE A 47 -4.60 -0.36 -6.50
CA PHE A 47 -4.56 0.72 -5.46
C PHE A 47 -3.60 1.83 -5.86
N MET A 48 -3.76 2.98 -5.28
CA MET A 48 -2.86 4.13 -5.60
C MET A 48 -2.40 4.77 -4.29
N GLY A 49 -1.16 4.59 -3.92
CA GLY A 49 -0.68 5.18 -2.64
C GLY A 49 0.78 5.57 -2.75
N GLN A 50 1.45 5.68 -1.63
CA GLN A 50 2.88 6.08 -1.65
C GLN A 50 3.55 5.64 -0.34
N LEU A 51 4.83 5.40 -0.36
CA LEU A 51 5.54 4.98 0.88
C LEU A 51 6.88 5.72 1.02
N ASN A 52 7.97 5.02 1.23
CA ASN A 52 9.28 5.72 1.38
C ASN A 52 9.55 6.66 0.19
N GLY A 53 9.12 7.90 0.30
CA GLY A 53 9.34 8.89 -0.81
C GLY A 53 8.99 8.27 -2.16
N LYS A 54 7.99 7.42 -2.20
CA LYS A 54 7.62 6.80 -3.51
C LYS A 54 6.09 6.73 -3.66
N GLU A 55 5.57 7.44 -4.62
CA GLU A 55 4.09 7.42 -4.84
C GLU A 55 3.78 6.81 -6.20
N GLY A 56 2.92 5.82 -6.25
CA GLY A 56 2.60 5.19 -7.56
C GLY A 56 1.41 4.25 -7.42
N SER A 57 1.48 3.12 -8.07
CA SER A 57 0.35 2.14 -8.03
C SER A 57 0.81 0.76 -7.59
N PHE A 58 -0.11 -0.13 -7.41
CA PHE A 58 0.21 -1.54 -7.01
C PHE A 58 -1.11 -2.32 -6.82
N PRO A 59 -1.11 -3.55 -7.28
CA PRO A 59 -2.34 -4.38 -7.19
C PRO A 59 -2.66 -4.75 -5.75
N VAL A 60 -3.93 -4.81 -5.42
CA VAL A 60 -4.33 -5.15 -4.02
C VAL A 60 -3.76 -6.52 -3.63
N ASP A 61 -3.77 -7.46 -4.53
CA ASP A 61 -3.21 -8.82 -4.20
C ASP A 61 -1.77 -8.68 -3.70
N HIS A 62 -1.09 -7.66 -4.13
CA HIS A 62 0.32 -7.46 -3.68
C HIS A 62 0.37 -6.77 -2.32
N VAL A 63 -0.70 -6.13 -1.92
CA VAL A 63 -0.68 -5.41 -0.61
C VAL A 63 -1.89 -5.78 0.25
N GLU A 64 -1.69 -5.86 1.54
CA GLU A 64 -2.82 -6.17 2.46
C GLU A 64 -3.40 -4.86 2.97
N ILE A 65 -4.53 -4.89 3.62
CA ILE A 65 -5.12 -3.62 4.12
C ILE A 65 -5.12 -3.57 5.64
N LEU A 66 -4.41 -2.64 6.21
CA LEU A 66 -4.37 -2.52 7.69
C LEU A 66 -5.45 -1.53 8.16
N LEU A 67 -6.46 -2.02 8.83
CA LEU A 67 -7.55 -1.11 9.30
C LEU A 67 -7.20 -0.55 10.69
N SER A 68 -6.08 -0.93 11.24
CA SER A 68 -5.70 -0.41 12.60
C SER A 68 -5.57 1.11 12.57
N ASP A 69 -5.41 1.69 11.40
CA ASP A 69 -5.27 3.17 11.30
C ASP A 69 -4.04 3.65 12.09
N VAL A 70 -3.05 2.82 12.21
CA VAL A 70 -1.82 3.22 12.97
C VAL A 70 -0.57 2.65 12.28
N PRO A 71 0.51 3.38 12.38
CA PRO A 71 1.79 2.95 11.75
C PRO A 71 2.41 1.80 12.56
N PRO A 72 2.44 0.62 11.98
CA PRO A 72 3.03 -0.55 12.67
C PRO A 72 4.56 -0.45 12.67
N PRO A 73 5.18 -1.34 13.41
CA PRO A 73 6.66 -1.35 13.49
C PRO A 73 7.25 -1.90 12.18
N GLN A 74 7.62 -1.04 11.27
CA GLN A 74 8.20 -1.51 9.98
C GLN A 74 9.64 -1.02 9.83
N PRO A 75 10.39 -1.70 8.99
CA PRO A 75 11.81 -1.32 8.76
C PRO A 75 11.87 -0.07 7.88
N VAL A 76 12.95 0.66 7.94
CA VAL A 76 13.08 1.89 7.11
C VAL A 76 14.53 2.06 6.63
N HIS A 77 14.77 1.87 5.35
CA HIS A 77 16.16 2.02 4.83
C HIS A 77 16.13 2.08 3.29
N PRO A 78 15.55 3.15 2.78
CA PRO A 78 15.46 3.32 1.31
C PRO A 78 16.84 3.66 0.73
N VAL A 79 17.23 3.00 -0.33
CA VAL A 79 18.56 3.29 -0.94
C VAL A 79 18.49 3.11 -2.47
N ALA A 80 19.33 3.79 -3.19
CA ALA A 80 19.32 3.66 -4.68
C ALA A 80 20.65 3.12 -5.18
N MET A 1 -11.30 -3.51 13.09
CA MET A 1 -12.76 -3.25 12.90
C MET A 1 -13.25 -3.92 11.62
N GLY A 2 -13.89 -5.06 11.74
CA GLY A 2 -14.40 -5.76 10.53
C GLY A 2 -14.69 -7.22 10.88
N PRO A 3 -15.91 -7.49 11.27
CA PRO A 3 -16.31 -8.87 11.64
C PRO A 3 -16.41 -9.74 10.39
N LEU A 4 -16.71 -9.15 9.26
CA LEU A 4 -16.83 -9.95 8.00
C LEU A 4 -15.44 -10.38 7.53
N GLY A 5 -14.66 -9.46 7.04
CA GLY A 5 -13.30 -9.83 6.54
C GLY A 5 -12.51 -8.54 6.26
N SER A 6 -12.66 -7.99 5.08
CA SER A 6 -11.91 -6.74 4.74
C SER A 6 -12.72 -5.51 5.16
N PRO A 7 -12.03 -4.51 5.65
CA PRO A 7 -12.71 -3.27 6.09
C PRO A 7 -13.16 -2.44 4.87
N GLU A 8 -14.02 -1.49 5.08
CA GLU A 8 -14.49 -0.65 3.94
C GLU A 8 -13.78 0.70 3.95
N PHE A 9 -13.45 1.20 5.12
CA PHE A 9 -12.75 2.51 5.20
C PHE A 9 -11.26 2.34 4.91
N ALA A 10 -10.59 1.52 5.70
CA ALA A 10 -9.13 1.28 5.49
C ALA A 10 -8.35 2.60 5.57
N LYS A 11 -7.10 2.54 5.94
CA LYS A 11 -6.28 3.78 6.04
C LYS A 11 -4.86 3.53 5.51
N TYR A 12 -4.33 2.36 5.73
CA TYR A 12 -2.96 2.04 5.25
C TYR A 12 -2.88 0.59 4.77
N ALA A 13 -1.80 0.22 4.14
CA ALA A 13 -1.67 -1.19 3.66
C ALA A 13 -0.20 -1.63 3.70
N ARG A 14 0.03 -2.89 4.00
CA ARG A 14 1.43 -3.38 4.06
C ARG A 14 1.68 -4.42 2.95
N ALA A 15 2.51 -4.09 1.99
CA ALA A 15 2.80 -5.05 0.89
C ALA A 15 3.25 -6.40 1.46
N LEU A 16 2.76 -7.47 0.91
CA LEU A 16 3.16 -8.81 1.44
C LEU A 16 4.04 -9.56 0.44
N LYS A 17 4.59 -8.87 -0.53
CA LYS A 17 5.47 -9.56 -1.52
C LYS A 17 6.15 -8.54 -2.44
N ASP A 18 7.27 -8.90 -3.01
CA ASP A 18 7.99 -7.95 -3.92
C ASP A 18 7.20 -7.76 -5.22
N TYR A 19 7.20 -6.58 -5.76
CA TYR A 19 6.45 -6.33 -7.02
C TYR A 19 7.04 -5.13 -7.77
N ASN A 20 7.44 -5.33 -9.00
CA ASN A 20 8.04 -4.21 -9.78
C ASN A 20 7.17 -3.88 -10.99
N VAL A 21 7.16 -2.65 -11.41
CA VAL A 21 6.33 -2.24 -12.58
C VAL A 21 6.84 -0.90 -13.14
N SER A 22 7.34 -0.92 -14.34
CA SER A 22 7.86 0.36 -14.95
C SER A 22 7.04 0.73 -16.18
N ASP A 23 5.91 1.36 -15.99
CA ASP A 23 5.08 1.75 -17.15
C ASP A 23 5.07 3.28 -17.30
N THR A 24 4.62 3.98 -16.29
CA THR A 24 4.58 5.47 -16.35
C THR A 24 4.32 6.04 -14.96
N SER A 25 3.46 5.41 -14.21
CA SER A 25 3.15 5.90 -12.84
C SER A 25 3.04 4.72 -11.89
N LEU A 26 3.95 3.79 -11.97
CA LEU A 26 3.91 2.60 -11.08
C LEU A 26 4.78 2.82 -9.84
N LEU A 27 4.72 1.93 -8.90
CA LEU A 27 5.55 2.08 -7.66
C LEU A 27 6.11 0.71 -7.24
N PRO A 28 7.30 0.42 -7.68
CA PRO A 28 7.95 -0.87 -7.34
C PRO A 28 8.41 -0.87 -5.88
N PHE A 29 7.95 -1.80 -5.09
CA PHE A 29 8.37 -1.85 -3.65
C PHE A 29 8.82 -3.27 -3.29
N LYS A 30 9.24 -3.46 -2.07
CA LYS A 30 9.70 -4.82 -1.65
C LYS A 30 8.72 -5.44 -0.65
N ARG A 31 8.84 -6.72 -0.41
CA ARG A 31 7.91 -7.40 0.55
C ARG A 31 7.87 -6.65 1.88
N ASN A 32 7.02 -7.09 2.78
CA ASN A 32 6.88 -6.42 4.12
C ASN A 32 7.14 -4.92 4.03
N ASP A 33 6.40 -4.23 3.20
CA ASP A 33 6.59 -2.76 3.07
C ASP A 33 5.27 -2.04 3.39
N ILE A 34 5.30 -1.08 4.26
CA ILE A 34 4.04 -0.36 4.62
C ILE A 34 3.76 0.72 3.56
N ILE A 35 2.88 0.44 2.65
CA ILE A 35 2.55 1.44 1.59
C ILE A 35 1.44 2.37 2.08
N THR A 36 1.72 3.65 2.17
CA THR A 36 0.68 4.61 2.64
C THR A 36 -0.52 4.59 1.70
N ILE A 37 -1.55 3.87 2.04
CA ILE A 37 -2.77 3.81 1.18
C ILE A 37 -3.25 5.24 0.87
N THR A 38 -2.93 5.75 -0.27
CA THR A 38 -3.36 7.13 -0.63
C THR A 38 -4.75 7.10 -1.29
N PHE A 39 -5.04 6.09 -2.07
CA PHE A 39 -6.37 6.02 -2.72
C PHE A 39 -6.62 4.61 -3.27
N LYS A 40 -7.37 3.82 -2.56
CA LYS A 40 -7.67 2.44 -3.04
C LYS A 40 -8.51 2.49 -4.32
N ASP A 41 -9.20 1.42 -4.65
CA ASP A 41 -10.03 1.42 -5.88
C ASP A 41 -11.48 1.07 -5.53
N GLN A 42 -12.29 0.82 -6.53
CA GLN A 42 -13.71 0.46 -6.26
C GLN A 42 -14.09 -0.84 -6.99
N GLU A 43 -13.10 -1.56 -7.48
CA GLU A 43 -13.41 -2.84 -8.19
C GLU A 43 -12.59 -3.98 -7.60
N ASN A 44 -11.91 -3.75 -6.51
CA ASN A 44 -11.09 -4.83 -5.87
C ASN A 44 -10.14 -5.46 -6.90
N LYS A 45 -9.08 -4.77 -7.25
CA LYS A 45 -8.12 -5.33 -8.25
C LYS A 45 -6.84 -4.49 -8.26
N TRP A 46 -6.96 -3.19 -8.16
CA TRP A 46 -5.74 -2.32 -8.18
C TRP A 46 -5.78 -1.33 -7.02
N PHE A 47 -4.65 -0.89 -6.56
CA PHE A 47 -4.62 0.09 -5.42
C PHE A 47 -3.66 1.23 -5.72
N MET A 48 -4.05 2.44 -5.42
CA MET A 48 -3.15 3.60 -5.68
C MET A 48 -2.54 4.06 -4.35
N GLY A 49 -1.28 3.79 -4.14
CA GLY A 49 -0.64 4.21 -2.86
C GLY A 49 0.74 4.82 -3.11
N GLN A 50 1.38 5.26 -2.07
CA GLN A 50 2.72 5.88 -2.22
C GLN A 50 3.53 5.67 -0.92
N LEU A 51 4.82 5.47 -1.03
CA LEU A 51 5.65 5.26 0.19
C LEU A 51 7.00 5.98 0.04
N ASN A 52 8.11 5.27 0.02
CA ASN A 52 9.44 5.94 -0.10
C ASN A 52 9.45 6.96 -1.24
N GLY A 53 9.07 8.18 -0.96
CA GLY A 53 9.05 9.26 -2.01
C GLY A 53 8.58 8.69 -3.34
N LYS A 54 7.71 7.73 -3.34
CA LYS A 54 7.24 7.14 -4.62
C LYS A 54 5.74 6.84 -4.59
N GLU A 55 5.05 7.11 -5.66
CA GLU A 55 3.59 6.83 -5.72
C GLU A 55 3.28 6.02 -6.98
N GLY A 56 2.52 4.97 -6.88
CA GLY A 56 2.22 4.16 -8.08
C GLY A 56 0.98 3.30 -7.86
N SER A 57 0.95 2.12 -8.45
CA SER A 57 -0.22 1.23 -8.29
C SER A 57 0.18 -0.21 -8.01
N PHE A 58 -0.70 -0.98 -7.43
CA PHE A 58 -0.40 -2.41 -7.15
C PHE A 58 -1.71 -3.17 -6.87
N PRO A 59 -1.71 -4.44 -7.15
CA PRO A 59 -2.93 -5.26 -6.95
C PRO A 59 -3.24 -5.44 -5.46
N VAL A 60 -4.45 -5.79 -5.14
CA VAL A 60 -4.84 -5.97 -3.70
C VAL A 60 -4.08 -7.16 -3.09
N ASP A 61 -4.11 -8.29 -3.74
CA ASP A 61 -3.40 -9.49 -3.18
C ASP A 61 -1.95 -9.16 -2.84
N HIS A 62 -1.39 -8.17 -3.48
CA HIS A 62 0.03 -7.80 -3.20
C HIS A 62 0.15 -7.04 -1.88
N VAL A 63 -0.89 -6.36 -1.48
CA VAL A 63 -0.82 -5.58 -0.20
C VAL A 63 -2.06 -5.82 0.65
N GLU A 64 -1.88 -5.95 1.94
CA GLU A 64 -3.04 -6.17 2.83
C GLU A 64 -3.51 -4.81 3.37
N ILE A 65 -4.79 -4.63 3.54
CA ILE A 65 -5.28 -3.31 4.03
C ILE A 65 -5.43 -3.31 5.55
N LEU A 66 -4.53 -2.65 6.23
CA LEU A 66 -4.61 -2.57 7.72
C LEU A 66 -5.12 -1.17 8.11
N LEU A 67 -6.24 -1.11 8.78
CA LEU A 67 -6.80 0.22 9.17
C LEU A 67 -5.70 1.11 9.78
N SER A 68 -5.46 1.01 11.06
CA SER A 68 -4.39 1.84 11.68
C SER A 68 -3.46 0.97 12.53
N ASP A 69 -4.00 0.32 13.53
CA ASP A 69 -3.16 -0.56 14.40
C ASP A 69 -2.06 0.27 15.09
N VAL A 70 -1.11 0.73 14.33
CA VAL A 70 0.01 1.55 14.91
C VAL A 70 0.93 2.01 13.78
N PRO A 71 1.40 3.24 13.88
CA PRO A 71 2.30 3.79 12.84
C PRO A 71 3.69 3.14 12.92
N PRO A 72 4.02 2.35 11.94
CA PRO A 72 5.33 1.67 11.91
C PRO A 72 6.40 2.57 11.27
N PRO A 73 7.63 2.31 11.59
CA PRO A 73 8.74 3.11 11.02
C PRO A 73 8.96 2.75 9.55
N GLN A 74 9.97 3.30 8.93
CA GLN A 74 10.23 2.99 7.49
C GLN A 74 11.26 1.86 7.37
N PRO A 75 11.05 0.99 6.41
CA PRO A 75 11.98 -0.14 6.19
C PRO A 75 13.32 0.36 5.63
N VAL A 76 14.38 -0.38 5.85
CA VAL A 76 15.70 0.05 5.33
C VAL A 76 16.65 -1.15 5.23
N HIS A 77 17.09 -1.48 4.04
CA HIS A 77 18.01 -2.64 3.89
C HIS A 77 19.41 -2.15 3.46
N PRO A 78 20.34 -3.08 3.43
CA PRO A 78 21.73 -2.72 3.04
C PRO A 78 21.81 -2.45 1.53
N VAL A 79 22.83 -1.76 1.11
CA VAL A 79 22.97 -1.47 -0.35
C VAL A 79 24.46 -1.41 -0.74
N ALA A 80 24.80 -1.96 -1.87
CA ALA A 80 26.23 -1.94 -2.31
C ALA A 80 26.33 -2.27 -3.80
N MET A 1 -23.96 0.21 4.44
CA MET A 1 -24.00 -1.16 5.03
C MET A 1 -23.86 -2.21 3.93
N GLY A 2 -23.39 -3.38 4.26
CA GLY A 2 -23.23 -4.45 3.24
C GLY A 2 -22.76 -5.74 3.92
N PRO A 3 -22.49 -6.73 3.10
CA PRO A 3 -22.03 -8.05 3.64
C PRO A 3 -20.58 -7.94 4.14
N LEU A 4 -19.81 -7.05 3.57
CA LEU A 4 -18.39 -6.90 4.01
C LEU A 4 -18.31 -5.88 5.15
N GLY A 5 -17.17 -5.79 5.78
CA GLY A 5 -17.01 -4.81 6.90
C GLY A 5 -17.13 -3.39 6.36
N SER A 6 -16.03 -2.75 6.09
CA SER A 6 -16.07 -1.36 5.56
C SER A 6 -16.18 -1.38 4.03
N PRO A 7 -17.06 -0.57 3.51
CA PRO A 7 -17.24 -0.52 2.04
C PRO A 7 -16.12 0.26 1.37
N GLU A 8 -15.91 1.49 1.76
CA GLU A 8 -14.83 2.31 1.13
C GLU A 8 -13.90 2.88 2.21
N PHE A 9 -13.10 2.05 2.82
CA PHE A 9 -12.17 2.54 3.88
C PHE A 9 -10.97 1.60 3.99
N ALA A 10 -9.81 2.05 3.57
CA ALA A 10 -8.60 1.18 3.65
C ALA A 10 -7.57 1.78 4.61
N LYS A 11 -7.60 3.07 4.80
CA LYS A 11 -6.62 3.73 5.72
C LYS A 11 -5.19 3.52 5.22
N TYR A 12 -4.64 2.35 5.43
CA TYR A 12 -3.25 2.07 4.96
C TYR A 12 -3.16 0.65 4.39
N ALA A 13 -1.99 0.24 4.00
CA ALA A 13 -1.85 -1.15 3.43
C ALA A 13 -0.40 -1.60 3.47
N ARG A 14 -0.17 -2.86 3.75
CA ARG A 14 1.23 -3.39 3.78
C ARG A 14 1.52 -4.14 2.48
N ALA A 15 2.77 -4.37 2.18
CA ALA A 15 3.13 -5.09 0.93
C ALA A 15 3.36 -6.57 1.24
N LEU A 16 2.55 -7.42 0.67
CA LEU A 16 2.68 -8.89 0.93
C LEU A 16 3.88 -9.50 0.20
N LYS A 17 4.33 -8.87 -0.86
CA LYS A 17 5.50 -9.44 -1.60
C LYS A 17 6.10 -8.39 -2.55
N ASP A 18 7.40 -8.42 -2.72
CA ASP A 18 8.06 -7.44 -3.63
C ASP A 18 7.38 -7.44 -5.00
N TYR A 19 7.47 -6.35 -5.72
CA TYR A 19 6.82 -6.29 -7.06
C TYR A 19 7.39 -5.12 -7.87
N ASN A 20 7.84 -5.39 -9.08
CA ASN A 20 8.42 -4.30 -9.92
C ASN A 20 7.35 -3.75 -10.87
N VAL A 21 7.65 -2.69 -11.56
CA VAL A 21 6.66 -2.09 -12.50
C VAL A 21 7.37 -1.33 -13.62
N SER A 22 6.80 -1.30 -14.79
CA SER A 22 7.44 -0.57 -15.92
C SER A 22 6.39 0.27 -16.67
N ASP A 23 6.18 1.49 -16.26
CA ASP A 23 5.17 2.34 -16.95
C ASP A 23 5.43 3.82 -16.65
N THR A 24 4.78 4.37 -15.64
CA THR A 24 5.00 5.81 -15.31
C THR A 24 4.41 6.14 -13.94
N SER A 25 3.22 5.68 -13.65
CA SER A 25 2.60 5.96 -12.33
C SER A 25 2.58 4.71 -11.46
N LEU A 26 3.62 3.93 -11.50
CA LEU A 26 3.67 2.69 -10.68
C LEU A 26 4.54 2.89 -9.45
N LEU A 27 4.78 1.85 -8.69
CA LEU A 27 5.62 1.98 -7.48
C LEU A 27 6.29 0.64 -7.17
N PRO A 28 7.57 0.56 -7.44
CA PRO A 28 8.31 -0.68 -7.17
C PRO A 28 8.65 -0.78 -5.68
N PHE A 29 8.22 -1.82 -5.02
CA PHE A 29 8.53 -1.97 -3.57
C PHE A 29 8.89 -3.42 -3.24
N LYS A 30 9.33 -3.67 -2.04
CA LYS A 30 9.71 -5.06 -1.66
C LYS A 30 8.68 -5.64 -0.68
N ARG A 31 8.73 -6.93 -0.45
CA ARG A 31 7.77 -7.58 0.48
C ARG A 31 7.70 -6.82 1.82
N ASN A 32 6.81 -7.24 2.69
CA ASN A 32 6.65 -6.59 4.04
C ASN A 32 6.92 -5.08 3.97
N ASP A 33 6.19 -4.36 3.14
CA ASP A 33 6.43 -2.89 3.05
C ASP A 33 5.13 -2.12 3.35
N ILE A 34 5.18 -1.16 4.23
CA ILE A 34 3.94 -0.38 4.56
C ILE A 34 3.69 0.69 3.48
N ILE A 35 2.71 0.47 2.65
CA ILE A 35 2.39 1.45 1.59
C ILE A 35 1.38 2.49 2.12
N THR A 36 1.73 3.75 2.04
CA THR A 36 0.81 4.80 2.52
C THR A 36 -0.39 4.91 1.57
N ILE A 37 -1.46 4.21 1.86
CA ILE A 37 -2.66 4.27 0.98
C ILE A 37 -3.15 5.72 0.85
N THR A 38 -2.66 6.42 -0.14
CA THR A 38 -3.09 7.84 -0.33
C THR A 38 -4.47 7.89 -0.98
N PHE A 39 -4.86 6.83 -1.65
CA PHE A 39 -6.21 6.82 -2.32
C PHE A 39 -6.52 5.41 -2.84
N LYS A 40 -7.62 4.85 -2.41
CA LYS A 40 -7.98 3.48 -2.89
C LYS A 40 -8.27 3.50 -4.39
N ASP A 41 -8.27 2.36 -5.03
CA ASP A 41 -8.55 2.33 -6.50
C ASP A 41 -9.72 1.37 -6.79
N GLN A 42 -9.43 0.15 -7.14
CA GLN A 42 -10.54 -0.82 -7.40
C GLN A 42 -11.03 -1.43 -6.09
N GLU A 43 -10.38 -1.10 -4.99
CA GLU A 43 -10.81 -1.65 -3.67
C GLU A 43 -10.91 -3.19 -3.75
N ASN A 44 -10.13 -3.79 -4.61
CA ASN A 44 -10.19 -5.28 -4.73
C ASN A 44 -9.11 -5.80 -5.69
N LYS A 45 -8.78 -5.06 -6.72
CA LYS A 45 -7.75 -5.55 -7.68
C LYS A 45 -6.65 -4.51 -7.91
N TRP A 46 -6.77 -3.33 -7.34
CA TRP A 46 -5.71 -2.30 -7.54
C TRP A 46 -5.75 -1.25 -6.43
N PHE A 47 -4.67 -0.55 -6.22
CA PHE A 47 -4.64 0.48 -5.16
C PHE A 47 -3.70 1.63 -5.55
N MET A 48 -3.78 2.73 -4.84
CA MET A 48 -2.89 3.88 -5.14
C MET A 48 -2.23 4.35 -3.84
N GLY A 49 -1.05 3.87 -3.56
CA GLY A 49 -0.38 4.27 -2.28
C GLY A 49 1.05 4.70 -2.56
N GLN A 50 1.79 5.05 -1.53
CA GLN A 50 3.20 5.48 -1.73
C GLN A 50 4.00 5.29 -0.44
N LEU A 51 5.30 5.25 -0.54
CA LEU A 51 6.15 5.09 0.68
C LEU A 51 7.28 6.13 0.66
N ASN A 52 8.52 5.71 0.75
CA ASN A 52 9.64 6.71 0.74
C ASN A 52 9.52 7.64 -0.47
N GLY A 53 8.81 8.73 -0.33
CA GLY A 53 8.64 9.70 -1.45
C GLY A 53 8.33 8.98 -2.76
N LYS A 54 7.73 7.81 -2.70
CA LYS A 54 7.41 7.09 -3.97
C LYS A 54 5.95 6.62 -3.99
N GLU A 55 5.16 7.16 -4.87
CA GLU A 55 3.73 6.76 -4.97
C GLU A 55 3.49 5.98 -6.27
N GLY A 56 2.53 5.11 -6.28
CA GLY A 56 2.25 4.32 -7.52
C GLY A 56 1.02 3.43 -7.33
N SER A 57 0.96 2.35 -8.06
CA SER A 57 -0.22 1.44 -7.94
C SER A 57 0.22 -0.01 -7.69
N PHE A 58 -0.71 -0.84 -7.29
CA PHE A 58 -0.38 -2.28 -7.03
C PHE A 58 -1.68 -3.05 -6.74
N PRO A 59 -1.67 -4.32 -7.09
CA PRO A 59 -2.88 -5.16 -6.87
C PRO A 59 -3.08 -5.47 -5.38
N VAL A 60 -4.27 -5.86 -5.00
CA VAL A 60 -4.53 -6.17 -3.57
C VAL A 60 -3.76 -7.42 -3.14
N ASP A 61 -3.78 -8.45 -3.93
CA ASP A 61 -3.04 -9.69 -3.56
C ASP A 61 -1.59 -9.36 -3.17
N HIS A 62 -1.08 -8.28 -3.70
CA HIS A 62 0.32 -7.87 -3.38
C HIS A 62 0.37 -7.04 -2.09
N VAL A 63 -0.75 -6.58 -1.61
CA VAL A 63 -0.72 -5.75 -0.38
C VAL A 63 -1.96 -6.00 0.50
N GLU A 64 -1.79 -5.92 1.80
CA GLU A 64 -2.94 -6.13 2.72
C GLU A 64 -3.54 -4.77 3.06
N ILE A 65 -4.68 -4.75 3.72
CA ILE A 65 -5.31 -3.44 4.06
C ILE A 65 -5.44 -3.28 5.57
N LEU A 66 -4.74 -2.33 6.13
CA LEU A 66 -4.82 -2.10 7.61
C LEU A 66 -5.92 -1.08 7.91
N LEU A 67 -6.96 -1.50 8.57
CA LEU A 67 -8.07 -0.56 8.90
C LEU A 67 -7.68 0.35 10.06
N SER A 68 -6.86 -0.13 10.96
CA SER A 68 -6.46 0.72 12.12
C SER A 68 -5.26 1.58 11.76
N ASP A 69 -4.17 0.97 11.37
CA ASP A 69 -2.95 1.76 10.99
C ASP A 69 -1.82 0.80 10.58
N VAL A 70 -0.99 0.38 11.50
CA VAL A 70 0.13 -0.55 11.15
C VAL A 70 0.91 -0.94 12.42
N PRO A 71 0.83 -2.19 12.79
CA PRO A 71 1.55 -2.67 13.99
C PRO A 71 3.09 -2.76 13.81
N PRO A 72 3.56 -3.08 12.64
CA PRO A 72 5.03 -3.18 12.41
C PRO A 72 5.65 -1.79 12.34
N PRO A 73 6.95 -1.74 12.56
CA PRO A 73 7.68 -0.44 12.51
C PRO A 73 7.85 0.01 11.06
N GLN A 74 7.31 1.15 10.71
CA GLN A 74 7.45 1.64 9.31
C GLN A 74 8.92 1.84 8.95
N PRO A 75 9.42 1.04 8.04
CA PRO A 75 10.84 1.14 7.63
C PRO A 75 11.05 2.39 6.76
N VAL A 76 12.24 2.93 6.76
CA VAL A 76 12.51 4.15 5.93
C VAL A 76 14.00 4.26 5.64
N HIS A 77 14.38 4.11 4.39
CA HIS A 77 15.82 4.21 4.01
C HIS A 77 16.65 3.16 4.76
N PRO A 78 17.69 2.68 4.11
CA PRO A 78 18.57 1.66 4.73
C PRO A 78 19.47 2.31 5.80
N VAL A 79 19.65 1.64 6.91
CA VAL A 79 20.52 2.22 7.99
C VAL A 79 21.98 1.84 7.74
N ALA A 80 22.77 2.78 7.34
CA ALA A 80 24.22 2.48 7.08
C ALA A 80 25.07 2.97 8.24
#